data_2J2M
#
_entry.id   2J2M
#
_cell.length_a   94.267
_cell.length_b   131.935
_cell.length_c   110.642
_cell.angle_alpha   90.00
_cell.angle_beta   107.61
_cell.angle_gamma   90.00
#
_symmetry.space_group_name_H-M   'P 1 21 1'
#
loop_
_entity.id
_entity.type
_entity.pdbx_description
1 polymer CATALASE
2 non-polymer 'PROTOPORPHYRIN IX CONTAINING FE'
3 water water
#
_entity_poly.entity_id   1
_entity_poly.type   'polypeptide(L)'
_entity_poly.pdbx_seq_one_letter_code
;MNENEKKLTTNQGVPIGDNQNSRTAGRRGPTLLEDYQLIEKIAHFDRERVPERVVHARGFGAHGVFKVKNSMKKYTKAAF
LQEEGTEVPVFARFSTVIHGTHSPETLRDPRGFSVKFYTEEGNWDFVGNNLPVFFIRDAMKFPDMVHSLKPDPRTNIQDP
DRYWDFMTLRPESTNMLMHIFTDEGIPASYRKMRGSSVHSFKWVNAHGNTVYIKLRWVPKEGVHNLSADEATEVQGKDFN
HASNDTFQAIENGDFPEWDLFVQVLDPADVENFDFDPLDATKDWFEDVIPFQHVGTMTLNKNVDNYFAETESVGFNPGVL
VPGMLPSEDKLLQGRLFSYSDTQRHRIGPNYQQLPINCPFAQVNNYQRDGAMPFKQQTSSVNYEPNRYQDEPKQTPEYTE
DTQPLHDDIHGRLEIEKTNNFGQAGEVYRRMTEEEQMALLNNLVNDLQQVRHENTVLLAICNFYRADASLGEKLSEALNV
DIKPFLQQMQK
;
_entity_poly.pdbx_strand_id   A,B,C,D
#
# COMPACT_ATOMS: atom_id res chain seq x y z
N LYS A 6 -15.73 22.69 22.58
CA LYS A 6 -14.91 21.60 21.96
C LYS A 6 -13.67 22.18 21.28
N LYS A 7 -12.50 21.83 21.80
CA LYS A 7 -11.20 22.30 21.25
C LYS A 7 -10.75 21.51 20.01
N LEU A 8 -10.47 22.25 18.93
CA LEU A 8 -9.77 21.74 17.76
C LEU A 8 -8.35 21.31 18.13
N THR A 9 -7.96 20.09 17.72
CA THR A 9 -6.66 19.51 18.08
C THR A 9 -5.98 18.98 16.83
N THR A 10 -4.68 18.73 16.92
CA THR A 10 -3.94 17.88 15.96
C THR A 10 -4.23 16.39 16.26
N ASN A 11 -3.74 15.49 15.42
CA ASN A 11 -3.99 14.06 15.64
C ASN A 11 -3.22 13.60 16.90
N GLN A 12 -2.41 14.52 17.44
CA GLN A 12 -1.58 14.30 18.60
C GLN A 12 -2.31 14.78 19.86
N GLY A 13 -3.52 15.30 19.69
CA GLY A 13 -4.29 15.87 20.80
C GLY A 13 -3.77 17.18 21.38
N VAL A 14 -2.87 17.85 20.64
CA VAL A 14 -2.39 19.18 21.02
C VAL A 14 -3.40 20.18 20.50
N PRO A 15 -3.91 21.07 21.39
CA PRO A 15 -4.85 22.10 20.96
C PRO A 15 -4.28 23.06 19.91
N ILE A 16 -5.06 23.32 18.87
CA ILE A 16 -4.69 24.27 17.83
C ILE A 16 -5.12 25.70 18.20
N GLY A 17 -4.18 26.63 18.12
CA GLY A 17 -4.44 28.04 18.41
C GLY A 17 -4.86 28.84 17.19
N ASP A 18 -4.25 28.54 16.04
CA ASP A 18 -4.51 29.28 14.83
C ASP A 18 -4.67 28.28 13.69
N ASN A 19 -5.90 28.06 13.27
CA ASN A 19 -6.21 27.15 12.18
C ASN A 19 -6.34 27.86 10.82
N GLN A 20 -5.79 29.07 10.72
CA GLN A 20 -5.96 29.91 9.52
C GLN A 20 -4.65 30.31 8.82
N ASN A 21 -3.54 30.30 9.56
CA ASN A 21 -2.27 30.77 9.04
C ASN A 21 -1.15 29.74 9.16
N SER A 22 -0.42 29.52 8.07
CA SER A 22 0.79 28.72 8.14
C SER A 22 1.88 29.47 8.93
N ARG A 23 2.84 28.73 9.47
CA ARG A 23 4.00 29.34 10.08
C ARG A 23 5.01 29.69 8.98
N THR A 24 5.32 30.98 8.85
CA THR A 24 6.16 31.45 7.76
C THR A 24 7.38 32.23 8.26
N ALA A 25 8.39 32.32 7.40
CA ALA A 25 9.64 33.00 7.76
C ALA A 25 9.46 34.50 7.58
N GLY A 26 8.61 35.09 8.42
CA GLY A 26 8.18 36.47 8.27
C GLY A 26 6.75 36.50 7.76
N ARG A 27 6.11 37.65 7.93
CA ARG A 27 4.72 37.83 7.52
C ARG A 27 4.54 37.52 6.03
N ARG A 28 5.54 37.84 5.21
CA ARG A 28 5.42 37.63 3.77
C ARG A 28 6.55 36.76 3.25
N GLY A 29 7.08 35.90 4.11
CA GLY A 29 8.16 35.00 3.74
C GLY A 29 7.73 33.55 3.56
N PRO A 30 8.65 32.71 3.10
CA PRO A 30 8.26 31.33 2.82
C PRO A 30 7.89 30.48 4.07
N THR A 31 7.13 29.42 3.81
CA THR A 31 6.60 28.53 4.82
C THR A 31 7.69 27.64 5.43
N LEU A 32 7.53 27.34 6.72
CA LEU A 32 8.53 26.58 7.45
C LEU A 32 8.26 25.08 7.44
N LEU A 33 9.32 24.31 7.24
CA LEU A 33 9.24 22.85 7.36
C LEU A 33 8.75 22.44 8.74
N GLU A 34 9.01 23.28 9.76
CA GLU A 34 8.64 22.94 11.13
C GLU A 34 7.16 23.13 11.47
N ASP A 35 6.35 23.58 10.51
CA ASP A 35 4.90 23.69 10.75
C ASP A 35 4.25 22.30 10.83
N TYR A 36 4.43 21.62 11.96
CA TYR A 36 3.87 20.28 12.15
C TYR A 36 2.36 20.28 11.90
N GLN A 37 1.67 21.31 12.40
CA GLN A 37 0.22 21.37 12.31
C GLN A 37 -0.27 21.38 10.85
N LEU A 38 0.37 22.20 10.02
CA LEU A 38 0.05 22.26 8.59
C LEU A 38 0.35 20.92 7.89
N ILE A 39 1.57 20.41 8.07
CA ILE A 39 2.00 19.21 7.37
C ILE A 39 1.17 17.99 7.78
N GLU A 40 0.85 17.87 9.07
CA GLU A 40 -0.05 16.80 9.51
C GLU A 40 -1.40 16.90 8.83
N LYS A 41 -1.92 18.12 8.73
CA LYS A 41 -3.23 18.39 8.12
C LYS A 41 -3.21 18.12 6.61
N ILE A 42 -2.24 18.71 5.91
CA ILE A 42 -2.06 18.49 4.48
C ILE A 42 -1.69 17.04 4.15
N ALA A 43 -0.78 16.45 4.93
CA ALA A 43 -0.38 15.05 4.68
C ALA A 43 -1.55 14.08 4.81
N HIS A 44 -2.46 14.30 5.77
CA HIS A 44 -3.62 13.40 5.86
C HIS A 44 -4.59 13.61 4.70
N PHE A 45 -4.85 14.88 4.38
CA PHE A 45 -5.65 15.27 3.21
C PHE A 45 -5.17 14.56 1.96
N ASP A 46 -3.84 14.57 1.76
CA ASP A 46 -3.16 13.93 0.62
C ASP A 46 -3.40 12.42 0.53
N ARG A 47 -3.85 11.84 1.65
CA ARG A 47 -3.98 10.39 1.81
C ARG A 47 -5.42 9.91 1.99
N GLU A 48 -6.39 10.79 1.76
CA GLU A 48 -7.78 10.50 2.03
C GLU A 48 -8.34 9.42 1.17
N ARG A 49 -7.90 9.38 -0.10
CA ARG A 49 -8.43 8.44 -1.11
C ARG A 49 -7.86 7.02 -1.08
N VAL A 50 -8.73 6.08 -1.38
CA VAL A 50 -8.42 4.67 -1.51
C VAL A 50 -8.97 4.27 -2.88
N PRO A 51 -8.56 3.10 -3.42
CA PRO A 51 -9.10 2.64 -4.71
C PRO A 51 -10.62 2.47 -4.66
N GLU A 52 -11.32 2.84 -5.74
CA GLU A 52 -12.73 2.55 -5.89
C GLU A 52 -12.87 1.05 -6.22
N ARG A 53 -14.08 0.51 -6.10
CA ARG A 53 -14.36 -0.87 -6.44
C ARG A 53 -14.01 -1.09 -7.91
N VAL A 54 -13.41 -2.25 -8.22
CA VAL A 54 -13.04 -2.56 -9.61
C VAL A 54 -14.26 -2.46 -10.51
N VAL A 55 -15.39 -2.99 -10.03
CA VAL A 55 -16.71 -2.76 -10.67
C VAL A 55 -17.66 -2.38 -9.55
N HIS A 56 -18.79 -1.78 -9.92
CA HIS A 56 -19.81 -1.37 -8.96
C HIS A 56 -19.32 -0.28 -8.03
N ALA A 57 -18.43 0.56 -8.54
CA ALA A 57 -17.86 1.68 -7.76
C ALA A 57 -18.91 2.70 -7.37
N ARG A 58 -19.85 2.96 -8.26
CA ARG A 58 -20.95 3.91 -7.96
C ARG A 58 -22.06 3.21 -7.17
N GLY A 59 -22.34 3.69 -5.97
CA GLY A 59 -23.32 3.05 -5.11
C GLY A 59 -23.85 3.82 -3.90
N PHE A 60 -24.81 3.19 -3.21
CA PHE A 60 -25.54 3.78 -2.11
C PHE A 60 -25.83 2.72 -1.05
N GLY A 61 -25.49 3.03 0.19
CA GLY A 61 -25.68 2.10 1.30
C GLY A 61 -26.53 2.61 2.43
N ALA A 62 -27.30 1.69 3.03
CA ALA A 62 -28.11 2.01 4.22
C ALA A 62 -28.24 0.85 5.18
N HIS A 63 -28.53 1.19 6.43
CA HIS A 63 -28.78 0.21 7.50
C HIS A 63 -30.25 -0.13 7.59
N GLY A 64 -30.52 -1.35 8.05
CA GLY A 64 -31.85 -1.76 8.41
C GLY A 64 -31.88 -3.07 9.16
N VAL A 65 -33.00 -3.78 9.02
CA VAL A 65 -33.24 -4.98 9.78
C VAL A 65 -33.85 -6.00 8.82
N PHE A 66 -33.50 -7.27 8.97
CA PHE A 66 -34.23 -8.32 8.27
C PHE A 66 -35.09 -9.10 9.26
N LYS A 67 -36.34 -9.38 8.87
CA LYS A 67 -37.28 -10.06 9.75
C LYS A 67 -37.84 -11.32 9.13
N VAL A 68 -37.53 -12.46 9.76
CA VAL A 68 -38.00 -13.72 9.24
C VAL A 68 -39.48 -13.97 9.55
N LYS A 69 -40.22 -14.30 8.48
CA LYS A 69 -41.63 -14.55 8.57
C LYS A 69 -41.91 -16.07 8.64
N ASN A 70 -41.27 -16.84 7.77
CA ASN A 70 -41.41 -18.29 7.71
C ASN A 70 -40.10 -18.98 8.00
N SER A 71 -40.14 -19.84 9.02
CA SER A 71 -39.10 -20.81 9.30
C SER A 71 -38.65 -21.56 8.05
N MET A 72 -37.35 -21.80 7.95
CA MET A 72 -36.73 -22.41 6.77
C MET A 72 -35.97 -23.68 7.21
N LYS A 73 -36.28 -24.15 8.42
CA LYS A 73 -35.59 -25.28 9.00
C LYS A 73 -35.68 -26.57 8.17
N LYS A 74 -36.77 -26.72 7.42
CA LYS A 74 -36.94 -27.78 6.41
C LYS A 74 -35.73 -27.85 5.46
N TYR A 75 -35.23 -26.68 5.09
CA TYR A 75 -34.18 -26.52 4.07
C TYR A 75 -32.78 -26.14 4.60
N THR A 76 -32.72 -25.39 5.69
CA THR A 76 -31.44 -24.97 6.21
C THR A 76 -31.44 -24.92 7.72
N LYS A 77 -30.27 -25.19 8.27
CA LYS A 77 -30.03 -25.12 9.69
C LYS A 77 -29.36 -23.79 10.03
N ALA A 78 -29.45 -22.82 9.11
CA ALA A 78 -28.97 -21.47 9.39
C ALA A 78 -29.68 -20.95 10.62
N ALA A 79 -28.90 -20.58 11.64
CA ALA A 79 -29.42 -20.13 12.94
C ALA A 79 -30.48 -19.04 12.86
N PHE A 80 -30.24 -18.00 12.07
CA PHE A 80 -31.18 -16.89 12.02
C PHE A 80 -32.52 -17.24 11.37
N LEU A 81 -32.56 -18.34 10.62
CA LEU A 81 -33.74 -18.70 9.85
C LEU A 81 -34.60 -19.79 10.48
N GLN A 82 -34.28 -20.17 11.72
CA GLN A 82 -35.02 -21.23 12.44
C GLN A 82 -36.45 -20.83 12.89
N GLU A 83 -36.61 -19.60 13.38
CA GLU A 83 -37.85 -19.21 14.07
C GLU A 83 -38.43 -17.94 13.47
N GLU A 84 -39.72 -17.96 13.16
CA GLU A 84 -40.34 -16.74 12.63
C GLU A 84 -40.24 -15.65 13.68
N GLY A 85 -40.10 -14.42 13.23
CA GLY A 85 -40.04 -13.30 14.15
C GLY A 85 -38.63 -12.86 14.49
N THR A 86 -37.61 -13.67 14.17
CA THR A 86 -36.26 -13.23 14.48
C THR A 86 -35.83 -12.06 13.56
N GLU A 87 -35.14 -11.08 14.15
CA GLU A 87 -34.69 -9.90 13.43
C GLU A 87 -33.16 -9.87 13.42
N VAL A 88 -32.60 -9.58 12.26
CA VAL A 88 -31.16 -9.49 12.14
C VAL A 88 -30.77 -8.14 11.56
N PRO A 89 -29.77 -7.48 12.20
CA PRO A 89 -29.33 -6.21 11.61
C PRO A 89 -28.71 -6.52 10.24
N VAL A 90 -28.99 -5.65 9.26
CA VAL A 90 -28.38 -5.70 7.95
C VAL A 90 -27.82 -4.32 7.55
N PHE A 91 -26.79 -4.36 6.72
CA PHE A 91 -26.34 -3.18 5.98
C PHE A 91 -26.43 -3.53 4.48
N ALA A 92 -27.03 -2.63 3.70
CA ALA A 92 -27.23 -2.88 2.28
C ALA A 92 -26.51 -1.85 1.43
N ARG A 93 -26.10 -2.27 0.24
CA ARG A 93 -25.47 -1.38 -0.74
C ARG A 93 -26.00 -1.72 -2.12
N PHE A 94 -26.49 -0.71 -2.81
CA PHE A 94 -26.99 -0.82 -4.16
C PHE A 94 -26.04 -0.03 -5.02
N SER A 95 -25.94 -0.38 -6.30
CA SER A 95 -24.83 0.12 -7.12
C SER A 95 -25.12 -0.02 -8.59
N THR A 96 -24.40 0.72 -9.43
CA THR A 96 -24.33 0.40 -10.85
C THR A 96 -23.11 -0.49 -11.02
N VAL A 97 -22.65 -0.73 -12.25
CA VAL A 97 -21.54 -1.67 -12.49
C VAL A 97 -20.30 -1.04 -13.13
N ILE A 98 -20.45 -0.55 -14.35
CA ILE A 98 -19.30 -0.34 -15.20
C ILE A 98 -18.54 0.94 -14.85
N HIS A 99 -19.26 2.07 -14.72
CA HIS A 99 -18.60 3.34 -14.54
C HIS A 99 -18.21 3.66 -13.08
N GLY A 100 -17.49 4.75 -12.87
CA GLY A 100 -16.81 5.00 -11.60
C GLY A 100 -17.60 5.79 -10.56
N THR A 101 -16.89 6.20 -9.51
CA THR A 101 -17.47 6.98 -8.43
C THR A 101 -17.93 8.25 -9.12
N HIS A 102 -19.12 8.72 -8.77
CA HIS A 102 -19.68 9.96 -9.33
C HIS A 102 -20.16 9.88 -10.79
N SER A 103 -20.20 8.67 -11.31
CA SER A 103 -20.81 8.37 -12.57
C SER A 103 -22.35 8.54 -12.47
N PRO A 104 -23.01 8.96 -13.56
CA PRO A 104 -24.45 9.14 -13.39
C PRO A 104 -25.16 7.84 -13.01
N GLU A 105 -26.24 7.96 -12.24
CA GLU A 105 -27.05 6.79 -11.90
C GLU A 105 -28.15 6.50 -12.95
N THR A 106 -28.04 7.16 -14.11
CA THR A 106 -29.04 7.02 -15.16
C THR A 106 -28.54 6.16 -16.30
N LEU A 107 -27.38 5.54 -16.15
CA LEU A 107 -26.84 4.67 -17.20
C LEU A 107 -27.44 3.28 -17.16
N ARG A 108 -27.49 2.66 -18.34
CA ARG A 108 -27.84 1.28 -18.51
C ARG A 108 -26.77 0.35 -17.91
N ASP A 109 -27.19 -0.52 -17.00
CA ASP A 109 -26.27 -1.44 -16.30
C ASP A 109 -27.12 -2.33 -15.46
N PRO A 110 -26.63 -3.55 -15.16
CA PRO A 110 -27.32 -4.27 -14.10
C PRO A 110 -27.20 -3.37 -12.88
N ARG A 111 -28.05 -3.57 -11.88
CA ARG A 111 -27.91 -2.84 -10.63
C ARG A 111 -27.56 -3.82 -9.52
N GLY A 112 -26.43 -3.57 -8.85
CA GLY A 112 -26.00 -4.37 -7.70
C GLY A 112 -26.97 -4.26 -6.53
N PHE A 113 -27.16 -5.39 -5.83
CA PHE A 113 -28.06 -5.55 -4.70
C PHE A 113 -27.36 -6.39 -3.60
N SER A 114 -26.70 -5.70 -2.67
CA SER A 114 -25.86 -6.37 -1.69
C SER A 114 -26.40 -6.16 -0.26
N VAL A 115 -26.48 -7.26 0.50
CA VAL A 115 -26.98 -7.24 1.88
C VAL A 115 -26.10 -8.08 2.81
N LYS A 116 -25.49 -7.41 3.79
CA LYS A 116 -24.70 -8.04 4.85
C LYS A 116 -25.59 -8.27 6.08
N PHE A 117 -25.69 -9.53 6.50
CA PHE A 117 -26.53 -9.96 7.63
C PHE A 117 -25.59 -10.25 8.76
N TYR A 118 -25.73 -9.50 9.85
CA TYR A 118 -24.87 -9.69 11.01
C TYR A 118 -25.59 -10.64 11.91
N THR A 119 -25.35 -11.92 11.65
CA THR A 119 -26.02 -13.06 12.30
C THR A 119 -25.35 -13.53 13.61
N GLU A 120 -26.10 -14.22 14.46
CA GLU A 120 -25.53 -14.84 15.69
C GLU A 120 -24.42 -15.90 15.43
N GLU A 121 -24.43 -16.52 14.25
CA GLU A 121 -23.39 -17.48 13.82
C GLU A 121 -22.48 -16.94 12.71
N GLY A 122 -22.25 -15.62 12.70
CA GLY A 122 -21.41 -15.00 11.66
C GLY A 122 -22.13 -14.12 10.63
N ASN A 123 -21.33 -13.47 9.78
CA ASN A 123 -21.88 -12.68 8.68
C ASN A 123 -22.21 -13.56 7.46
N TRP A 124 -23.39 -13.31 6.88
CA TRP A 124 -23.76 -13.82 5.58
C TRP A 124 -23.91 -12.68 4.62
N ASP A 125 -23.20 -12.73 3.50
CA ASP A 125 -23.41 -11.70 2.49
C ASP A 125 -24.28 -12.22 1.38
N PHE A 126 -25.42 -11.55 1.14
CA PHE A 126 -26.13 -11.67 -0.14
C PHE A 126 -25.53 -10.64 -1.12
N VAL A 127 -25.05 -11.11 -2.27
CA VAL A 127 -24.44 -10.20 -3.25
C VAL A 127 -25.01 -10.57 -4.62
N GLY A 128 -26.09 -9.90 -5.00
CA GLY A 128 -26.76 -10.17 -6.26
C GLY A 128 -26.91 -8.92 -7.13
N ASN A 129 -27.66 -9.06 -8.23
CA ASN A 129 -28.04 -7.98 -9.13
C ASN A 129 -29.57 -7.97 -9.25
N ASN A 130 -30.16 -6.89 -9.79
CA ASN A 130 -31.60 -6.89 -10.04
C ASN A 130 -31.99 -7.96 -11.05
N LEU A 131 -31.19 -8.03 -12.12
CA LEU A 131 -31.44 -8.90 -13.24
C LEU A 131 -31.08 -10.34 -12.86
N PRO A 132 -31.94 -11.29 -13.24
CA PRO A 132 -31.91 -12.66 -12.73
C PRO A 132 -30.87 -13.59 -13.40
N VAL A 133 -30.21 -13.11 -14.46
CA VAL A 133 -29.17 -13.88 -15.14
C VAL A 133 -27.89 -13.07 -15.34
N PHE A 134 -26.84 -13.72 -15.86
CA PHE A 134 -25.59 -13.04 -16.21
C PHE A 134 -25.14 -13.27 -17.66
N PHE A 135 -24.18 -12.46 -18.11
CA PHE A 135 -23.70 -12.52 -19.49
C PHE A 135 -22.90 -13.79 -19.78
N ILE A 136 -22.26 -14.34 -18.74
CA ILE A 136 -21.23 -15.39 -18.86
C ILE A 136 -21.45 -16.45 -17.77
N ARG A 137 -20.82 -17.60 -17.91
CA ARG A 137 -21.07 -18.69 -16.96
C ARG A 137 -19.81 -19.27 -16.29
N ASP A 138 -18.66 -18.63 -16.52
CA ASP A 138 -17.39 -19.06 -15.93
C ASP A 138 -16.56 -17.80 -15.60
N ALA A 139 -15.95 -17.81 -14.41
CA ALA A 139 -15.22 -16.67 -13.88
C ALA A 139 -14.02 -16.32 -14.77
N MET A 140 -13.53 -17.31 -15.51
CA MET A 140 -12.40 -17.15 -16.46
C MET A 140 -12.62 -16.01 -17.43
N LYS A 141 -13.89 -15.71 -17.74
CA LYS A 141 -14.21 -14.70 -18.75
C LYS A 141 -14.50 -13.33 -18.19
N PHE A 142 -14.61 -13.21 -16.87
CA PHE A 142 -15.12 -11.98 -16.23
C PHE A 142 -14.24 -10.74 -16.49
N PRO A 143 -12.90 -10.87 -16.31
CA PRO A 143 -12.05 -9.71 -16.66
C PRO A 143 -12.23 -9.27 -18.11
N ASP A 144 -12.29 -10.21 -19.06
CA ASP A 144 -12.55 -9.91 -20.46
C ASP A 144 -13.87 -9.16 -20.67
N MET A 145 -14.94 -9.69 -20.09
CA MET A 145 -16.26 -9.10 -20.26
C MET A 145 -16.23 -7.64 -19.77
N VAL A 146 -15.76 -7.45 -18.54
CA VAL A 146 -15.62 -6.14 -17.90
C VAL A 146 -14.74 -5.20 -18.71
N HIS A 147 -13.58 -5.68 -19.16
CA HIS A 147 -12.68 -4.88 -20.01
C HIS A 147 -13.35 -4.43 -21.26
N SER A 148 -14.19 -5.31 -21.84
CA SER A 148 -14.95 -4.96 -23.04
C SER A 148 -16.05 -3.91 -22.80
N LEU A 149 -16.62 -3.92 -21.62
CA LEU A 149 -17.75 -3.05 -21.30
C LEU A 149 -17.23 -1.73 -20.75
N LYS A 150 -16.08 -1.78 -20.07
CA LYS A 150 -15.45 -0.59 -19.51
C LYS A 150 -15.11 0.42 -20.59
N PRO A 151 -15.04 1.72 -20.21
CA PRO A 151 -14.54 2.70 -21.16
C PRO A 151 -13.35 2.18 -21.94
N ASP A 152 -13.36 2.47 -23.23
CA ASP A 152 -12.19 2.27 -24.10
C ASP A 152 -10.94 2.82 -23.41
N PRO A 153 -9.87 2.00 -23.30
CA PRO A 153 -8.66 2.31 -22.52
C PRO A 153 -7.79 3.45 -23.08
N ARG A 154 -8.12 3.88 -24.29
CA ARG A 154 -7.49 5.03 -24.94
C ARG A 154 -8.38 6.27 -24.83
N THR A 155 -9.65 6.12 -25.22
CA THR A 155 -10.57 7.26 -25.21
C THR A 155 -11.21 7.56 -23.83
N ASN A 156 -11.21 6.57 -22.95
CA ASN A 156 -11.92 6.68 -21.65
C ASN A 156 -13.44 6.84 -21.80
N ILE A 157 -13.99 6.27 -22.87
CA ILE A 157 -15.42 6.40 -23.15
C ILE A 157 -15.93 5.02 -23.52
N GLN A 158 -17.07 4.63 -22.96
CA GLN A 158 -17.64 3.31 -23.24
C GLN A 158 -17.99 3.21 -24.72
N ASP A 159 -17.65 2.10 -25.36
CA ASP A 159 -17.90 1.99 -26.79
C ASP A 159 -18.55 0.64 -27.08
N PRO A 160 -19.81 0.67 -27.54
CA PRO A 160 -20.56 -0.53 -27.89
C PRO A 160 -19.87 -1.38 -28.93
N ASP A 161 -19.10 -0.76 -29.82
CA ASP A 161 -18.33 -1.52 -30.79
C ASP A 161 -17.44 -2.53 -30.09
N ARG A 162 -16.94 -2.17 -28.90
CA ARG A 162 -16.05 -3.02 -28.13
C ARG A 162 -16.79 -4.15 -27.36
N TYR A 163 -17.85 -3.81 -26.63
CA TYR A 163 -18.61 -4.81 -25.87
C TYR A 163 -19.50 -5.75 -26.69
N TRP A 164 -20.11 -5.23 -27.75
CA TRP A 164 -20.83 -6.09 -28.71
C TRP A 164 -19.91 -7.10 -29.40
N ASP A 165 -18.63 -6.74 -29.61
CA ASP A 165 -17.59 -7.66 -30.07
C ASP A 165 -17.48 -8.87 -29.12
N PHE A 166 -17.09 -8.61 -27.88
CA PHE A 166 -17.02 -9.64 -26.85
C PHE A 166 -18.31 -10.46 -26.76
N MET A 167 -19.44 -9.77 -26.65
CA MET A 167 -20.75 -10.42 -26.42
C MET A 167 -21.21 -11.34 -27.56
N THR A 168 -21.09 -10.87 -28.80
CA THR A 168 -21.47 -11.69 -29.98
C THR A 168 -20.65 -12.95 -30.07
N LEU A 169 -19.37 -12.83 -29.68
CA LEU A 169 -18.43 -13.95 -29.74
C LEU A 169 -18.51 -14.85 -28.52
N ARG A 170 -19.25 -14.40 -27.50
CA ARG A 170 -19.60 -15.21 -26.33
C ARG A 170 -21.11 -15.33 -26.26
N PRO A 171 -21.69 -16.15 -27.18
CA PRO A 171 -23.15 -16.14 -27.42
C PRO A 171 -24.02 -16.58 -26.26
N GLU A 172 -23.45 -17.19 -25.23
CA GLU A 172 -24.21 -17.40 -23.95
C GLU A 172 -24.75 -16.09 -23.34
N SER A 173 -24.21 -14.97 -23.77
CA SER A 173 -24.62 -13.65 -23.29
C SER A 173 -26.00 -13.20 -23.81
N THR A 174 -26.57 -13.96 -24.74
CA THR A 174 -27.82 -13.60 -25.40
C THR A 174 -28.94 -13.34 -24.38
N ASN A 175 -29.23 -14.33 -23.53
CA ASN A 175 -30.23 -14.18 -22.47
C ASN A 175 -30.12 -12.90 -21.62
N MET A 176 -28.91 -12.57 -21.15
CA MET A 176 -28.67 -11.34 -20.39
C MET A 176 -28.97 -10.09 -21.25
N LEU A 177 -28.49 -10.13 -22.49
CA LEU A 177 -28.80 -9.08 -23.43
C LEU A 177 -30.31 -8.86 -23.51
N MET A 178 -31.11 -9.93 -23.54
CA MET A 178 -32.58 -9.81 -23.55
C MET A 178 -33.14 -9.02 -22.37
N HIS A 179 -32.51 -9.12 -21.21
CA HIS A 179 -32.97 -8.43 -19.99
C HIS A 179 -32.49 -6.97 -19.89
N ILE A 180 -31.22 -6.78 -20.22
CA ILE A 180 -30.50 -5.54 -19.98
C ILE A 180 -30.96 -4.45 -20.94
N PHE A 181 -31.38 -4.86 -22.14
CA PHE A 181 -31.87 -3.90 -23.13
C PHE A 181 -33.39 -3.71 -23.14
N THR A 182 -34.10 -4.31 -22.18
CA THR A 182 -35.43 -3.82 -21.84
C THR A 182 -35.23 -2.50 -21.06
N ASP A 183 -36.30 -1.86 -20.64
CA ASP A 183 -36.16 -0.66 -19.79
C ASP A 183 -35.71 -1.04 -18.36
N GLU A 184 -35.75 -2.34 -18.03
CA GLU A 184 -35.22 -2.80 -16.73
C GLU A 184 -33.71 -2.62 -16.61
N GLY A 185 -33.08 -2.28 -17.74
CA GLY A 185 -31.69 -1.86 -17.75
C GLY A 185 -31.44 -0.52 -17.07
N ILE A 186 -32.46 0.32 -16.94
CA ILE A 186 -32.34 1.56 -16.17
C ILE A 186 -33.45 1.68 -15.11
N PRO A 187 -33.28 1.06 -13.92
CA PRO A 187 -34.23 1.30 -12.84
C PRO A 187 -34.40 2.79 -12.52
N ALA A 188 -35.58 3.19 -12.08
CA ALA A 188 -35.87 4.57 -11.71
C ALA A 188 -35.21 4.95 -10.38
N SER A 189 -35.08 3.95 -9.52
CA SER A 189 -34.16 4.03 -8.41
C SER A 189 -33.90 2.68 -7.74
N TYR A 190 -32.93 2.74 -6.83
CA TYR A 190 -32.56 1.62 -5.99
C TYR A 190 -33.73 0.99 -5.23
N ARG A 191 -34.69 1.82 -4.80
CA ARG A 191 -35.81 1.33 -3.99
C ARG A 191 -36.93 0.77 -4.88
N LYS A 192 -36.81 1.03 -6.18
CA LYS A 192 -37.82 0.55 -7.13
C LYS A 192 -37.28 -0.52 -8.08
N MET A 193 -36.51 -1.44 -7.51
CA MET A 193 -35.93 -2.54 -8.27
C MET A 193 -35.93 -3.82 -7.44
N ARG A 194 -35.82 -4.93 -8.14
CA ARG A 194 -35.79 -6.24 -7.51
C ARG A 194 -34.35 -6.68 -7.25
N GLY A 195 -34.19 -7.85 -6.62
CA GLY A 195 -32.89 -8.46 -6.39
C GLY A 195 -32.92 -9.93 -6.76
N SER A 196 -31.75 -10.47 -7.14
CA SER A 196 -31.64 -11.84 -7.60
C SER A 196 -30.29 -12.43 -7.20
N SER A 197 -30.28 -13.63 -6.61
CA SER A 197 -28.99 -14.28 -6.32
C SER A 197 -28.26 -14.59 -7.61
N VAL A 198 -29.04 -14.74 -8.69
CA VAL A 198 -28.56 -15.17 -10.00
C VAL A 198 -28.07 -16.64 -10.00
N HIS A 199 -27.10 -16.96 -9.13
CA HIS A 199 -26.63 -18.33 -8.92
C HIS A 199 -27.55 -19.13 -8.01
N SER A 200 -27.51 -20.46 -8.16
CA SER A 200 -28.00 -21.36 -7.15
C SER A 200 -26.94 -21.41 -6.07
N PHE A 201 -27.39 -21.59 -4.84
CA PHE A 201 -26.53 -21.96 -3.70
C PHE A 201 -27.03 -23.28 -3.14
N LYS A 202 -26.35 -23.75 -2.09
CA LYS A 202 -26.78 -24.95 -1.40
C LYS A 202 -27.22 -24.58 0.02
N TRP A 203 -28.38 -25.09 0.42
CA TRP A 203 -28.80 -25.02 1.80
C TRP A 203 -28.87 -26.46 2.30
N VAL A 204 -28.27 -26.69 3.47
CA VAL A 204 -28.20 -27.98 4.11
C VAL A 204 -28.97 -27.86 5.42
N ASN A 205 -29.86 -28.82 5.71
CA ASN A 205 -30.58 -28.82 7.01
C ASN A 205 -29.86 -29.60 8.09
N ALA A 206 -30.51 -29.68 9.26
CA ALA A 206 -29.90 -30.23 10.46
C ALA A 206 -29.55 -31.71 10.31
N HIS A 207 -30.22 -32.37 9.36
CA HIS A 207 -29.90 -33.77 9.07
C HIS A 207 -28.95 -33.96 7.89
N GLY A 208 -28.51 -32.87 7.28
CA GLY A 208 -27.54 -32.97 6.21
C GLY A 208 -28.11 -33.23 4.82
N ASN A 209 -29.42 -33.02 4.67
CA ASN A 209 -30.03 -32.97 3.35
C ASN A 209 -29.74 -31.64 2.67
N THR A 210 -29.18 -31.70 1.47
CA THR A 210 -28.93 -30.44 0.74
C THR A 210 -29.89 -30.21 -0.41
N VAL A 211 -30.41 -28.98 -0.52
CA VAL A 211 -31.16 -28.57 -1.72
C VAL A 211 -30.44 -27.40 -2.42
N TYR A 212 -30.65 -27.27 -3.72
CA TYR A 212 -30.26 -26.06 -4.46
C TYR A 212 -31.30 -24.94 -4.32
N ILE A 213 -30.82 -23.73 -4.05
CA ILE A 213 -31.71 -22.61 -3.82
C ILE A 213 -31.30 -21.38 -4.63
N LYS A 214 -32.31 -20.64 -5.08
CA LYS A 214 -32.14 -19.31 -5.67
C LYS A 214 -32.84 -18.34 -4.70
N LEU A 215 -32.34 -17.10 -4.66
CA LEU A 215 -32.87 -16.09 -3.75
C LEU A 215 -33.43 -14.94 -4.55
N ARG A 216 -34.49 -14.35 -4.02
CA ARG A 216 -35.36 -13.43 -4.76
C ARG A 216 -35.83 -12.28 -3.86
N TRP A 217 -35.48 -11.04 -4.22
CA TRP A 217 -36.04 -9.85 -3.53
C TRP A 217 -37.09 -9.15 -4.38
N VAL A 218 -38.23 -8.81 -3.75
CA VAL A 218 -39.39 -8.23 -4.43
C VAL A 218 -39.72 -6.92 -3.71
N PRO A 219 -39.64 -5.77 -4.41
CA PRO A 219 -39.78 -4.50 -3.70
C PRO A 219 -41.22 -4.15 -3.40
N LYS A 220 -41.48 -3.65 -2.20
CA LYS A 220 -42.84 -3.21 -1.86
C LYS A 220 -43.30 -2.01 -2.72
N GLU A 221 -42.34 -1.17 -3.14
CA GLU A 221 -42.59 -0.02 -4.03
C GLU A 221 -42.79 -0.43 -5.50
N GLY A 222 -42.63 -1.70 -5.83
CA GLY A 222 -42.72 -2.14 -7.23
C GLY A 222 -41.45 -1.88 -8.02
N VAL A 223 -41.28 -2.64 -9.10
CA VAL A 223 -40.24 -2.41 -10.11
C VAL A 223 -40.64 -1.24 -11.02
N HIS A 224 -39.87 -0.15 -10.98
CA HIS A 224 -40.13 0.97 -11.87
C HIS A 224 -38.87 1.35 -12.66
N ASN A 225 -39.01 1.47 -13.98
CA ASN A 225 -37.87 1.68 -14.85
C ASN A 225 -37.97 3.01 -15.59
N LEU A 226 -36.88 3.41 -16.24
CA LEU A 226 -36.87 4.59 -17.09
C LEU A 226 -36.64 4.16 -18.53
N SER A 227 -37.36 4.78 -19.47
CA SER A 227 -37.05 4.63 -20.90
C SER A 227 -35.75 5.38 -21.17
N ALA A 228 -35.14 5.17 -22.32
CA ALA A 228 -33.92 5.92 -22.68
C ALA A 228 -34.06 7.46 -22.61
N ASP A 229 -35.18 7.99 -23.08
CA ASP A 229 -35.42 9.43 -23.08
C ASP A 229 -35.68 9.99 -21.70
N GLU A 230 -36.35 9.20 -20.85
CA GLU A 230 -36.54 9.55 -19.44
C GLU A 230 -35.19 9.61 -18.72
N ALA A 231 -34.36 8.62 -18.98
CA ALA A 231 -33.01 8.55 -18.40
C ALA A 231 -32.15 9.77 -18.77
N THR A 232 -32.22 10.19 -20.04
CA THR A 232 -31.53 11.37 -20.53
C THR A 232 -32.04 12.63 -19.82
N GLU A 233 -33.36 12.75 -19.71
CA GLU A 233 -33.98 13.90 -19.05
C GLU A 233 -33.48 13.98 -17.63
N VAL A 234 -33.52 12.86 -16.91
CA VAL A 234 -33.06 12.82 -15.52
C VAL A 234 -31.56 13.15 -15.40
N GLN A 235 -30.76 12.56 -16.28
CA GLN A 235 -29.30 12.73 -16.27
C GLN A 235 -28.89 14.20 -16.31
N GLY A 236 -29.60 14.99 -17.12
CA GLY A 236 -29.29 16.41 -17.30
C GLY A 236 -29.51 17.22 -16.05
N LYS A 237 -30.50 16.82 -15.26
CA LYS A 237 -30.84 17.50 -14.01
C LYS A 237 -30.12 16.96 -12.79
N ASP A 238 -29.91 15.65 -12.72
CA ASP A 238 -29.39 14.99 -11.50
C ASP A 238 -28.55 13.75 -11.85
N PHE A 239 -27.22 13.81 -11.72
CA PHE A 239 -26.34 12.62 -11.92
C PHE A 239 -26.25 11.73 -10.69
N ASN A 240 -26.91 12.15 -9.62
CA ASN A 240 -27.01 11.37 -8.37
C ASN A 240 -28.44 10.99 -7.99
N HIS A 241 -29.31 10.69 -8.97
CA HIS A 241 -30.77 10.64 -8.69
C HIS A 241 -31.18 9.47 -7.80
N ALA A 242 -30.62 8.29 -8.03
CA ALA A 242 -31.06 7.10 -7.31
C ALA A 242 -30.64 7.20 -5.85
N SER A 243 -29.40 7.62 -5.63
CA SER A 243 -28.85 7.87 -4.28
C SER A 243 -29.69 8.91 -3.53
N ASN A 244 -29.85 10.08 -4.16
CA ASN A 244 -30.71 11.14 -3.68
C ASN A 244 -32.11 10.67 -3.25
N ASP A 245 -32.80 9.96 -4.15
CA ASP A 245 -34.17 9.49 -3.91
C ASP A 245 -34.24 8.47 -2.77
N THR A 246 -33.27 7.53 -2.73
CA THR A 246 -33.23 6.51 -1.66
C THR A 246 -32.83 7.11 -0.32
N PHE A 247 -31.89 8.06 -0.34
CA PHE A 247 -31.56 8.79 0.88
C PHE A 247 -32.74 9.59 1.45
N GLN A 248 -33.46 10.32 0.61
CA GLN A 248 -34.61 11.12 1.04
C GLN A 248 -35.76 10.27 1.60
N ALA A 249 -36.10 9.19 0.90
CA ALA A 249 -37.13 8.25 1.34
C ALA A 249 -36.88 7.71 2.75
N ILE A 250 -35.63 7.37 3.06
CA ILE A 250 -35.31 6.87 4.41
C ILE A 250 -35.38 8.00 5.44
N GLU A 251 -34.88 9.18 5.05
CA GLU A 251 -34.84 10.34 5.91
C GLU A 251 -36.25 10.85 6.22
N ASN A 252 -37.16 10.69 5.25
CA ASN A 252 -38.57 11.08 5.38
C ASN A 252 -39.45 10.01 6.06
N GLY A 253 -38.87 8.85 6.34
CA GLY A 253 -39.61 7.76 6.99
C GLY A 253 -40.49 6.96 6.05
N ASP A 254 -40.23 7.05 4.76
CA ASP A 254 -40.85 6.15 3.78
C ASP A 254 -39.83 5.04 3.54
N PHE A 255 -39.66 4.17 4.53
CA PHE A 255 -38.62 3.14 4.52
C PHE A 255 -38.72 2.12 3.36
N PRO A 256 -37.66 2.03 2.53
CA PRO A 256 -37.65 1.01 1.47
C PRO A 256 -37.72 -0.40 2.08
N GLU A 257 -38.58 -1.26 1.54
CA GLU A 257 -38.76 -2.61 2.03
C GLU A 257 -38.75 -3.57 0.86
N TRP A 258 -38.23 -4.77 1.08
CA TRP A 258 -38.34 -5.83 0.09
C TRP A 258 -38.72 -7.12 0.79
N ASP A 259 -39.47 -7.97 0.08
CA ASP A 259 -39.66 -9.35 0.53
C ASP A 259 -38.64 -10.35 -0.06
N LEU A 260 -38.14 -11.25 0.79
CA LEU A 260 -37.21 -12.32 0.36
C LEU A 260 -37.95 -13.65 0.12
N PHE A 261 -37.80 -14.18 -1.09
CA PHE A 261 -38.36 -15.46 -1.44
C PHE A 261 -37.21 -16.40 -1.82
N VAL A 262 -37.52 -17.70 -1.77
CA VAL A 262 -36.55 -18.73 -2.02
C VAL A 262 -37.12 -19.71 -3.03
N GLN A 263 -36.31 -20.08 -4.02
CA GLN A 263 -36.64 -21.18 -4.93
C GLN A 263 -35.76 -22.40 -4.61
N VAL A 264 -36.43 -23.56 -4.54
CA VAL A 264 -35.82 -24.80 -4.11
C VAL A 264 -35.92 -25.89 -5.17
N LEU A 265 -34.75 -26.43 -5.50
CA LEU A 265 -34.58 -27.43 -6.52
C LEU A 265 -33.78 -28.57 -5.94
N ASP A 266 -34.38 -29.75 -5.89
CA ASP A 266 -33.73 -30.92 -5.32
C ASP A 266 -32.58 -31.35 -6.23
N PRO A 267 -31.42 -31.65 -5.65
CA PRO A 267 -30.28 -32.10 -6.47
C PRO A 267 -30.59 -33.27 -7.42
N ALA A 268 -31.56 -34.11 -7.08
CA ALA A 268 -31.88 -35.29 -7.90
C ALA A 268 -32.64 -34.91 -9.16
N ASP A 269 -33.05 -33.65 -9.27
CA ASP A 269 -33.87 -33.19 -10.40
C ASP A 269 -33.11 -32.34 -11.43
N VAL A 270 -31.78 -32.22 -11.33
CA VAL A 270 -31.02 -31.22 -12.13
C VAL A 270 -30.95 -31.46 -13.65
N GLU A 271 -31.03 -32.73 -14.04
CA GLU A 271 -31.05 -33.13 -15.44
C GLU A 271 -32.44 -32.95 -16.10
N ASN A 272 -33.42 -32.51 -15.31
CA ASN A 272 -34.82 -32.45 -15.75
C ASN A 272 -35.25 -31.28 -16.68
N PHE A 273 -34.32 -30.39 -17.03
CA PHE A 273 -34.66 -29.20 -17.77
C PHE A 273 -33.90 -29.19 -19.09
N ASP A 274 -34.19 -28.23 -19.98
CA ASP A 274 -33.47 -28.13 -21.24
C ASP A 274 -32.25 -27.22 -21.06
N PHE A 275 -31.95 -26.94 -19.79
CA PHE A 275 -30.83 -26.11 -19.40
C PHE A 275 -30.16 -26.72 -18.15
N ASP A 276 -28.86 -26.47 -17.97
CA ASP A 276 -28.18 -26.76 -16.70
C ASP A 276 -28.53 -25.71 -15.62
N PRO A 277 -29.25 -26.14 -14.56
CA PRO A 277 -29.66 -25.20 -13.49
C PRO A 277 -28.53 -24.45 -12.75
N LEU A 278 -27.30 -24.95 -12.87
CA LEU A 278 -26.05 -24.34 -12.37
C LEU A 278 -25.41 -23.34 -13.36
N ASP A 279 -25.99 -23.20 -14.54
CA ASP A 279 -25.54 -22.21 -15.53
C ASP A 279 -26.08 -20.81 -15.16
N ALA A 280 -25.20 -19.86 -14.88
CA ALA A 280 -25.59 -18.48 -14.50
C ALA A 280 -26.22 -17.61 -15.63
N THR A 281 -26.18 -18.12 -16.85
CA THR A 281 -26.91 -17.49 -17.97
C THR A 281 -28.35 -17.94 -18.00
N LYS A 282 -28.74 -18.76 -17.01
CA LYS A 282 -30.09 -19.36 -16.97
C LYS A 282 -30.93 -18.90 -15.79
N ASP A 283 -32.22 -18.65 -16.04
CA ASP A 283 -33.19 -18.27 -15.03
C ASP A 283 -34.05 -19.47 -14.61
N TRP A 284 -34.65 -19.38 -13.43
CA TRP A 284 -35.60 -20.37 -12.92
C TRP A 284 -36.89 -19.63 -12.86
N PHE A 285 -37.71 -19.86 -13.87
CA PHE A 285 -38.98 -19.16 -13.99
C PHE A 285 -39.87 -19.50 -12.80
N GLU A 286 -40.57 -18.49 -12.26
CA GLU A 286 -41.45 -18.69 -11.10
C GLU A 286 -42.49 -19.73 -11.45
N ASP A 287 -42.82 -19.76 -12.74
CA ASP A 287 -43.68 -20.74 -13.39
C ASP A 287 -43.22 -22.17 -13.18
N VAL A 288 -41.91 -22.38 -13.25
CA VAL A 288 -41.41 -23.73 -13.17
C VAL A 288 -40.98 -24.08 -11.74
N ILE A 289 -40.46 -23.10 -11.01
CA ILE A 289 -40.09 -23.28 -9.61
C ILE A 289 -40.61 -22.13 -8.71
N PRO A 290 -41.59 -22.45 -7.84
CA PRO A 290 -42.31 -21.43 -7.06
C PRO A 290 -41.38 -20.64 -6.12
N PHE A 291 -41.74 -19.38 -5.86
CA PHE A 291 -41.11 -18.57 -4.83
C PHE A 291 -41.75 -18.95 -3.49
N GLN A 292 -40.94 -19.10 -2.45
CA GLN A 292 -41.50 -19.35 -1.12
C GLN A 292 -41.02 -18.22 -0.21
N HIS A 293 -41.97 -17.53 0.40
CA HIS A 293 -41.69 -16.37 1.26
C HIS A 293 -40.81 -16.72 2.43
N VAL A 294 -39.77 -15.91 2.66
CA VAL A 294 -38.86 -16.09 3.80
C VAL A 294 -39.09 -14.99 4.86
N GLY A 295 -39.08 -13.75 4.39
CA GLY A 295 -39.16 -12.61 5.29
C GLY A 295 -39.09 -11.32 4.51
N THR A 296 -38.80 -10.24 5.25
CA THR A 296 -38.79 -8.90 4.70
C THR A 296 -37.71 -7.98 5.30
N MET A 297 -37.03 -7.27 4.41
CA MET A 297 -36.01 -6.33 4.81
C MET A 297 -36.58 -4.92 4.78
N THR A 298 -36.31 -4.16 5.85
CA THR A 298 -36.66 -2.76 5.95
C THR A 298 -35.37 -1.96 6.16
N LEU A 299 -35.05 -1.04 5.26
CA LEU A 299 -33.94 -0.09 5.46
C LEU A 299 -34.46 1.23 6.09
N ASN A 300 -34.10 1.45 7.34
CA ASN A 300 -34.70 2.51 8.14
C ASN A 300 -33.70 3.55 8.73
N LYS A 301 -32.44 3.44 8.37
CA LYS A 301 -31.46 4.36 8.88
C LYS A 301 -30.39 4.63 7.85
N ASN A 302 -30.23 5.91 7.49
CA ASN A 302 -29.14 6.27 6.63
C ASN A 302 -27.78 6.06 7.31
N VAL A 303 -26.71 6.02 6.52
CA VAL A 303 -25.37 6.03 7.11
C VAL A 303 -25.13 7.32 7.92
N ASP A 304 -24.27 7.23 8.92
CA ASP A 304 -23.67 8.41 9.57
C ASP A 304 -22.55 8.99 8.72
N ASN A 305 -21.79 8.11 8.05
CA ASN A 305 -20.66 8.55 7.26
C ASN A 305 -20.46 7.61 6.06
N TYR A 306 -20.43 8.21 4.88
CA TYR A 306 -20.44 7.42 3.64
C TYR A 306 -19.13 6.62 3.48
N PHE A 307 -18.01 7.32 3.62
CA PHE A 307 -16.73 6.70 3.45
C PHE A 307 -16.54 5.48 4.35
N ALA A 308 -16.82 5.64 5.65
CA ALA A 308 -16.59 4.61 6.65
C ALA A 308 -17.60 3.49 6.59
N GLU A 309 -18.74 3.74 5.93
CA GLU A 309 -19.76 2.71 5.90
C GLU A 309 -19.94 2.21 4.49
N THR A 310 -20.50 3.02 3.60
CA THR A 310 -20.75 2.60 2.22
C THR A 310 -19.46 2.30 1.44
N GLU A 311 -18.45 3.15 1.59
CA GLU A 311 -17.26 2.96 0.76
C GLU A 311 -16.41 1.81 1.29
N SER A 312 -16.39 1.65 2.61
CA SER A 312 -15.49 0.71 3.28
C SER A 312 -16.04 -0.73 3.47
N VAL A 313 -17.35 -0.92 3.36
CA VAL A 313 -17.90 -2.26 3.39
C VAL A 313 -17.35 -3.15 2.27
N GLY A 314 -17.11 -4.41 2.59
CA GLY A 314 -16.89 -5.42 1.58
C GLY A 314 -17.85 -6.58 1.74
N PHE A 315 -18.39 -7.07 0.62
CA PHE A 315 -19.24 -8.25 0.62
C PHE A 315 -18.66 -9.36 -0.25
N ASN A 316 -19.05 -10.60 0.03
CA ASN A 316 -18.60 -11.77 -0.74
C ASN A 316 -19.71 -12.81 -0.70
N PRO A 317 -20.21 -13.23 -1.88
CA PRO A 317 -21.31 -14.24 -1.93
C PRO A 317 -20.94 -15.59 -1.30
N GLY A 318 -19.65 -15.85 -1.16
CA GLY A 318 -19.23 -17.08 -0.51
C GLY A 318 -18.90 -16.83 0.94
N VAL A 319 -19.30 -15.67 1.47
CA VAL A 319 -19.31 -15.43 2.91
C VAL A 319 -20.69 -15.91 3.42
N LEU A 320 -20.73 -17.15 3.87
CA LEU A 320 -22.00 -17.82 4.20
C LEU A 320 -21.99 -18.32 5.63
N VAL A 321 -23.17 -18.48 6.23
CA VAL A 321 -23.26 -19.00 7.59
C VAL A 321 -23.51 -20.51 7.58
N PRO A 322 -23.27 -21.21 8.71
CA PRO A 322 -23.48 -22.68 8.63
C PRO A 322 -24.93 -22.95 8.21
N GLY A 323 -25.12 -23.94 7.34
CA GLY A 323 -26.44 -24.21 6.79
C GLY A 323 -26.46 -23.77 5.33
N MET A 324 -25.38 -23.11 4.92
CA MET A 324 -25.28 -22.53 3.59
C MET A 324 -23.95 -22.90 2.96
N LEU A 325 -23.99 -23.29 1.68
CA LEU A 325 -22.77 -23.64 0.94
C LEU A 325 -22.87 -23.11 -0.50
N PRO A 326 -21.72 -22.85 -1.15
CA PRO A 326 -21.81 -22.44 -2.55
C PRO A 326 -22.18 -23.60 -3.48
N SER A 327 -22.85 -23.29 -4.60
CA SER A 327 -23.01 -24.28 -5.63
C SER A 327 -21.76 -24.38 -6.52
N GLU A 328 -21.69 -25.47 -7.27
CA GLU A 328 -20.66 -25.73 -8.28
C GLU A 328 -20.69 -24.73 -9.46
N ASP A 329 -21.75 -23.94 -9.57
CA ASP A 329 -21.83 -22.82 -10.57
C ASP A 329 -20.45 -22.21 -10.85
N LYS A 330 -19.96 -22.32 -12.08
CA LYS A 330 -18.57 -21.92 -12.39
C LYS A 330 -18.31 -20.40 -12.41
N LEU A 331 -19.36 -19.61 -12.58
CA LEU A 331 -19.19 -18.18 -12.42
C LEU A 331 -19.08 -17.85 -10.90
N LEU A 332 -19.98 -18.44 -10.09
CA LEU A 332 -19.99 -18.21 -8.64
C LEU A 332 -18.67 -18.62 -7.99
N GLN A 333 -18.14 -19.75 -8.43
CA GLN A 333 -16.91 -20.27 -7.88
C GLN A 333 -15.70 -19.29 -7.86
N GLY A 334 -15.56 -18.49 -8.92
CA GLY A 334 -14.50 -17.49 -9.00
C GLY A 334 -14.76 -16.31 -8.08
N ARG A 335 -16.02 -15.92 -7.97
CA ARG A 335 -16.43 -14.88 -7.04
C ARG A 335 -16.00 -15.21 -5.60
N LEU A 336 -16.16 -16.47 -5.17
CA LEU A 336 -15.78 -16.85 -3.83
C LEU A 336 -14.41 -16.31 -3.44
N PHE A 337 -13.46 -16.39 -4.38
CA PHE A 337 -12.10 -15.89 -4.20
C PHE A 337 -11.98 -14.38 -4.39
N SER A 338 -12.59 -13.89 -5.45
CA SER A 338 -12.34 -12.54 -5.99
C SER A 338 -12.64 -11.41 -5.04
N TYR A 339 -13.79 -11.49 -4.37
CA TYR A 339 -14.30 -10.41 -3.51
C TYR A 339 -13.39 -10.08 -2.35
N SER A 340 -13.13 -11.09 -1.52
CA SER A 340 -12.27 -10.96 -0.36
C SER A 340 -10.85 -10.61 -0.80
N ASP A 341 -10.45 -11.16 -1.94
CA ASP A 341 -9.10 -10.95 -2.50
C ASP A 341 -8.90 -9.51 -2.85
N THR A 342 -9.87 -8.93 -3.55
CA THR A 342 -9.81 -7.52 -3.94
C THR A 342 -9.96 -6.58 -2.74
N GLN A 343 -10.70 -7.01 -1.73
CA GLN A 343 -10.89 -6.22 -0.51
C GLN A 343 -9.60 -6.13 0.32
N ARG A 344 -8.77 -7.16 0.29
CA ARG A 344 -7.49 -7.11 0.99
C ARG A 344 -6.59 -6.02 0.41
N HIS A 345 -6.80 -5.73 -0.88
CA HIS A 345 -6.07 -4.69 -1.58
C HIS A 345 -6.80 -3.35 -1.41
N ARG A 346 -8.09 -3.31 -1.74
CA ARG A 346 -8.88 -2.08 -1.70
C ARG A 346 -9.09 -1.48 -0.29
N ILE A 347 -9.32 -2.30 0.72
CA ILE A 347 -9.68 -1.75 2.01
C ILE A 347 -8.51 -2.01 2.92
N GLY A 348 -7.87 -3.18 2.76
CA GLY A 348 -6.72 -3.56 3.58
C GLY A 348 -6.76 -4.98 4.13
N PRO A 349 -5.59 -5.51 4.52
CA PRO A 349 -5.49 -6.86 5.09
C PRO A 349 -6.37 -7.13 6.30
N ASN A 350 -6.58 -6.12 7.15
CA ASN A 350 -7.44 -6.27 8.31
C ASN A 350 -8.83 -5.63 8.08
N TYR A 351 -9.30 -5.64 6.83
CA TYR A 351 -10.55 -5.02 6.48
C TYR A 351 -11.71 -5.54 7.34
N GLN A 352 -11.65 -6.82 7.73
CA GLN A 352 -12.68 -7.42 8.55
C GLN A 352 -12.76 -6.89 9.99
N GLN A 353 -11.77 -6.08 10.40
CA GLN A 353 -11.78 -5.43 11.72
C GLN A 353 -12.51 -4.07 11.76
N LEU A 354 -12.77 -3.49 10.59
CA LEU A 354 -13.49 -2.22 10.50
C LEU A 354 -14.93 -2.32 11.00
N PRO A 355 -15.39 -1.34 11.79
CA PRO A 355 -16.79 -1.37 12.32
C PRO A 355 -17.89 -1.89 11.35
N ILE A 356 -17.87 -1.42 10.11
CA ILE A 356 -18.90 -1.79 9.13
C ILE A 356 -18.80 -3.26 8.70
N ASN A 357 -17.61 -3.87 8.84
CA ASN A 357 -17.42 -5.25 8.42
C ASN A 357 -17.43 -6.27 9.57
N CYS A 358 -17.24 -5.77 10.79
CA CYS A 358 -17.15 -6.60 11.98
C CYS A 358 -18.42 -7.44 12.19
N PRO A 359 -18.27 -8.75 12.47
CA PRO A 359 -19.44 -9.60 12.75
C PRO A 359 -20.13 -9.16 14.05
N PHE A 360 -21.38 -9.59 14.26
CA PHE A 360 -22.04 -9.41 15.54
C PHE A 360 -21.51 -10.48 16.49
N ALA A 361 -21.24 -11.67 15.93
CA ALA A 361 -20.63 -12.77 16.67
C ALA A 361 -19.16 -12.45 16.98
N GLN A 362 -18.71 -12.80 18.18
CA GLN A 362 -17.31 -12.60 18.56
C GLN A 362 -16.38 -13.39 17.63
N VAL A 363 -15.23 -12.78 17.32
CA VAL A 363 -14.21 -13.39 16.46
C VAL A 363 -13.12 -13.87 17.37
N ASN A 364 -12.85 -15.16 17.37
CA ASN A 364 -11.82 -15.73 18.24
C ASN A 364 -10.95 -16.71 17.48
N ASN A 365 -9.76 -16.24 17.09
CA ASN A 365 -8.83 -17.10 16.37
C ASN A 365 -7.35 -16.78 16.54
N TYR A 366 -6.54 -17.48 15.77
CA TYR A 366 -5.09 -17.46 15.88
C TYR A 366 -4.41 -16.61 14.82
N GLN A 367 -5.20 -15.86 14.02
CA GLN A 367 -4.67 -14.92 13.04
C GLN A 367 -4.10 -13.69 13.76
N ARG A 368 -3.03 -13.13 13.20
CA ARG A 368 -2.29 -12.08 13.88
C ARG A 368 -1.75 -11.04 12.90
N ASP A 369 -1.49 -9.84 13.44
CA ASP A 369 -0.68 -8.81 12.76
C ASP A 369 -1.37 -8.20 11.55
N GLY A 370 -0.62 -7.94 10.47
CA GLY A 370 -1.14 -7.22 9.29
C GLY A 370 -1.30 -5.73 9.53
N ALA A 371 -1.17 -4.93 8.47
CA ALA A 371 -1.17 -3.47 8.58
C ALA A 371 -2.38 -2.95 9.34
N MET A 372 -2.12 -1.95 10.18
CA MET A 372 -3.15 -1.26 10.92
C MET A 372 -3.95 -2.26 11.76
N PRO A 373 -3.28 -2.93 12.73
CA PRO A 373 -3.83 -4.01 13.53
C PRO A 373 -4.72 -3.53 14.69
N PHE A 374 -5.74 -2.74 14.38
CA PHE A 374 -6.56 -2.11 15.42
C PHE A 374 -7.22 -3.04 16.48
N LYS A 375 -7.68 -4.21 16.06
CA LYS A 375 -8.32 -5.20 16.95
C LYS A 375 -7.46 -6.48 17.11
N GLN A 376 -6.14 -6.29 17.14
CA GLN A 376 -5.20 -7.37 17.43
C GLN A 376 -5.62 -8.16 18.68
N GLN A 377 -5.77 -9.48 18.52
CA GLN A 377 -5.97 -10.38 19.66
C GLN A 377 -4.62 -10.50 20.38
N THR A 378 -4.63 -10.27 21.69
CA THR A 378 -3.37 -10.12 22.41
C THR A 378 -2.81 -11.38 23.08
N SER A 379 -3.59 -12.46 23.16
CA SER A 379 -3.07 -13.69 23.74
C SER A 379 -1.80 -14.08 23.00
N SER A 380 -0.77 -14.48 23.75
CA SER A 380 0.50 -14.88 23.15
C SER A 380 0.35 -16.26 22.48
N VAL A 381 -0.69 -16.99 22.85
CA VAL A 381 -1.04 -18.26 22.23
C VAL A 381 -1.69 -18.02 20.88
N ASN A 382 -0.84 -17.95 19.86
CA ASN A 382 -1.27 -17.69 18.48
C ASN A 382 -1.19 -18.93 17.55
N TYR A 383 -1.22 -20.12 18.15
CA TYR A 383 -1.11 -21.37 17.38
C TYR A 383 -2.11 -22.37 17.91
N GLU A 384 -2.67 -23.20 17.02
CA GLU A 384 -3.56 -24.31 17.37
C GLU A 384 -3.18 -25.57 16.56
N PRO A 385 -3.19 -26.76 17.18
CA PRO A 385 -3.46 -27.09 18.58
C PRO A 385 -2.44 -26.50 19.55
N ASN A 386 -2.91 -26.33 20.79
CA ASN A 386 -2.09 -25.89 21.91
C ASN A 386 -2.58 -26.63 23.17
N ARG A 387 -1.91 -26.39 24.31
CA ARG A 387 -2.19 -27.09 25.58
C ARG A 387 -3.27 -26.46 26.45
N TYR A 388 -3.70 -25.25 26.08
CA TYR A 388 -4.54 -24.45 26.96
C TYR A 388 -6.01 -24.68 26.63
N GLN A 389 -6.79 -24.97 27.66
CA GLN A 389 -8.18 -25.32 27.50
C GLN A 389 -9.07 -24.10 27.25
N ASP A 390 -8.62 -22.93 27.70
CA ASP A 390 -9.41 -21.71 27.58
C ASP A 390 -9.16 -20.88 26.32
N GLU A 391 -8.29 -21.37 25.43
CA GLU A 391 -8.13 -20.68 24.13
C GLU A 391 -9.15 -21.24 23.10
N PRO A 392 -9.35 -20.53 21.97
CA PRO A 392 -10.33 -20.98 20.97
C PRO A 392 -10.12 -22.42 20.43
N LYS A 393 -11.18 -23.21 20.44
CA LYS A 393 -11.15 -24.57 19.91
C LYS A 393 -12.20 -24.76 18.81
N GLN A 394 -11.89 -25.65 17.88
CA GLN A 394 -12.85 -26.09 16.86
C GLN A 394 -14.08 -26.75 17.49
N THR A 395 -15.24 -26.56 16.87
CA THR A 395 -16.51 -27.14 17.28
C THR A 395 -16.96 -28.06 16.16
N PRO A 396 -16.56 -29.36 16.23
CA PRO A 396 -16.77 -30.36 15.14
C PRO A 396 -18.15 -30.38 14.50
N GLU A 397 -19.20 -30.08 15.27
CA GLU A 397 -20.56 -30.04 14.75
C GLU A 397 -20.71 -28.92 13.72
N TYR A 398 -19.72 -28.07 13.62
CA TYR A 398 -19.79 -26.96 12.68
C TYR A 398 -19.07 -27.21 11.34
N THR A 399 -18.40 -28.36 11.22
CA THR A 399 -17.72 -28.76 9.99
C THR A 399 -18.73 -28.81 8.86
N GLU A 400 -18.32 -28.28 7.71
CA GLU A 400 -19.12 -28.26 6.48
C GLU A 400 -19.21 -29.69 5.97
N ASP A 401 -20.42 -30.20 5.78
CA ASP A 401 -20.55 -31.58 5.35
C ASP A 401 -19.99 -31.82 3.95
N THR A 402 -19.59 -33.07 3.73
CA THR A 402 -19.17 -33.54 2.42
C THR A 402 -20.27 -33.27 1.38
N GLN A 403 -19.87 -33.02 0.14
CA GLN A 403 -20.82 -32.89 -0.96
C GLN A 403 -20.42 -33.91 -2.06
N PRO A 404 -21.33 -34.25 -2.98
CA PRO A 404 -20.98 -35.28 -3.97
C PRO A 404 -20.08 -34.81 -5.09
N LEU A 405 -19.30 -35.74 -5.63
CA LEU A 405 -18.56 -35.54 -6.89
C LEU A 405 -19.09 -36.54 -7.89
N HIS A 406 -19.29 -36.08 -9.12
CA HIS A 406 -19.94 -36.86 -10.16
C HIS A 406 -19.08 -37.14 -11.40
N ASP A 407 -17.78 -36.95 -11.33
CA ASP A 407 -16.91 -37.15 -12.48
C ASP A 407 -15.64 -37.89 -12.09
N ASP A 408 -15.05 -38.57 -13.07
CA ASP A 408 -13.81 -39.31 -12.89
C ASP A 408 -12.55 -38.53 -13.30
N ILE A 409 -12.74 -37.33 -13.84
CA ILE A 409 -11.61 -36.50 -14.23
C ILE A 409 -11.74 -35.08 -13.71
N HIS A 410 -10.60 -34.42 -13.48
CA HIS A 410 -10.62 -32.97 -13.27
C HIS A 410 -9.84 -32.31 -14.39
N GLY A 411 -10.31 -31.13 -14.79
CA GLY A 411 -9.68 -30.34 -15.86
C GLY A 411 -10.59 -29.23 -16.37
N ARG A 412 -10.18 -28.61 -17.49
CA ARG A 412 -10.93 -27.52 -18.14
C ARG A 412 -11.98 -28.12 -19.06
N LEU A 413 -13.21 -28.20 -18.53
CA LEU A 413 -14.27 -29.01 -19.14
C LEU A 413 -15.57 -28.23 -19.15
N GLU A 414 -15.92 -27.70 -20.32
CA GLU A 414 -17.15 -26.94 -20.50
C GLU A 414 -18.40 -27.79 -20.31
N ILE A 415 -19.40 -27.25 -19.63
CA ILE A 415 -20.67 -27.96 -19.42
C ILE A 415 -21.31 -28.41 -20.75
N GLU A 416 -22.09 -29.49 -20.69
CA GLU A 416 -22.66 -30.12 -21.89
C GLU A 416 -23.85 -29.37 -22.50
N LYS A 417 -24.89 -29.06 -21.72
CA LYS A 417 -26.03 -28.38 -22.33
C LYS A 417 -26.05 -26.88 -22.10
N THR A 418 -25.47 -26.19 -23.09
CA THR A 418 -25.26 -24.76 -23.03
C THR A 418 -26.54 -24.01 -23.31
N ASN A 419 -27.30 -24.48 -24.27
CA ASN A 419 -28.59 -23.87 -24.60
C ASN A 419 -28.48 -22.33 -24.55
N ASN A 420 -27.61 -21.81 -25.42
CA ASN A 420 -27.28 -20.38 -25.48
C ASN A 420 -28.43 -19.46 -25.93
N PHE A 421 -29.39 -20.03 -26.66
CA PHE A 421 -30.41 -19.25 -27.38
C PHE A 421 -31.85 -19.62 -27.00
N GLY A 422 -32.02 -20.83 -26.47
CA GLY A 422 -33.34 -21.39 -26.22
C GLY A 422 -34.05 -20.65 -25.12
N GLN A 423 -33.37 -20.49 -23.97
CA GLN A 423 -34.04 -19.80 -22.86
C GLN A 423 -34.20 -18.30 -23.12
N ALA A 424 -33.19 -17.70 -23.75
CA ALA A 424 -33.27 -16.32 -24.24
C ALA A 424 -34.52 -16.09 -25.07
N GLY A 425 -34.81 -17.01 -25.99
CA GLY A 425 -36.04 -16.97 -26.78
C GLY A 425 -37.29 -16.99 -25.91
N GLU A 426 -37.37 -17.95 -24.99
CA GLU A 426 -38.48 -18.03 -24.02
C GLU A 426 -38.65 -16.72 -23.26
N VAL A 427 -37.53 -16.16 -22.78
CA VAL A 427 -37.57 -14.85 -22.11
C VAL A 427 -38.17 -13.79 -23.03
N TYR A 428 -37.73 -13.74 -24.29
CA TYR A 428 -38.34 -12.78 -25.22
C TYR A 428 -39.88 -12.95 -25.31
N ARG A 429 -40.32 -14.20 -25.53
CA ARG A 429 -41.73 -14.48 -25.73
C ARG A 429 -42.59 -14.32 -24.47
N ARG A 430 -41.95 -14.42 -23.30
CA ARG A 430 -42.63 -14.12 -22.03
C ARG A 430 -42.92 -12.63 -21.77
N MET A 431 -42.33 -11.75 -22.60
CA MET A 431 -42.47 -10.28 -22.44
C MET A 431 -43.81 -9.76 -22.99
N THR A 432 -44.32 -8.69 -22.39
CA THR A 432 -45.45 -7.97 -22.96
C THR A 432 -44.97 -7.25 -24.24
N GLU A 433 -45.92 -6.78 -25.04
CA GLU A 433 -45.63 -6.05 -26.27
C GLU A 433 -44.81 -4.77 -26.01
N GLU A 434 -45.16 -4.06 -24.95
CA GLU A 434 -44.43 -2.87 -24.53
C GLU A 434 -42.95 -3.20 -24.26
N GLU A 435 -42.70 -4.27 -23.51
CA GLU A 435 -41.34 -4.73 -23.25
C GLU A 435 -40.59 -5.12 -24.54
N GLN A 436 -41.26 -5.84 -25.43
CA GLN A 436 -40.65 -6.26 -26.69
C GLN A 436 -40.31 -5.09 -27.60
N MET A 437 -41.13 -4.03 -27.54
CA MET A 437 -40.88 -2.84 -28.34
C MET A 437 -39.77 -1.97 -27.73
N ALA A 438 -39.74 -1.86 -26.40
CA ALA A 438 -38.64 -1.21 -25.69
C ALA A 438 -37.32 -1.90 -26.00
N LEU A 439 -37.32 -3.23 -25.96
CA LEU A 439 -36.11 -4.03 -26.22
C LEU A 439 -35.57 -3.78 -27.62
N LEU A 440 -36.47 -3.76 -28.61
CA LEU A 440 -36.09 -3.52 -30.00
C LEU A 440 -35.50 -2.12 -30.18
N ASN A 441 -36.15 -1.10 -29.64
CA ASN A 441 -35.62 0.27 -29.77
C ASN A 441 -34.26 0.47 -29.07
N ASN A 442 -34.06 -0.16 -27.91
CA ASN A 442 -32.77 -0.07 -27.20
C ASN A 442 -31.63 -0.82 -27.90
N LEU A 443 -31.92 -2.04 -28.36
CA LEU A 443 -30.97 -2.83 -29.17
C LEU A 443 -30.56 -2.13 -30.46
N VAL A 444 -31.55 -1.60 -31.15
CA VAL A 444 -31.28 -0.90 -32.40
C VAL A 444 -30.38 0.32 -32.12
N ASN A 445 -30.81 1.21 -31.23
CA ASN A 445 -30.00 2.35 -30.78
C ASN A 445 -28.56 2.00 -30.40
N ASP A 446 -28.38 0.83 -29.78
CA ASP A 446 -27.07 0.37 -29.38
C ASP A 446 -26.28 -0.23 -30.55
N LEU A 447 -26.96 -1.02 -31.40
CA LEU A 447 -26.27 -1.65 -32.52
C LEU A 447 -25.94 -0.66 -33.64
N GLN A 448 -26.66 0.45 -33.70
CA GLN A 448 -26.36 1.54 -34.65
C GLN A 448 -24.99 2.15 -34.37
N GLN A 449 -24.48 1.93 -33.16
CA GLN A 449 -23.18 2.47 -32.72
C GLN A 449 -22.00 1.51 -32.94
N VAL A 450 -22.29 0.27 -33.33
CA VAL A 450 -21.25 -0.71 -33.71
C VAL A 450 -20.73 -0.35 -35.11
N ARG A 451 -19.40 -0.47 -35.33
CA ARG A 451 -18.77 0.05 -36.56
C ARG A 451 -18.18 -1.09 -37.39
N HIS A 452 -18.44 -2.32 -36.96
CA HIS A 452 -17.95 -3.49 -37.66
C HIS A 452 -19.15 -4.31 -38.05
N GLU A 453 -19.37 -4.44 -39.35
CA GLU A 453 -20.53 -5.15 -39.90
C GLU A 453 -20.68 -6.59 -39.39
N ASN A 454 -19.60 -7.37 -39.41
CA ASN A 454 -19.65 -8.76 -38.95
C ASN A 454 -20.23 -8.90 -37.52
N THR A 455 -19.86 -7.99 -36.62
CA THR A 455 -20.40 -7.96 -35.26
C THR A 455 -21.92 -7.73 -35.26
N VAL A 456 -22.39 -6.74 -36.02
CA VAL A 456 -23.83 -6.50 -36.16
C VAL A 456 -24.59 -7.75 -36.67
N LEU A 457 -24.11 -8.31 -37.80
CA LEU A 457 -24.64 -9.56 -38.38
C LEU A 457 -24.71 -10.67 -37.32
N LEU A 458 -23.61 -10.86 -36.60
CA LEU A 458 -23.55 -11.88 -35.55
C LEU A 458 -24.54 -11.57 -34.43
N ALA A 459 -24.69 -10.30 -34.07
CA ALA A 459 -25.66 -9.95 -33.02
C ALA A 459 -27.07 -10.34 -33.45
N ILE A 460 -27.46 -9.95 -34.67
CA ILE A 460 -28.79 -10.23 -35.20
C ILE A 460 -29.00 -11.73 -35.31
N CYS A 461 -27.99 -12.44 -35.77
CA CYS A 461 -28.04 -13.91 -35.83
C CYS A 461 -28.25 -14.57 -34.46
N ASN A 462 -27.50 -14.12 -33.45
CA ASN A 462 -27.68 -14.63 -32.09
C ASN A 462 -29.12 -14.41 -31.60
N PHE A 463 -29.63 -13.19 -31.74
CA PHE A 463 -31.03 -12.92 -31.42
C PHE A 463 -32.04 -13.73 -32.26
N TYR A 464 -31.74 -13.89 -33.56
CA TYR A 464 -32.61 -14.66 -34.46
C TYR A 464 -32.82 -16.09 -33.96
N ARG A 465 -31.73 -16.76 -33.60
CA ARG A 465 -31.75 -18.12 -33.05
C ARG A 465 -32.60 -18.26 -31.78
N ALA A 466 -32.68 -17.18 -31.03
CA ALA A 466 -33.48 -17.11 -29.82
C ALA A 466 -34.95 -16.96 -30.20
N ASP A 467 -35.22 -15.98 -31.06
CA ASP A 467 -36.55 -15.78 -31.56
C ASP A 467 -36.45 -15.20 -32.97
N ALA A 468 -37.03 -15.91 -33.92
CA ALA A 468 -36.94 -15.58 -35.34
C ALA A 468 -37.54 -14.22 -35.67
N SER A 469 -38.68 -13.87 -35.06
CA SER A 469 -39.33 -12.59 -35.34
C SER A 469 -38.56 -11.39 -34.79
N LEU A 470 -37.96 -11.53 -33.60
CA LEU A 470 -37.07 -10.49 -33.08
C LEU A 470 -35.90 -10.26 -34.05
N GLY A 471 -35.29 -11.36 -34.48
CA GLY A 471 -34.17 -11.29 -35.41
C GLY A 471 -34.56 -10.63 -36.72
N GLU A 472 -35.75 -10.92 -37.21
CA GLU A 472 -36.28 -10.27 -38.42
C GLU A 472 -36.48 -8.75 -38.24
N LYS A 473 -37.07 -8.36 -37.11
CA LYS A 473 -37.27 -6.94 -36.82
C LYS A 473 -35.95 -6.18 -36.72
N LEU A 474 -34.98 -6.76 -36.02
CA LEU A 474 -33.64 -6.17 -35.91
C LEU A 474 -32.99 -6.03 -37.28
N SER A 475 -33.13 -7.07 -38.10
CA SER A 475 -32.64 -7.10 -39.48
C SER A 475 -33.20 -5.96 -40.33
N GLU A 476 -34.50 -5.73 -40.21
CA GLU A 476 -35.19 -4.67 -40.96
C GLU A 476 -34.75 -3.30 -40.49
N ALA A 477 -34.74 -3.10 -39.17
CA ALA A 477 -34.39 -1.81 -38.59
C ALA A 477 -32.92 -1.42 -38.82
N LEU A 478 -32.07 -2.39 -39.17
CA LEU A 478 -30.61 -2.18 -39.14
C LEU A 478 -29.77 -1.73 -40.36
N ASN A 479 -30.20 -1.80 -41.62
CA ASN A 479 -30.99 -2.82 -42.26
C ASN A 479 -29.91 -3.78 -42.78
N VAL A 480 -29.88 -4.98 -42.24
CA VAL A 480 -28.85 -5.97 -42.59
C VAL A 480 -29.56 -7.29 -42.92
N ASP A 481 -29.43 -7.78 -44.15
CA ASP A 481 -30.12 -9.03 -44.49
C ASP A 481 -29.37 -10.26 -44.01
N ILE A 482 -30.05 -11.04 -43.18
CA ILE A 482 -29.51 -12.24 -42.57
C ILE A 482 -29.95 -13.48 -43.34
N LYS A 483 -30.83 -13.27 -44.33
CA LYS A 483 -31.36 -14.34 -45.20
C LYS A 483 -30.29 -15.21 -45.84
N PRO A 484 -29.24 -14.60 -46.46
CA PRO A 484 -28.15 -15.39 -47.07
C PRO A 484 -27.51 -16.35 -46.07
N PHE A 485 -27.55 -15.98 -44.79
CA PHE A 485 -27.06 -16.82 -43.71
C PHE A 485 -28.29 -17.47 -43.07
N LYS B 6 0.34 -14.47 -32.65
CA LYS B 6 0.74 -14.07 -31.27
C LYS B 6 0.06 -14.91 -30.19
N LYS B 7 0.87 -15.61 -29.40
CA LYS B 7 0.39 -16.47 -28.32
C LYS B 7 -0.03 -15.71 -27.05
N LEU B 8 -1.27 -15.96 -26.63
CA LEU B 8 -1.75 -15.60 -25.30
C LEU B 8 -0.96 -16.37 -24.23
N THR B 9 -0.44 -15.62 -23.25
CA THR B 9 0.37 -16.18 -22.19
C THR B 9 -0.09 -15.69 -20.79
N THR B 10 0.31 -16.42 -19.75
CA THR B 10 0.19 -15.93 -18.39
C THR B 10 1.30 -14.88 -18.16
N ASN B 11 1.35 -14.27 -16.97
CA ASN B 11 2.40 -13.30 -16.64
C ASN B 11 3.75 -13.99 -16.45
N GLN B 12 3.70 -15.33 -16.42
CA GLN B 12 4.87 -16.18 -16.35
C GLN B 12 5.44 -16.52 -17.75
N GLY B 13 4.78 -16.09 -18.81
CA GLY B 13 5.28 -16.39 -20.14
C GLY B 13 4.90 -17.77 -20.67
N VAL B 14 3.96 -18.42 -19.97
CA VAL B 14 3.49 -19.75 -20.35
C VAL B 14 2.30 -19.63 -21.30
N PRO B 15 2.38 -20.27 -22.50
CA PRO B 15 1.24 -20.22 -23.41
C PRO B 15 -0.03 -20.79 -22.78
N ILE B 16 -1.13 -20.05 -22.88
CA ILE B 16 -2.47 -20.49 -22.49
C ILE B 16 -3.10 -21.26 -23.66
N GLY B 17 -3.73 -22.38 -23.34
CA GLY B 17 -4.39 -23.19 -24.33
C GLY B 17 -5.88 -23.03 -24.28
N ASP B 18 -6.44 -22.86 -23.08
CA ASP B 18 -7.88 -22.61 -22.90
C ASP B 18 -8.13 -21.39 -21.99
N ASN B 19 -8.56 -20.28 -22.60
CA ASN B 19 -8.86 -19.02 -21.90
C ASN B 19 -10.35 -18.85 -21.66
N GLN B 20 -11.08 -19.97 -21.74
CA GLN B 20 -12.54 -19.96 -21.66
C GLN B 20 -13.07 -20.76 -20.47
N ASN B 21 -12.34 -21.77 -20.02
CA ASN B 21 -12.78 -22.66 -18.93
C ASN B 21 -11.84 -22.73 -17.71
N SER B 22 -12.43 -22.57 -16.52
CA SER B 22 -11.71 -22.84 -15.26
C SER B 22 -11.43 -24.34 -15.12
N ARG B 23 -10.37 -24.68 -14.40
CA ARG B 23 -10.13 -26.07 -14.05
C ARG B 23 -11.01 -26.42 -12.84
N THR B 24 -11.86 -27.41 -13.02
CA THR B 24 -12.86 -27.79 -12.03
C THR B 24 -12.79 -29.29 -11.70
N ALA B 25 -13.25 -29.64 -10.50
CA ALA B 25 -13.22 -31.01 -10.06
C ALA B 25 -14.37 -31.77 -10.74
N GLY B 26 -14.20 -31.99 -12.05
CA GLY B 26 -15.24 -32.57 -12.91
C GLY B 26 -15.90 -31.51 -13.76
N ARG B 27 -16.57 -31.95 -14.83
CA ARG B 27 -17.26 -31.08 -15.74
C ARG B 27 -18.28 -30.17 -15.03
N ARG B 28 -19.00 -30.69 -14.04
CA ARG B 28 -19.99 -29.87 -13.33
C ARG B 28 -19.66 -29.72 -11.83
N GLY B 29 -18.38 -29.90 -11.49
CA GLY B 29 -17.92 -29.82 -10.11
C GLY B 29 -17.19 -28.54 -9.77
N PRO B 30 -16.74 -28.42 -8.53
CA PRO B 30 -16.18 -27.14 -8.06
C PRO B 30 -14.73 -26.82 -8.57
N THR B 31 -14.40 -25.53 -8.57
CA THR B 31 -13.19 -24.99 -9.17
C THR B 31 -11.99 -25.37 -8.29
N LEU B 32 -10.84 -25.57 -8.92
CA LEU B 32 -9.62 -25.98 -8.22
C LEU B 32 -8.71 -24.81 -7.85
N LEU B 33 -8.24 -24.83 -6.61
CA LEU B 33 -7.27 -23.86 -6.15
C LEU B 33 -6.01 -23.87 -7.05
N GLU B 34 -5.74 -25.00 -7.69
CA GLU B 34 -4.55 -25.09 -8.53
C GLU B 34 -4.69 -24.46 -9.91
N ASP B 35 -5.83 -23.86 -10.21
CA ASP B 35 -5.95 -23.15 -11.49
C ASP B 35 -5.14 -21.85 -11.43
N TYR B 36 -3.82 -22.00 -11.63
CA TYR B 36 -2.90 -20.86 -11.52
C TYR B 36 -3.29 -19.78 -12.51
N GLN B 37 -3.71 -20.20 -13.71
CA GLN B 37 -4.04 -19.30 -14.81
C GLN B 37 -5.22 -18.40 -14.42
N LEU B 38 -6.26 -19.00 -13.86
CA LEU B 38 -7.46 -18.27 -13.43
C LEU B 38 -7.13 -17.27 -12.32
N ILE B 39 -6.38 -17.74 -11.32
CA ILE B 39 -6.12 -16.94 -10.12
C ILE B 39 -5.19 -15.78 -10.44
N GLU B 40 -4.15 -16.01 -11.25
CA GLU B 40 -3.30 -14.91 -11.69
C GLU B 40 -4.11 -13.85 -12.41
N LYS B 41 -5.00 -14.29 -13.28
CA LYS B 41 -5.89 -13.41 -14.04
C LYS B 41 -6.88 -12.62 -13.15
N ILE B 42 -7.67 -13.33 -12.35
CA ILE B 42 -8.63 -12.67 -11.46
C ILE B 42 -7.92 -11.81 -10.43
N ALA B 43 -6.79 -12.30 -9.93
CA ALA B 43 -6.08 -11.61 -8.86
C ALA B 43 -5.44 -10.32 -9.35
N HIS B 44 -5.12 -10.23 -10.64
CA HIS B 44 -4.58 -8.98 -11.18
C HIS B 44 -5.71 -8.00 -11.48
N PHE B 45 -6.80 -8.55 -12.00
CA PHE B 45 -8.05 -7.82 -12.19
C PHE B 45 -8.53 -7.21 -10.89
N ASP B 46 -8.34 -7.96 -9.78
CA ASP B 46 -8.78 -7.52 -8.44
C ASP B 46 -7.99 -6.32 -7.96
N ARG B 47 -6.86 -6.06 -8.63
CA ARG B 47 -5.84 -5.08 -8.20
C ARG B 47 -5.61 -3.94 -9.21
N GLU B 48 -6.46 -3.88 -10.24
CA GLU B 48 -6.36 -2.88 -11.33
C GLU B 48 -6.42 -1.46 -10.86
N ARG B 49 -7.27 -1.21 -9.87
CA ARG B 49 -7.53 0.14 -9.34
C ARG B 49 -6.54 0.68 -8.31
N VAL B 50 -6.32 1.99 -8.41
CA VAL B 50 -5.45 2.77 -7.55
C VAL B 50 -6.32 3.96 -7.10
N PRO B 51 -5.92 4.69 -6.04
CA PRO B 51 -6.72 5.84 -5.59
C PRO B 51 -6.86 6.91 -6.67
N GLU B 52 -8.04 7.55 -6.77
CA GLU B 52 -8.17 8.68 -7.69
C GLU B 52 -7.51 9.88 -7.02
N ARG B 53 -7.21 10.92 -7.81
CA ARG B 53 -6.70 12.20 -7.28
C ARG B 53 -7.63 12.75 -6.19
N VAL B 54 -7.05 13.19 -5.08
CA VAL B 54 -7.86 13.80 -4.00
C VAL B 54 -8.77 14.90 -4.54
N VAL B 55 -8.23 15.77 -5.40
CA VAL B 55 -9.06 16.70 -6.20
C VAL B 55 -8.60 16.58 -7.63
N HIS B 56 -9.41 17.08 -8.56
CA HIS B 56 -9.13 17.03 -10.01
C HIS B 56 -9.03 15.62 -10.54
N ALA B 57 -9.77 14.69 -9.92
CA ALA B 57 -9.78 13.29 -10.36
C ALA B 57 -10.34 13.13 -11.79
N ARG B 58 -11.33 13.93 -12.16
CA ARG B 58 -11.87 13.89 -13.52
C ARG B 58 -11.00 14.71 -14.50
N GLY B 59 -10.39 14.04 -15.46
CA GLY B 59 -9.45 14.70 -16.37
C GLY B 59 -9.21 14.03 -17.72
N PHE B 60 -8.43 14.72 -18.55
CA PHE B 60 -8.10 14.31 -19.92
C PHE B 60 -6.69 14.74 -20.24
N GLY B 61 -5.87 13.81 -20.74
CA GLY B 61 -4.47 14.12 -21.07
C GLY B 61 -4.12 13.90 -22.52
N ALA B 62 -3.16 14.70 -23.01
CA ALA B 62 -2.57 14.51 -24.35
C ALA B 62 -1.13 15.00 -24.45
N HIS B 63 -0.40 14.43 -25.43
CA HIS B 63 0.96 14.83 -25.76
C HIS B 63 1.06 15.96 -26.78
N GLY B 64 2.17 16.69 -26.70
CA GLY B 64 2.45 17.71 -27.68
C GLY B 64 3.79 18.38 -27.46
N VAL B 65 3.91 19.59 -28.00
CA VAL B 65 5.18 20.27 -28.12
C VAL B 65 4.98 21.72 -27.72
N PHE B 66 5.95 22.26 -27.00
CA PHE B 66 6.00 23.69 -26.76
C PHE B 66 7.11 24.31 -27.61
N LYS B 67 6.77 25.41 -28.28
CA LYS B 67 7.74 26.11 -29.12
C LYS B 67 7.98 27.54 -28.62
N VAL B 68 9.22 27.82 -28.25
CA VAL B 68 9.57 29.15 -27.81
C VAL B 68 9.76 30.12 -29.00
N LYS B 69 8.95 31.18 -28.99
CA LYS B 69 8.91 32.19 -30.01
C LYS B 69 9.87 33.34 -29.66
N ASN B 70 9.95 33.70 -28.37
CA ASN B 70 10.76 34.81 -27.89
C ASN B 70 11.63 34.37 -26.71
N SER B 71 12.94 34.55 -26.88
CA SER B 71 13.94 34.44 -25.81
C SER B 71 13.52 35.17 -24.53
N MET B 72 13.77 34.53 -23.39
CA MET B 72 13.37 35.04 -22.09
C MET B 72 14.61 35.24 -21.24
N LYS B 73 15.77 35.26 -21.90
CA LYS B 73 17.04 35.34 -21.21
C LYS B 73 17.18 36.57 -20.32
N LYS B 74 16.52 37.64 -20.71
CA LYS B 74 16.38 38.84 -19.88
C LYS B 74 15.92 38.53 -18.45
N TYR B 75 15.04 37.53 -18.31
CA TYR B 75 14.35 37.25 -17.04
C TYR B 75 14.70 35.92 -16.40
N THR B 76 15.01 34.93 -17.24
CA THR B 76 15.40 33.63 -16.71
C THR B 76 16.53 32.97 -17.50
N LYS B 77 17.33 32.23 -16.75
CA LYS B 77 18.41 31.45 -17.33
C LYS B 77 17.95 30.00 -17.60
N ALA B 78 16.65 29.71 -17.45
CA ALA B 78 16.06 28.43 -17.85
C ALA B 78 16.51 28.05 -19.26
N ALA B 79 17.18 26.89 -19.37
CA ALA B 79 17.84 26.45 -20.63
C ALA B 79 16.90 26.45 -21.84
N PHE B 80 15.69 25.91 -21.67
CA PHE B 80 14.79 25.82 -22.82
C PHE B 80 14.29 27.18 -23.35
N LEU B 81 14.39 28.23 -22.54
CA LEU B 81 13.81 29.53 -22.89
C LEU B 81 14.83 30.53 -23.48
N GLN B 82 16.07 30.09 -23.66
CA GLN B 82 17.17 30.93 -24.19
C GLN B 82 17.04 31.31 -25.68
N GLU B 83 16.58 30.37 -26.51
CA GLU B 83 16.66 30.51 -27.96
C GLU B 83 15.30 30.34 -28.62
N GLU B 84 14.92 31.36 -29.37
CA GLU B 84 13.76 31.29 -30.25
C GLU B 84 13.82 29.98 -31.06
N GLY B 85 12.71 29.27 -31.14
CA GLY B 85 12.63 28.06 -31.97
C GLY B 85 12.92 26.73 -31.31
N THR B 86 13.47 26.75 -30.11
CA THR B 86 13.66 25.49 -29.36
C THR B 86 12.30 24.87 -29.01
N GLU B 87 12.21 23.56 -29.20
CA GLU B 87 11.00 22.79 -29.00
C GLU B 87 11.19 21.81 -27.88
N VAL B 88 10.22 21.77 -26.97
CA VAL B 88 10.24 20.81 -25.87
C VAL B 88 8.99 19.93 -25.85
N PRO B 89 9.18 18.60 -25.68
CA PRO B 89 8.00 17.72 -25.54
C PRO B 89 7.19 18.10 -24.28
N VAL B 90 5.87 18.05 -24.40
CA VAL B 90 4.99 18.25 -23.25
C VAL B 90 3.93 17.15 -23.16
N PHE B 91 3.48 16.89 -21.93
CA PHE B 91 2.25 16.14 -21.68
C PHE B 91 1.31 17.08 -20.89
N ALA B 92 0.10 17.27 -21.39
CA ALA B 92 -0.85 18.13 -20.70
C ALA B 92 -2.02 17.33 -20.12
N ARG B 93 -2.55 17.78 -18.99
CA ARG B 93 -3.77 17.21 -18.45
C ARG B 93 -4.70 18.35 -18.02
N PHE B 94 -5.94 18.28 -18.48
CA PHE B 94 -6.98 19.21 -18.11
C PHE B 94 -8.00 18.44 -17.31
N SER B 95 -8.72 19.13 -16.45
CA SER B 95 -9.51 18.46 -15.42
C SER B 95 -10.58 19.35 -14.80
N THR B 96 -11.58 18.76 -14.16
CA THR B 96 -12.45 19.52 -13.27
C THR B 96 -11.80 19.44 -11.88
N VAL B 97 -12.54 19.72 -10.80
CA VAL B 97 -11.93 19.81 -9.48
C VAL B 97 -12.53 18.84 -8.45
N ILE B 98 -13.82 19.05 -8.17
CA ILE B 98 -14.42 18.53 -6.95
C ILE B 98 -14.88 17.09 -7.07
N HIS B 99 -15.57 16.75 -8.14
CA HIS B 99 -16.11 15.42 -8.22
C HIS B 99 -15.10 14.36 -8.74
N GLY B 100 -15.47 13.10 -8.62
CA GLY B 100 -14.59 11.98 -8.91
C GLY B 100 -14.57 11.51 -10.36
N THR B 101 -13.83 10.43 -10.57
CA THR B 101 -13.65 9.82 -11.87
C THR B 101 -15.06 9.63 -12.44
N HIS B 102 -15.22 9.85 -13.73
CA HIS B 102 -16.52 9.61 -14.42
C HIS B 102 -17.66 10.56 -14.00
N SER B 103 -17.28 11.61 -13.28
CA SER B 103 -18.11 12.74 -12.97
C SER B 103 -18.49 13.52 -14.26
N PRO B 104 -19.69 14.13 -14.31
CA PRO B 104 -19.93 14.88 -15.54
C PRO B 104 -18.90 16.01 -15.73
N GLU B 105 -18.64 16.30 -17.00
CA GLU B 105 -17.76 17.39 -17.36
C GLU B 105 -18.50 18.73 -17.54
N THR B 106 -19.79 18.75 -17.18
CA THR B 106 -20.67 19.92 -17.35
C THR B 106 -20.91 20.70 -16.07
N LEU B 107 -20.25 20.26 -15.00
CA LEU B 107 -20.36 20.88 -13.69
C LEU B 107 -19.53 22.15 -13.56
N ARG B 108 -20.02 23.05 -12.72
CA ARG B 108 -19.37 24.29 -12.36
C ARG B 108 -18.19 24.04 -11.43
N ASP B 109 -17.01 24.52 -11.81
CA ASP B 109 -15.75 24.19 -11.14
C ASP B 109 -14.69 24.97 -11.85
N PRO B 110 -13.61 25.31 -11.14
CA PRO B 110 -12.45 25.79 -11.90
C PRO B 110 -12.04 24.63 -12.81
N ARG B 111 -11.24 24.89 -13.85
CA ARG B 111 -10.74 23.80 -14.69
C ARG B 111 -9.24 23.79 -14.59
N GLY B 112 -8.69 22.63 -14.22
CA GLY B 112 -7.26 22.47 -14.10
C GLY B 112 -6.58 22.47 -15.47
N PHE B 113 -5.36 23.03 -15.49
CA PHE B 113 -4.57 23.22 -16.69
C PHE B 113 -3.14 22.86 -16.32
N SER B 114 -2.74 21.62 -16.56
CA SER B 114 -1.43 21.13 -16.12
C SER B 114 -0.58 20.77 -17.33
N VAL B 115 0.69 21.19 -17.31
CA VAL B 115 1.62 20.91 -18.41
C VAL B 115 3.01 20.52 -17.88
N LYS B 116 3.43 19.31 -18.25
CA LYS B 116 4.76 18.81 -17.93
C LYS B 116 5.69 19.07 -19.12
N PHE B 117 6.78 19.80 -18.86
CA PHE B 117 7.81 20.09 -19.88
C PHE B 117 9.00 19.20 -19.63
N TYR B 118 9.36 18.39 -20.61
CA TYR B 118 10.50 17.50 -20.46
C TYR B 118 11.69 18.18 -21.05
N THR B 119 12.44 18.83 -20.17
CA THR B 119 13.45 19.82 -20.53
C THR B 119 14.82 19.17 -20.51
N GLU B 120 15.77 19.76 -21.23
CA GLU B 120 17.17 19.34 -21.19
C GLU B 120 17.84 19.51 -19.79
N GLU B 121 17.24 20.33 -18.92
CA GLU B 121 17.72 20.48 -17.53
C GLU B 121 16.72 20.02 -16.47
N GLY B 122 15.91 19.01 -16.84
CA GLY B 122 14.86 18.48 -15.98
C GLY B 122 13.42 18.76 -16.38
N ASN B 123 12.49 18.18 -15.61
CA ASN B 123 11.07 18.48 -15.82
C ASN B 123 10.63 19.77 -15.13
N TRP B 124 9.85 20.57 -15.86
CA TRP B 124 9.12 21.67 -15.27
C TRP B 124 7.62 21.39 -15.39
N ASP B 125 6.90 21.55 -14.29
CA ASP B 125 5.46 21.43 -14.34
C ASP B 125 4.81 22.79 -14.22
N PHE B 126 4.02 23.17 -15.22
CA PHE B 126 2.99 24.19 -15.03
C PHE B 126 1.72 23.52 -14.49
N VAL B 127 1.23 24.00 -13.34
CA VAL B 127 0.01 23.43 -12.75
C VAL B 127 -0.89 24.61 -12.36
N GLY B 128 -1.77 25.02 -13.29
CA GLY B 128 -2.65 26.13 -13.06
C GLY B 128 -4.12 25.75 -13.25
N ASN B 129 -4.99 26.77 -13.23
CA ASN B 129 -6.42 26.60 -13.47
C ASN B 129 -6.75 27.59 -14.56
N ASN B 130 -7.91 27.47 -15.19
CA ASN B 130 -8.36 28.51 -16.11
C ASN B 130 -8.56 29.86 -15.43
N LEU B 131 -9.29 29.87 -14.32
CA LEU B 131 -9.58 31.12 -13.59
C LEU B 131 -8.29 31.67 -12.94
N PRO B 132 -8.13 33.02 -12.92
CA PRO B 132 -6.87 33.70 -12.60
C PRO B 132 -6.62 33.97 -11.11
N VAL B 133 -7.57 33.55 -10.26
CA VAL B 133 -7.45 33.73 -8.83
C VAL B 133 -7.92 32.47 -8.11
N PHE B 134 -7.69 32.40 -6.79
CA PHE B 134 -8.21 31.32 -5.97
C PHE B 134 -9.11 31.81 -4.82
N PHE B 135 -9.82 30.86 -4.21
CA PHE B 135 -10.75 31.16 -3.10
C PHE B 135 -10.05 31.57 -1.79
N ILE B 136 -8.80 31.17 -1.62
CA ILE B 136 -8.10 31.31 -0.33
C ILE B 136 -6.63 31.68 -0.57
N ARG B 137 -5.92 32.09 0.47
CA ARG B 137 -4.59 32.60 0.24
C ARG B 137 -3.46 31.94 1.02
N ASP B 138 -3.78 30.83 1.70
CA ASP B 138 -2.86 30.13 2.57
C ASP B 138 -3.23 28.63 2.52
N ALA B 139 -2.23 27.77 2.41
CA ALA B 139 -2.44 26.33 2.30
C ALA B 139 -3.18 25.73 3.52
N MET B 140 -3.06 26.38 4.68
CA MET B 140 -3.70 25.92 5.92
C MET B 140 -5.20 25.69 5.73
N LYS B 141 -5.81 26.41 4.79
CA LYS B 141 -7.27 26.36 4.64
C LYS B 141 -7.77 25.42 3.56
N PHE B 142 -6.87 24.78 2.80
CA PHE B 142 -7.25 24.03 1.59
C PHE B 142 -8.13 22.79 1.84
N PRO B 143 -7.72 21.96 2.82
CA PRO B 143 -8.53 20.80 3.17
C PRO B 143 -9.93 21.20 3.55
N ASP B 144 -10.04 22.24 4.37
CA ASP B 144 -11.33 22.78 4.78
C ASP B 144 -12.15 23.23 3.58
N MET B 145 -11.55 24.06 2.72
CA MET B 145 -12.25 24.55 1.55
C MET B 145 -12.76 23.35 0.75
N VAL B 146 -11.87 22.42 0.43
CA VAL B 146 -12.20 21.22 -0.34
C VAL B 146 -13.27 20.35 0.33
N HIS B 147 -13.18 20.18 1.64
CA HIS B 147 -14.23 19.47 2.40
C HIS B 147 -15.61 20.10 2.32
N SER B 148 -15.64 21.42 2.28
CA SER B 148 -16.89 22.15 2.24
C SER B 148 -17.53 22.03 0.83
N LEU B 149 -16.67 21.99 -0.19
CA LEU B 149 -17.12 21.88 -1.60
C LEU B 149 -17.41 20.44 -2.00
N LYS B 150 -16.68 19.49 -1.45
CA LYS B 150 -16.95 18.06 -1.70
C LYS B 150 -18.37 17.62 -1.31
N PRO B 151 -18.89 16.56 -1.95
CA PRO B 151 -20.15 15.98 -1.50
C PRO B 151 -20.24 15.91 0.01
N ASP B 152 -21.41 16.27 0.53
CA ASP B 152 -21.73 16.07 1.94
C ASP B 152 -21.34 14.63 2.26
N PRO B 153 -20.58 14.41 3.36
CA PRO B 153 -20.01 13.10 3.68
C PRO B 153 -21.00 12.06 4.21
N ARG B 154 -22.27 12.46 4.34
CA ARG B 154 -23.36 11.58 4.67
C ARG B 154 -24.22 11.29 3.42
N THR B 155 -24.58 12.33 2.67
CA THR B 155 -25.49 12.17 1.50
C THR B 155 -24.72 11.82 0.25
N ASN B 156 -23.41 12.06 0.25
CA ASN B 156 -22.61 11.93 -0.97
C ASN B 156 -23.07 12.87 -2.10
N ILE B 157 -23.62 14.03 -1.70
CA ILE B 157 -24.10 15.03 -2.66
C ILE B 157 -23.60 16.40 -2.26
N GLN B 158 -23.09 17.13 -3.25
CA GLN B 158 -22.57 18.47 -3.02
C GLN B 158 -23.71 19.36 -2.55
N ASP B 159 -23.43 20.21 -1.59
CA ASP B 159 -24.51 21.00 -1.02
C ASP B 159 -23.98 22.42 -0.81
N PRO B 160 -24.55 23.38 -1.54
CA PRO B 160 -24.19 24.79 -1.45
C PRO B 160 -24.33 25.36 -0.03
N ASP B 161 -25.20 24.77 0.77
CA ASP B 161 -25.37 25.22 2.15
C ASP B 161 -24.06 25.03 2.92
N ARG B 162 -23.28 24.02 2.53
CA ARG B 162 -22.03 23.68 3.20
C ARG B 162 -20.91 24.58 2.70
N TYR B 163 -20.73 24.66 1.38
CA TYR B 163 -19.66 25.48 0.81
C TYR B 163 -19.85 27.00 0.91
N TRP B 164 -21.10 27.46 0.91
CA TRP B 164 -21.38 28.88 1.21
C TRP B 164 -21.10 29.22 2.67
N ASP B 165 -21.30 28.25 3.56
CA ASP B 165 -20.93 28.42 4.97
C ASP B 165 -19.45 28.80 5.05
N PHE B 166 -18.57 27.90 4.62
CA PHE B 166 -17.13 28.15 4.56
C PHE B 166 -16.76 29.44 3.82
N MET B 167 -17.33 29.64 2.62
CA MET B 167 -16.93 30.76 1.77
C MET B 167 -17.26 32.11 2.38
N THR B 168 -18.49 32.27 2.85
CA THR B 168 -18.91 33.54 3.48
C THR B 168 -18.03 33.87 4.70
N LEU B 169 -17.66 32.84 5.46
CA LEU B 169 -16.84 33.00 6.67
C LEU B 169 -15.36 33.16 6.35
N ARG B 170 -15.01 32.94 5.08
CA ARG B 170 -13.68 33.21 4.61
C ARG B 170 -13.78 34.21 3.44
N PRO B 171 -14.07 35.49 3.78
CA PRO B 171 -14.47 36.48 2.76
C PRO B 171 -13.40 36.83 1.72
N GLU B 172 -12.15 36.40 1.92
CA GLU B 172 -11.13 36.51 0.86
C GLU B 172 -11.52 35.76 -0.42
N SER B 173 -12.52 34.88 -0.29
CA SER B 173 -13.03 34.06 -1.39
C SER B 173 -13.86 34.85 -2.39
N THR B 174 -14.25 36.07 -2.01
CA THR B 174 -15.22 36.85 -2.76
C THR B 174 -14.80 37.03 -4.23
N ASN B 175 -13.55 37.42 -4.45
CA ASN B 175 -13.01 37.59 -5.80
C ASN B 175 -13.17 36.36 -6.72
N MET B 176 -12.86 35.16 -6.21
CA MET B 176 -13.03 33.91 -6.95
C MET B 176 -14.49 33.61 -7.26
N LEU B 177 -15.36 33.85 -6.28
CA LEU B 177 -16.80 33.70 -6.46
C LEU B 177 -17.28 34.54 -7.65
N MET B 178 -16.78 35.78 -7.75
CA MET B 178 -17.07 36.65 -8.91
C MET B 178 -16.73 36.00 -10.25
N HIS B 179 -15.74 35.11 -10.25
CA HIS B 179 -15.25 34.53 -11.51
C HIS B 179 -16.00 33.26 -11.87
N ILE B 180 -16.14 32.42 -10.84
CA ILE B 180 -16.56 31.05 -10.93
C ILE B 180 -18.06 31.05 -11.23
N PHE B 181 -18.77 32.09 -10.77
CA PHE B 181 -20.21 32.17 -10.98
C PHE B 181 -20.63 32.97 -12.23
N THR B 182 -19.65 33.44 -13.01
CA THR B 182 -19.95 33.80 -14.40
C THR B 182 -20.14 32.49 -15.16
N ASP B 183 -20.37 32.57 -16.47
CA ASP B 183 -20.47 31.34 -17.25
C ASP B 183 -19.09 30.67 -17.42
N GLU B 184 -18.03 31.40 -17.07
CA GLU B 184 -16.68 30.82 -17.13
C GLU B 184 -16.48 29.73 -16.08
N GLY B 185 -17.44 29.63 -15.17
CA GLY B 185 -17.53 28.46 -14.29
C GLY B 185 -17.73 27.15 -15.05
N ILE B 186 -18.25 27.22 -16.28
CA ILE B 186 -18.44 26.01 -17.09
C ILE B 186 -17.89 26.16 -18.53
N PRO B 187 -16.57 25.97 -18.71
CA PRO B 187 -16.06 26.02 -20.07
C PRO B 187 -16.75 24.99 -21.00
N ALA B 188 -16.87 25.31 -22.29
CA ALA B 188 -17.51 24.40 -23.28
C ALA B 188 -16.64 23.20 -23.59
N SER B 189 -15.32 23.39 -23.45
CA SER B 189 -14.40 22.27 -23.43
C SER B 189 -13.01 22.70 -22.99
N TYR B 190 -12.18 21.70 -22.77
CA TYR B 190 -10.78 21.91 -22.42
C TYR B 190 -10.00 22.74 -23.45
N ARG B 191 -10.33 22.61 -24.74
CA ARG B 191 -9.60 23.32 -25.79
C ARG B 191 -10.13 24.75 -25.98
N LYS B 192 -11.23 25.08 -25.29
CA LYS B 192 -11.86 26.39 -25.42
C LYS B 192 -11.82 27.20 -24.10
N MET B 193 -10.68 27.10 -23.41
CA MET B 193 -10.46 27.75 -22.12
C MET B 193 -9.05 28.27 -22.00
N ARG B 194 -8.87 29.19 -21.08
CA ARG B 194 -7.57 29.78 -20.82
C ARG B 194 -6.90 29.00 -19.70
N GLY B 195 -5.65 29.39 -19.41
CA GLY B 195 -4.92 28.90 -18.23
C GLY B 195 -4.22 30.05 -17.51
N SER B 196 -4.05 29.89 -16.19
CA SER B 196 -3.49 30.95 -15.36
C SER B 196 -2.59 30.29 -14.34
N SER B 197 -1.40 30.87 -14.10
CA SER B 197 -0.57 30.32 -13.03
C SER B 197 -1.20 30.60 -11.65
N VAL B 198 -2.09 31.59 -11.62
CA VAL B 198 -2.72 32.12 -10.40
C VAL B 198 -1.65 32.75 -9.47
N HIS B 199 -0.67 31.95 -9.06
CA HIS B 199 0.45 32.42 -8.26
C HIS B 199 1.49 33.19 -9.07
N SER B 200 2.21 34.09 -8.41
CA SER B 200 3.42 34.56 -8.98
C SER B 200 4.47 33.50 -8.64
N PHE B 201 5.50 33.44 -9.47
CA PHE B 201 6.68 32.65 -9.25
C PHE B 201 7.86 33.59 -9.40
N LYS B 202 9.07 33.07 -9.25
CA LYS B 202 10.26 33.88 -9.42
C LYS B 202 11.08 33.35 -10.58
N TRP B 203 11.55 34.26 -11.41
CA TRP B 203 12.47 33.89 -12.47
C TRP B 203 13.76 34.61 -12.18
N VAL B 204 14.86 33.88 -12.31
CA VAL B 204 16.18 34.37 -11.98
C VAL B 204 17.00 34.23 -13.24
N ASN B 205 17.67 35.31 -13.67
CA ASN B 205 18.49 35.28 -14.88
C ASN B 205 19.95 34.91 -14.58
N ALA B 206 20.79 34.84 -15.62
CA ALA B 206 22.20 34.45 -15.49
C ALA B 206 23.01 35.30 -14.49
N HIS B 207 22.54 36.51 -14.21
CA HIS B 207 23.27 37.36 -13.27
C HIS B 207 22.77 37.32 -11.83
N GLY B 208 21.72 36.54 -11.59
CA GLY B 208 21.13 36.45 -10.26
C GLY B 208 20.08 37.50 -9.97
N ASN B 209 19.67 38.25 -10.99
CA ASN B 209 18.52 39.13 -10.84
C ASN B 209 17.22 38.35 -10.90
N THR B 210 16.33 38.61 -9.95
CA THR B 210 15.03 37.92 -9.93
C THR B 210 13.86 38.85 -10.16
N VAL B 211 12.86 38.39 -10.90
CA VAL B 211 11.60 39.14 -11.02
C VAL B 211 10.50 38.19 -10.63
N TYR B 212 9.36 38.74 -10.19
CA TYR B 212 8.13 37.97 -10.04
C TYR B 212 7.37 37.85 -11.35
N ILE B 213 6.93 36.64 -11.67
CA ILE B 213 6.25 36.45 -12.94
C ILE B 213 4.92 35.80 -12.69
N LYS B 214 3.97 36.08 -13.58
CA LYS B 214 2.74 35.32 -13.65
C LYS B 214 2.70 34.71 -15.07
N LEU B 215 2.05 33.54 -15.20
CA LEU B 215 1.95 32.81 -16.48
C LEU B 215 0.53 32.74 -16.98
N ARG B 216 0.40 32.84 -18.30
CA ARG B 216 -0.87 33.03 -18.98
C ARG B 216 -0.97 32.15 -20.23
N TRP B 217 -2.03 31.36 -20.32
CA TRP B 217 -2.33 30.58 -21.54
C TRP B 217 -3.57 31.12 -22.24
N VAL B 218 -3.45 31.43 -23.53
CA VAL B 218 -4.53 32.03 -24.35
C VAL B 218 -4.85 31.06 -25.48
N PRO B 219 -6.12 30.59 -25.55
CA PRO B 219 -6.41 29.54 -26.53
C PRO B 219 -6.67 30.09 -27.94
N LYS B 220 -6.06 29.45 -28.93
CA LYS B 220 -6.28 29.80 -30.34
C LYS B 220 -7.77 29.69 -30.66
N GLU B 221 -8.40 28.62 -30.16
CA GLU B 221 -9.85 28.38 -30.25
C GLU B 221 -10.75 29.40 -29.53
N GLY B 222 -10.18 30.29 -28.72
CA GLY B 222 -10.99 31.25 -27.97
C GLY B 222 -11.58 30.65 -26.68
N VAL B 223 -11.99 31.52 -25.77
CA VAL B 223 -12.69 31.11 -24.57
C VAL B 223 -14.18 30.96 -24.91
N HIS B 224 -14.72 29.75 -24.75
CA HIS B 224 -16.14 29.52 -24.97
C HIS B 224 -16.76 28.78 -23.78
N ASN B 225 -17.87 29.32 -23.29
CA ASN B 225 -18.49 28.82 -22.10
C ASN B 225 -19.91 28.32 -22.39
N LEU B 226 -20.51 27.70 -21.37
CA LEU B 226 -21.87 27.23 -21.39
C LEU B 226 -22.60 27.90 -20.26
N SER B 227 -23.84 28.33 -20.52
CA SER B 227 -24.74 28.82 -19.48
C SER B 227 -25.25 27.61 -18.72
N ALA B 228 -25.98 27.83 -17.62
CA ALA B 228 -26.48 26.72 -16.82
C ALA B 228 -27.43 25.77 -17.58
N ASP B 229 -28.33 26.34 -18.38
CA ASP B 229 -29.27 25.55 -19.19
C ASP B 229 -28.57 24.80 -20.31
N GLU B 230 -27.58 25.43 -20.94
CA GLU B 230 -26.77 24.76 -21.95
C GLU B 230 -26.04 23.57 -21.32
N ALA B 231 -25.49 23.79 -20.12
CA ALA B 231 -24.75 22.74 -19.42
C ALA B 231 -25.67 21.58 -19.05
N THR B 232 -26.89 21.89 -18.62
CA THR B 232 -27.93 20.89 -18.36
C THR B 232 -28.27 20.05 -19.61
N GLU B 233 -28.49 20.72 -20.74
CA GLU B 233 -28.73 20.04 -22.01
C GLU B 233 -27.57 19.14 -22.41
N VAL B 234 -26.34 19.63 -22.33
CA VAL B 234 -25.19 18.80 -22.68
C VAL B 234 -25.09 17.58 -21.72
N GLN B 235 -25.26 17.83 -20.42
CA GLN B 235 -25.14 16.79 -19.40
C GLN B 235 -26.02 15.55 -19.63
N GLY B 236 -27.24 15.76 -20.11
CA GLY B 236 -28.17 14.67 -20.36
C GLY B 236 -27.75 13.74 -21.47
N LYS B 237 -27.08 14.30 -22.47
CA LYS B 237 -26.62 13.59 -23.66
C LYS B 237 -25.19 12.98 -23.53
N ASP B 238 -24.28 13.70 -22.86
CA ASP B 238 -22.88 13.30 -22.78
C ASP B 238 -22.23 13.76 -21.45
N PHE B 239 -21.91 12.82 -20.57
CA PHE B 239 -21.21 13.14 -19.31
C PHE B 239 -19.68 13.13 -19.47
N ASN B 240 -19.23 12.85 -20.69
CA ASN B 240 -17.81 12.93 -21.04
C ASN B 240 -17.53 13.95 -22.14
N HIS B 241 -18.29 15.04 -22.21
CA HIS B 241 -18.29 15.85 -23.43
C HIS B 241 -16.95 16.50 -23.72
N ALA B 242 -16.28 16.97 -22.68
CA ALA B 242 -15.05 17.74 -22.87
C ALA B 242 -13.90 16.85 -23.29
N SER B 243 -13.77 15.70 -22.63
CA SER B 243 -12.84 14.64 -23.01
C SER B 243 -13.10 14.17 -24.43
N ASN B 244 -14.37 13.92 -24.74
CA ASN B 244 -14.83 13.48 -26.06
C ASN B 244 -14.37 14.48 -27.12
N ASP B 245 -14.72 15.76 -26.91
CA ASP B 245 -14.45 16.83 -27.86
C ASP B 245 -12.95 17.07 -28.10
N THR B 246 -12.16 17.06 -27.03
CA THR B 246 -10.72 17.30 -27.14
C THR B 246 -10.01 16.10 -27.79
N PHE B 247 -10.44 14.88 -27.45
CA PHE B 247 -9.85 13.68 -28.07
C PHE B 247 -10.15 13.66 -29.57
N GLN B 248 -11.40 13.94 -29.94
CA GLN B 248 -11.77 13.98 -31.36
C GLN B 248 -11.03 15.09 -32.14
N ALA B 249 -10.93 16.29 -31.59
CA ALA B 249 -10.17 17.36 -32.24
C ALA B 249 -8.75 16.92 -32.62
N ILE B 250 -8.05 16.32 -31.67
CA ILE B 250 -6.70 15.86 -31.91
C ILE B 250 -6.67 14.74 -32.96
N GLU B 251 -7.63 13.81 -32.85
CA GLU B 251 -7.70 12.66 -33.72
C GLU B 251 -8.01 13.06 -35.16
N ASN B 252 -8.79 14.12 -35.32
CA ASN B 252 -9.12 14.70 -36.63
C ASN B 252 -8.05 15.63 -37.20
N GLY B 253 -7.01 15.93 -36.42
CA GLY B 253 -5.94 16.82 -36.86
C GLY B 253 -6.22 18.29 -36.62
N ASP B 254 -7.23 18.58 -35.80
CA ASP B 254 -7.51 19.95 -35.41
C ASP B 254 -6.90 20.19 -34.01
N PHE B 255 -5.58 20.37 -34.00
CA PHE B 255 -4.84 20.38 -32.76
C PHE B 255 -5.12 21.59 -31.88
N PRO B 256 -5.55 21.36 -30.63
CA PRO B 256 -5.66 22.48 -29.70
C PRO B 256 -4.30 23.21 -29.53
N GLU B 257 -4.33 24.54 -29.62
CA GLU B 257 -3.14 25.33 -29.41
C GLU B 257 -3.34 26.42 -28.39
N TRP B 258 -2.30 26.70 -27.62
CA TRP B 258 -2.33 27.85 -26.75
C TRP B 258 -1.05 28.65 -26.90
N ASP B 259 -1.18 29.98 -26.83
CA ASP B 259 -0.02 30.84 -26.62
C ASP B 259 0.25 31.07 -25.14
N LEU B 260 1.53 30.91 -24.77
CA LEU B 260 2.01 31.24 -23.43
C LEU B 260 2.49 32.70 -23.33
N PHE B 261 1.97 33.41 -22.34
CA PHE B 261 2.40 34.75 -22.05
C PHE B 261 2.90 34.82 -20.61
N VAL B 262 3.74 35.82 -20.33
CA VAL B 262 4.29 36.07 -19.03
C VAL B 262 4.12 37.53 -18.68
N GLN B 263 3.84 37.78 -17.41
CA GLN B 263 3.74 39.11 -16.81
C GLN B 263 4.88 39.23 -15.81
N VAL B 264 5.53 40.39 -15.79
CA VAL B 264 6.74 40.63 -14.99
C VAL B 264 6.59 41.83 -14.07
N LEU B 265 6.86 41.59 -12.79
CA LEU B 265 6.78 42.60 -11.76
C LEU B 265 8.08 42.60 -10.99
N ASP B 266 8.73 43.76 -10.92
CA ASP B 266 10.01 43.85 -10.24
C ASP B 266 9.74 43.74 -8.74
N PRO B 267 10.56 42.96 -8.03
CA PRO B 267 10.35 42.86 -6.57
C PRO B 267 10.32 44.22 -5.83
N ALA B 268 10.98 45.24 -6.40
CA ALA B 268 10.94 46.57 -5.77
C ALA B 268 9.63 47.32 -5.91
N ASP B 269 8.68 46.79 -6.68
CA ASP B 269 7.37 47.45 -6.86
C ASP B 269 6.19 46.83 -6.12
N VAL B 270 6.43 45.79 -5.33
CA VAL B 270 5.32 45.02 -4.70
C VAL B 270 4.41 45.82 -3.72
N GLU B 271 4.93 46.91 -3.17
CA GLU B 271 4.18 47.72 -2.20
C GLU B 271 3.29 48.75 -2.91
N ASN B 272 3.40 48.78 -4.23
CA ASN B 272 2.82 49.83 -5.07
C ASN B 272 1.33 49.67 -5.43
N PHE B 273 0.70 48.63 -4.91
CA PHE B 273 -0.68 48.32 -5.31
C PHE B 273 -1.62 48.41 -4.11
N ASP B 274 -2.93 48.37 -4.36
CA ASP B 274 -3.89 48.35 -3.26
C ASP B 274 -4.13 46.90 -2.80
N PHE B 275 -3.32 45.98 -3.32
CA PHE B 275 -3.35 44.57 -2.95
C PHE B 275 -1.91 44.04 -2.79
N ASP B 276 -1.74 42.97 -2.00
CA ASP B 276 -0.50 42.20 -1.96
C ASP B 276 -0.36 41.30 -3.20
N PRO B 277 0.64 41.60 -4.05
CA PRO B 277 0.75 40.87 -5.33
C PRO B 277 0.95 39.35 -5.22
N LEU B 278 1.29 38.89 -4.00
CA LEU B 278 1.53 37.50 -3.63
C LEU B 278 0.30 36.81 -2.99
N ASP B 279 -0.79 37.55 -2.87
CA ASP B 279 -2.09 37.06 -2.43
C ASP B 279 -2.75 36.37 -3.64
N ALA B 280 -2.97 35.06 -3.53
CA ALA B 280 -3.56 34.23 -4.60
C ALA B 280 -5.05 34.54 -4.87
N THR B 281 -5.65 35.39 -4.04
CA THR B 281 -7.00 35.90 -4.31
C THR B 281 -6.94 37.12 -5.21
N LYS B 282 -5.74 37.53 -5.57
CA LYS B 282 -5.52 38.73 -6.41
C LYS B 282 -5.06 38.44 -7.86
N ASP B 283 -5.71 39.13 -8.81
CA ASP B 283 -5.35 39.09 -10.22
C ASP B 283 -4.39 40.24 -10.50
N TRP B 284 -3.61 40.07 -11.57
CA TRP B 284 -2.75 41.12 -12.11
C TRP B 284 -3.35 41.46 -13.45
N PHE B 285 -4.12 42.53 -13.49
CA PHE B 285 -4.86 42.87 -14.69
C PHE B 285 -3.91 43.13 -15.85
N GLU B 286 -4.30 42.69 -17.06
CA GLU B 286 -3.44 42.88 -18.24
C GLU B 286 -3.11 44.33 -18.49
N ASP B 287 -4.05 45.22 -18.16
CA ASP B 287 -3.84 46.66 -18.30
C ASP B 287 -2.97 47.27 -17.21
N VAL B 288 -2.75 46.56 -16.10
CA VAL B 288 -1.77 47.04 -15.13
C VAL B 288 -0.35 46.45 -15.38
N ILE B 289 -0.26 45.15 -15.64
CA ILE B 289 1.01 44.53 -16.01
C ILE B 289 0.83 43.81 -17.35
N PRO B 290 1.56 44.27 -18.40
CA PRO B 290 1.34 43.73 -19.75
C PRO B 290 1.72 42.25 -19.88
N PHE B 291 1.02 41.53 -20.76
CA PHE B 291 1.36 40.15 -21.11
C PHE B 291 2.51 40.17 -22.12
N GLN B 292 3.53 39.33 -21.95
CA GLN B 292 4.60 39.25 -22.97
C GLN B 292 4.72 37.85 -23.56
N HIS B 293 4.55 37.77 -24.88
CA HIS B 293 4.52 36.50 -25.58
C HIS B 293 5.75 35.69 -25.31
N VAL B 294 5.55 34.40 -25.01
CA VAL B 294 6.67 33.49 -24.77
C VAL B 294 6.76 32.45 -25.90
N GLY B 295 5.67 31.76 -26.17
CA GLY B 295 5.65 30.75 -27.22
C GLY B 295 4.27 30.17 -27.38
N THR B 296 4.21 29.03 -28.07
CA THR B 296 2.95 28.33 -28.25
C THR B 296 3.03 26.81 -27.95
N MET B 297 1.96 26.29 -27.36
CA MET B 297 1.84 24.87 -27.15
C MET B 297 0.87 24.30 -28.17
N THR B 298 1.25 23.19 -28.79
CA THR B 298 0.36 22.44 -29.68
C THR B 298 0.19 21.03 -29.14
N LEU B 299 -1.06 20.59 -28.98
CA LEU B 299 -1.34 19.23 -28.56
C LEU B 299 -1.76 18.40 -29.79
N ASN B 300 -0.88 17.49 -30.20
CA ASN B 300 -1.02 16.82 -31.47
C ASN B 300 -1.09 15.29 -31.42
N LYS B 301 -1.09 14.71 -30.23
CA LYS B 301 -1.06 13.26 -30.13
C LYS B 301 -1.81 12.78 -28.89
N ASN B 302 -2.85 12.02 -29.13
CA ASN B 302 -3.59 11.43 -28.04
C ASN B 302 -2.70 10.40 -27.34
N VAL B 303 -3.10 10.03 -26.13
CA VAL B 303 -2.44 8.98 -25.41
C VAL B 303 -2.63 7.64 -26.14
N ASP B 304 -1.69 6.72 -25.96
CA ASP B 304 -1.93 5.30 -26.30
C ASP B 304 -2.72 4.61 -25.21
N ASN B 305 -2.48 4.99 -23.94
CA ASN B 305 -3.16 4.36 -22.84
C ASN B 305 -3.42 5.34 -21.72
N TYR B 306 -4.71 5.55 -21.41
CA TYR B 306 -5.16 6.48 -20.40
C TYR B 306 -4.59 6.20 -19.00
N PHE B 307 -4.67 4.94 -18.58
CA PHE B 307 -4.23 4.59 -17.25
C PHE B 307 -2.75 4.92 -17.03
N ALA B 308 -1.91 4.49 -17.97
CA ALA B 308 -0.47 4.63 -17.81
C ALA B 308 0.00 6.06 -18.08
N GLU B 309 -0.83 6.85 -18.74
CA GLU B 309 -0.41 8.18 -19.12
C GLU B 309 -1.15 9.21 -18.30
N THR B 310 -2.41 9.48 -18.66
CA THR B 310 -3.24 10.46 -17.98
C THR B 310 -3.47 10.16 -16.49
N GLU B 311 -3.73 8.90 -16.14
CA GLU B 311 -4.04 8.59 -14.75
C GLU B 311 -2.79 8.66 -13.86
N SER B 312 -1.66 8.16 -14.37
CA SER B 312 -0.43 7.95 -13.62
C SER B 312 0.55 9.14 -13.66
N VAL B 313 0.29 10.12 -14.50
CA VAL B 313 1.12 11.32 -14.44
C VAL B 313 0.93 12.01 -13.09
N GLY B 314 2.03 12.55 -12.54
CA GLY B 314 1.97 13.49 -11.44
C GLY B 314 2.64 14.80 -11.79
N PHE B 315 1.96 15.92 -11.45
CA PHE B 315 2.55 17.25 -11.61
C PHE B 315 2.72 17.95 -10.25
N ASN B 316 3.68 18.87 -10.17
CA ASN B 316 3.86 19.71 -8.97
C ASN B 316 4.34 21.09 -9.40
N PRO B 317 3.63 22.16 -9.00
CA PRO B 317 4.08 23.50 -9.44
C PRO B 317 5.48 23.90 -8.92
N GLY B 318 5.93 23.22 -7.87
CA GLY B 318 7.23 23.45 -7.30
C GLY B 318 8.28 22.56 -7.94
N VAL B 319 7.87 21.81 -8.97
CA VAL B 319 8.83 21.07 -9.80
C VAL B 319 9.27 22.05 -10.91
N LEU B 320 10.41 22.72 -10.66
CA LEU B 320 10.86 23.84 -11.50
C LEU B 320 12.24 23.58 -12.03
N VAL B 321 12.61 24.20 -13.14
CA VAL B 321 13.96 24.07 -13.68
C VAL B 321 14.85 25.22 -13.22
N PRO B 322 16.19 25.05 -13.30
CA PRO B 322 17.04 26.20 -12.95
C PRO B 322 16.65 27.43 -13.75
N GLY B 323 16.62 28.59 -13.08
CA GLY B 323 16.09 29.81 -13.67
C GLY B 323 14.74 30.16 -13.08
N MET B 324 14.18 29.22 -12.29
CA MET B 324 12.83 29.30 -11.73
C MET B 324 12.79 28.92 -10.25
N LEU B 325 12.02 29.68 -9.48
CA LEU B 325 11.86 29.47 -8.06
C LEU B 325 10.45 29.80 -7.64
N PRO B 326 9.96 29.20 -6.54
CA PRO B 326 8.61 29.53 -6.07
C PRO B 326 8.59 30.91 -5.39
N SER B 327 7.44 31.58 -5.43
CA SER B 327 7.26 32.81 -4.69
C SER B 327 6.89 32.44 -3.27
N GLU B 328 7.01 33.42 -2.37
CA GLU B 328 6.58 33.22 -0.99
C GLU B 328 5.04 33.19 -0.77
N ASP B 329 4.24 33.26 -1.84
CA ASP B 329 2.78 32.98 -1.82
C ASP B 329 2.43 31.82 -0.91
N LYS B 330 1.67 32.09 0.15
CA LYS B 330 1.39 31.08 1.19
C LYS B 330 0.48 29.96 0.69
N LEU B 331 -0.31 30.24 -0.34
CA LEU B 331 -1.06 29.16 -0.96
C LEU B 331 -0.10 28.22 -1.74
N LEU B 332 0.73 28.81 -2.59
CA LEU B 332 1.70 28.08 -3.40
C LEU B 332 2.64 27.24 -2.54
N GLN B 333 3.03 27.79 -1.39
CA GLN B 333 3.97 27.15 -0.47
C GLN B 333 3.59 25.74 0.01
N GLY B 334 2.32 25.56 0.39
CA GLY B 334 1.81 24.26 0.78
C GLY B 334 1.73 23.33 -0.41
N ARG B 335 1.43 23.86 -1.59
CA ARG B 335 1.40 23.05 -2.82
C ARG B 335 2.77 22.44 -3.16
N LEU B 336 3.85 23.17 -2.89
CA LEU B 336 5.19 22.61 -3.12
C LEU B 336 5.34 21.23 -2.47
N PHE B 337 4.86 21.10 -1.22
CA PHE B 337 4.90 19.85 -0.48
C PHE B 337 3.88 18.85 -0.99
N SER B 338 2.64 19.30 -1.09
CA SER B 338 1.45 18.43 -1.22
C SER B 338 1.39 17.50 -2.45
N TYR B 339 1.67 18.03 -3.63
CA TYR B 339 1.57 17.26 -4.89
C TYR B 339 2.42 16.00 -4.91
N SER B 340 3.71 16.14 -4.64
CA SER B 340 4.64 15.03 -4.59
C SER B 340 4.33 14.13 -3.40
N ASP B 341 3.78 14.73 -2.33
CA ASP B 341 3.42 13.96 -1.15
C ASP B 341 2.30 12.98 -1.46
N THR B 342 1.22 13.50 -2.04
CA THR B 342 0.08 12.67 -2.40
C THR B 342 0.41 11.62 -3.47
N GLN B 343 1.24 11.99 -4.45
CA GLN B 343 1.69 11.08 -5.51
C GLN B 343 2.51 9.87 -4.98
N ARG B 344 3.34 10.09 -3.98
CA ARG B 344 4.01 8.99 -3.30
C ARG B 344 3.00 7.93 -2.81
N HIS B 345 1.83 8.40 -2.39
CA HIS B 345 0.75 7.52 -1.92
C HIS B 345 -0.10 7.01 -3.08
N ARG B 346 -0.58 7.94 -3.92
CA ARG B 346 -1.47 7.61 -5.03
C ARG B 346 -0.81 6.78 -6.17
N ILE B 347 0.43 7.11 -6.51
CA ILE B 347 1.06 6.43 -7.62
C ILE B 347 2.08 5.43 -7.09
N GLY B 348 2.91 5.89 -6.15
CA GLY B 348 3.90 5.02 -5.54
C GLY B 348 5.19 5.74 -5.23
N PRO B 349 5.95 5.25 -4.22
CA PRO B 349 7.23 5.85 -3.89
C PRO B 349 8.17 6.08 -5.07
N ASN B 350 8.11 5.20 -6.06
CA ASN B 350 8.98 5.31 -7.24
C ASN B 350 8.20 5.87 -8.45
N TYR B 351 7.21 6.73 -8.18
CA TYR B 351 6.35 7.28 -9.23
C TYR B 351 7.13 8.01 -10.32
N GLN B 352 8.22 8.68 -9.94
CA GLN B 352 9.11 9.34 -10.91
C GLN B 352 9.82 8.41 -11.91
N GLN B 353 9.71 7.09 -11.69
CA GLN B 353 10.34 6.09 -12.57
C GLN B 353 9.42 5.67 -13.73
N LEU B 354 8.14 5.97 -13.62
CA LEU B 354 7.17 5.63 -14.68
C LEU B 354 7.39 6.46 -15.93
N PRO B 355 7.30 5.84 -17.13
CA PRO B 355 7.49 6.51 -18.44
C PRO B 355 6.90 7.92 -18.61
N ILE B 356 5.66 8.11 -18.15
CA ILE B 356 5.00 9.40 -18.24
C ILE B 356 5.62 10.44 -17.28
N ASN B 357 6.22 9.99 -16.17
CA ASN B 357 6.85 10.94 -15.25
C ASN B 357 8.36 11.14 -15.42
N CYS B 358 8.96 10.19 -16.13
CA CYS B 358 10.40 10.15 -16.30
C CYS B 358 10.93 11.39 -17.03
N PRO B 359 12.00 12.02 -16.51
CA PRO B 359 12.63 13.18 -17.19
C PRO B 359 13.17 12.84 -18.58
N PHE B 360 13.30 13.85 -19.45
CA PHE B 360 14.12 13.69 -20.66
C PHE B 360 15.61 13.58 -20.27
N ALA B 361 16.04 14.51 -19.42
CA ALA B 361 17.39 14.55 -18.89
C ALA B 361 17.66 13.28 -18.07
N GLN B 362 18.90 12.83 -18.04
CA GLN B 362 19.20 11.61 -17.31
C GLN B 362 19.13 11.85 -15.82
N VAL B 363 18.72 10.84 -15.08
CA VAL B 363 18.65 10.86 -13.63
C VAL B 363 19.82 10.09 -13.05
N ASN B 364 20.65 10.77 -12.27
CA ASN B 364 21.85 10.19 -11.68
C ASN B 364 22.00 10.66 -10.25
N ASN B 365 21.72 9.78 -9.30
CA ASN B 365 21.89 10.15 -7.91
C ASN B 365 22.02 8.95 -7.02
N TYR B 366 21.94 9.21 -5.72
CA TYR B 366 22.23 8.21 -4.69
C TYR B 366 21.02 7.60 -3.99
N GLN B 367 19.80 7.98 -4.42
CA GLN B 367 18.57 7.36 -3.93
C GLN B 367 18.45 5.88 -4.36
N ARG B 368 17.85 5.03 -3.52
CA ARG B 368 17.76 3.61 -3.75
C ARG B 368 16.46 2.97 -3.26
N ASP B 369 16.15 1.81 -3.81
CA ASP B 369 15.13 0.91 -3.26
C ASP B 369 13.71 1.50 -3.40
N GLY B 370 12.86 1.27 -2.41
CA GLY B 370 11.45 1.63 -2.54
C GLY B 370 10.70 0.62 -3.41
N ALA B 371 9.40 0.47 -3.16
CA ALA B 371 8.57 -0.52 -3.81
C ALA B 371 8.61 -0.39 -5.34
N MET B 372 8.71 -1.53 -6.00
CA MET B 372 8.70 -1.63 -7.45
C MET B 372 9.85 -0.83 -8.06
N PRO B 373 11.11 -1.25 -7.73
CA PRO B 373 12.29 -0.51 -8.11
C PRO B 373 12.72 -0.81 -9.55
N PHE B 374 11.84 -0.55 -10.51
CA PHE B 374 12.11 -0.84 -11.93
C PHE B 374 13.40 -0.26 -12.49
N LYS B 375 13.69 0.97 -12.11
CA LYS B 375 14.82 1.73 -12.63
C LYS B 375 15.89 1.88 -11.58
N GLN B 376 15.95 0.93 -10.66
CA GLN B 376 17.02 0.89 -9.65
C GLN B 376 18.37 1.23 -10.26
N GLN B 377 19.06 2.22 -9.69
CA GLN B 377 20.45 2.49 -10.07
C GLN B 377 21.32 1.44 -9.41
N THR B 378 22.11 0.71 -10.20
CA THR B 378 22.87 -0.44 -9.66
C THR B 378 24.22 -0.17 -9.00
N SER B 379 24.82 0.99 -9.22
CA SER B 379 26.10 1.26 -8.58
C SER B 379 26.03 1.07 -7.06
N SER B 380 27.02 0.39 -6.49
CA SER B 380 27.04 0.11 -5.06
C SER B 380 27.46 1.34 -4.25
N VAL B 381 28.01 2.34 -4.94
CA VAL B 381 28.28 3.64 -4.33
C VAL B 381 26.97 4.41 -4.23
N ASN B 382 26.27 4.22 -3.10
CA ASN B 382 24.96 4.87 -2.90
C ASN B 382 24.97 6.03 -1.86
N TYR B 383 26.16 6.57 -1.59
CA TYR B 383 26.36 7.65 -0.60
C TYR B 383 27.26 8.70 -1.25
N GLU B 384 27.09 9.96 -0.84
CA GLU B 384 27.90 11.08 -1.32
C GLU B 384 28.12 12.01 -0.13
N PRO B 385 29.34 12.56 0.05
CA PRO B 385 30.58 12.46 -0.74
C PRO B 385 31.17 11.06 -0.77
N ASN B 386 31.90 10.76 -1.83
CA ASN B 386 32.60 9.49 -1.96
C ASN B 386 33.94 9.71 -2.71
N ARG B 387 34.73 8.64 -2.87
CA ARG B 387 36.11 8.75 -3.37
C ARG B 387 36.25 8.69 -4.89
N TYR B 388 35.15 8.38 -5.57
CA TYR B 388 35.19 8.04 -7.00
C TYR B 388 34.84 9.22 -7.86
N GLN B 389 35.72 9.53 -8.80
CA GLN B 389 35.52 10.68 -9.67
C GLN B 389 34.46 10.47 -10.76
N ASP B 390 34.11 9.21 -11.03
CA ASP B 390 33.14 8.87 -12.06
C ASP B 390 31.70 8.83 -11.53
N GLU B 391 31.53 8.87 -10.21
CA GLU B 391 30.17 8.81 -9.65
C GLU B 391 29.50 10.19 -9.69
N PRO B 392 28.15 10.26 -9.60
CA PRO B 392 27.48 11.56 -9.76
C PRO B 392 28.02 12.62 -8.82
N LYS B 393 28.35 13.79 -9.35
CA LYS B 393 28.82 14.90 -8.53
C LYS B 393 27.91 16.15 -8.65
N GLN B 394 27.90 16.95 -7.59
CA GLN B 394 27.16 18.23 -7.61
C GLN B 394 27.84 19.24 -8.54
N THR B 395 27.04 20.17 -9.09
CA THR B 395 27.51 21.13 -10.07
C THR B 395 27.19 22.52 -9.54
N PRO B 396 28.06 23.09 -8.67
CA PRO B 396 27.78 24.31 -7.85
C PRO B 396 27.15 25.52 -8.58
N GLU B 397 27.37 25.62 -9.89
CA GLU B 397 26.73 26.66 -10.69
C GLU B 397 25.20 26.51 -10.66
N TYR B 398 24.73 25.30 -10.37
CA TYR B 398 23.27 25.06 -10.35
C TYR B 398 22.61 25.33 -9.00
N THR B 399 23.40 25.74 -8.01
CA THR B 399 22.89 26.01 -6.68
C THR B 399 21.87 27.12 -6.76
N GLU B 400 20.72 26.91 -6.13
CA GLU B 400 19.68 27.92 -6.12
C GLU B 400 20.15 29.12 -5.33
N ASP B 401 20.11 30.27 -5.99
CA ASP B 401 20.57 31.53 -5.43
C ASP B 401 19.79 31.90 -4.17
N THR B 402 20.47 32.62 -3.28
CA THR B 402 19.85 33.12 -2.07
C THR B 402 18.75 34.11 -2.46
N GLN B 403 17.74 34.23 -1.60
CA GLN B 403 16.68 35.21 -1.82
C GLN B 403 16.54 36.07 -0.55
N PRO B 404 15.84 37.21 -0.63
CA PRO B 404 15.71 38.05 0.56
C PRO B 404 14.73 37.57 1.64
N LEU B 405 15.07 37.87 2.88
CA LEU B 405 14.13 37.81 3.99
C LEU B 405 13.82 39.25 4.37
N HIS B 406 12.63 39.52 4.87
CA HIS B 406 12.21 40.90 5.10
C HIS B 406 11.57 41.14 6.47
N ASP B 407 11.67 40.17 7.36
CA ASP B 407 11.05 40.31 8.67
C ASP B 407 12.07 39.90 9.72
N ASP B 408 11.81 40.25 10.98
CA ASP B 408 12.71 39.85 12.06
C ASP B 408 12.08 38.79 12.97
N ILE B 409 10.93 38.29 12.55
CA ILE B 409 10.27 37.19 13.26
C ILE B 409 9.74 36.16 12.28
N HIS B 410 9.68 34.91 12.75
CA HIS B 410 8.87 33.90 12.09
C HIS B 410 7.75 33.43 13.03
N GLY B 411 6.60 33.06 12.43
CA GLY B 411 5.43 32.59 13.17
C GLY B 411 4.21 32.64 12.28
N ARG B 412 3.03 32.49 12.88
CA ARG B 412 1.75 32.52 12.14
C ARG B 412 1.25 33.95 12.01
N LEU B 413 1.43 34.53 10.82
CA LEU B 413 1.39 36.00 10.65
C LEU B 413 0.67 36.38 9.36
N GLU B 414 -0.61 36.74 9.48
CA GLU B 414 -1.46 37.05 8.34
C GLU B 414 -0.96 38.29 7.62
N ILE B 415 -0.89 38.22 6.29
CA ILE B 415 -0.53 39.38 5.47
C ILE B 415 -1.42 40.59 5.81
N GLU B 416 -0.86 41.79 5.67
CA GLU B 416 -1.56 43.00 6.14
C GLU B 416 -2.59 43.62 5.19
N LYS B 417 -2.28 43.78 3.91
CA LYS B 417 -3.32 44.32 3.02
C LYS B 417 -4.13 43.22 2.33
N THR B 418 -5.20 42.82 3.00
CA THR B 418 -6.02 41.71 2.56
C THR B 418 -6.90 42.12 1.39
N ASN B 419 -7.41 43.35 1.43
CA ASN B 419 -8.27 43.89 0.37
C ASN B 419 -9.21 42.79 -0.19
N ASN B 420 -10.05 42.23 0.69
CA ASN B 420 -10.91 41.09 0.37
C ASN B 420 -12.05 41.37 -0.63
N PHE B 421 -12.42 42.65 -0.74
CA PHE B 421 -13.62 43.11 -1.45
C PHE B 421 -13.35 44.08 -2.59
N GLY B 422 -12.23 44.79 -2.49
CA GLY B 422 -11.91 45.87 -3.41
C GLY B 422 -11.67 45.35 -4.79
N GLN B 423 -10.68 44.47 -4.94
CA GLN B 423 -10.41 43.88 -6.27
C GLN B 423 -11.61 43.12 -6.84
N ALA B 424 -12.30 42.36 -5.98
CA ALA B 424 -13.56 41.71 -6.35
C ALA B 424 -14.53 42.72 -6.99
N GLY B 425 -14.57 43.92 -6.42
CA GLY B 425 -15.40 45.00 -6.95
C GLY B 425 -15.01 45.37 -8.36
N GLU B 426 -13.71 45.64 -8.55
CA GLU B 426 -13.16 45.97 -9.89
C GLU B 426 -13.40 44.88 -10.93
N VAL B 427 -13.29 43.62 -10.50
CA VAL B 427 -13.55 42.49 -11.39
C VAL B 427 -14.98 42.56 -11.85
N TYR B 428 -15.90 42.79 -10.93
CA TYR B 428 -17.31 42.92 -11.31
C TYR B 428 -17.53 44.08 -12.28
N ARG B 429 -16.94 45.22 -11.96
CA ARG B 429 -17.05 46.43 -12.77
C ARG B 429 -16.34 46.33 -14.12
N ARG B 430 -15.36 45.42 -14.24
CA ARG B 430 -14.71 45.12 -15.54
C ARG B 430 -15.54 44.22 -16.46
N MET B 431 -16.57 43.58 -15.92
CA MET B 431 -17.41 42.66 -16.69
C MET B 431 -18.31 43.38 -17.69
N THR B 432 -18.61 42.72 -18.80
CA THR B 432 -19.70 43.18 -19.66
C THR B 432 -21.04 43.03 -18.90
N GLU B 433 -22.08 43.65 -19.44
CA GLU B 433 -23.43 43.56 -18.88
C GLU B 433 -24.00 42.14 -18.94
N GLU B 434 -23.69 41.41 -20.02
CA GLU B 434 -24.09 40.02 -20.17
C GLU B 434 -23.38 39.15 -19.12
N GLU B 435 -22.07 39.32 -18.94
CA GLU B 435 -21.33 38.65 -17.86
C GLU B 435 -21.95 38.96 -16.51
N GLN B 436 -22.29 40.24 -16.28
CA GLN B 436 -22.94 40.64 -15.03
C GLN B 436 -24.32 40.03 -14.78
N MET B 437 -25.11 39.86 -15.84
CA MET B 437 -26.43 39.21 -15.74
C MET B 437 -26.26 37.71 -15.43
N ALA B 438 -25.41 37.04 -16.20
CA ALA B 438 -25.04 35.63 -15.95
C ALA B 438 -24.57 35.41 -14.51
N LEU B 439 -23.66 36.27 -14.04
CA LEU B 439 -23.17 36.17 -12.66
C LEU B 439 -24.33 36.20 -11.66
N LEU B 440 -25.26 37.13 -11.87
CA LEU B 440 -26.39 37.32 -10.96
C LEU B 440 -27.30 36.10 -11.02
N ASN B 441 -27.62 35.64 -12.23
CA ASN B 441 -28.44 34.46 -12.38
C ASN B 441 -27.84 33.26 -11.66
N ASN B 442 -26.54 33.05 -11.83
CA ASN B 442 -25.86 31.88 -11.27
C ASN B 442 -25.76 31.93 -9.74
N LEU B 443 -25.36 33.08 -9.20
CA LEU B 443 -25.33 33.31 -7.76
C LEU B 443 -26.70 33.10 -7.12
N VAL B 444 -27.75 33.63 -7.76
CA VAL B 444 -29.09 33.54 -7.21
C VAL B 444 -29.53 32.09 -7.22
N ASN B 445 -29.40 31.42 -8.36
CA ASN B 445 -29.66 29.97 -8.41
C ASN B 445 -28.92 29.18 -7.31
N ASP B 446 -27.67 29.57 -7.03
CA ASP B 446 -26.88 28.90 -5.99
C ASP B 446 -27.30 29.26 -4.57
N LEU B 447 -27.57 30.54 -4.34
CA LEU B 447 -27.92 30.99 -2.99
C LEU B 447 -29.35 30.65 -2.56
N GLN B 448 -30.23 30.34 -3.51
CA GLN B 448 -31.57 29.84 -3.21
C GLN B 448 -31.53 28.44 -2.62
N GLN B 449 -30.38 27.78 -2.76
CA GLN B 449 -30.19 26.41 -2.23
C GLN B 449 -29.50 26.42 -0.85
N VAL B 450 -29.09 27.60 -0.38
CA VAL B 450 -28.58 27.72 0.98
C VAL B 450 -29.78 27.72 1.97
N ARG B 451 -29.66 27.05 3.11
CA ARG B 451 -30.82 26.79 3.98
C ARG B 451 -30.69 27.52 5.33
N HIS B 452 -29.67 28.35 5.45
CA HIS B 452 -29.41 29.08 6.67
C HIS B 452 -29.43 30.56 6.31
N GLU B 453 -30.33 31.32 6.96
CA GLU B 453 -30.51 32.74 6.63
C GLU B 453 -29.21 33.58 6.83
N ASN B 454 -28.48 33.30 7.90
CA ASN B 454 -27.27 34.07 8.21
C ASN B 454 -26.17 33.99 7.12
N THR B 455 -26.05 32.82 6.51
CA THR B 455 -25.11 32.61 5.43
C THR B 455 -25.51 33.41 4.19
N VAL B 456 -26.80 33.35 3.81
CA VAL B 456 -27.28 34.14 2.67
C VAL B 456 -27.03 35.66 2.89
N LEU B 457 -27.36 36.15 4.07
CA LEU B 457 -27.07 37.52 4.47
C LEU B 457 -25.58 37.85 4.37
N LEU B 458 -24.73 36.95 4.87
CA LEU B 458 -23.29 37.17 4.81
C LEU B 458 -22.79 37.26 3.37
N ALA B 459 -23.27 36.33 2.53
CA ALA B 459 -22.91 36.28 1.12
C ALA B 459 -23.28 37.59 0.46
N ILE B 460 -24.53 38.02 0.65
CA ILE B 460 -25.03 39.28 0.10
C ILE B 460 -24.21 40.50 0.57
N CYS B 461 -23.94 40.58 1.88
CA CYS B 461 -23.04 41.60 2.43
C CYS B 461 -21.61 41.54 1.85
N ASN B 462 -21.09 40.34 1.63
CA ASN B 462 -19.78 40.21 1.04
C ASN B 462 -19.77 40.77 -0.39
N PHE B 463 -20.80 40.45 -1.17
CA PHE B 463 -20.87 41.01 -2.53
C PHE B 463 -21.12 42.53 -2.55
N TYR B 464 -22.03 42.99 -1.68
CA TYR B 464 -22.29 44.42 -1.49
C TYR B 464 -21.01 45.23 -1.25
N ARG B 465 -20.15 44.74 -0.36
CA ARG B 465 -18.88 45.41 -0.04
C ARG B 465 -17.97 45.59 -1.25
N ALA B 466 -18.07 44.65 -2.18
CA ALA B 466 -17.33 44.69 -3.44
C ALA B 466 -17.96 45.69 -4.40
N ASP B 467 -19.26 45.53 -4.59
CA ASP B 467 -20.02 46.42 -5.45
C ASP B 467 -21.45 46.57 -4.94
N ALA B 468 -21.82 47.81 -4.62
CA ALA B 468 -23.13 48.11 -4.06
C ALA B 468 -24.30 47.65 -4.95
N SER B 469 -24.29 48.00 -6.23
CA SER B 469 -25.38 47.55 -7.13
C SER B 469 -25.53 46.02 -7.27
N LEU B 470 -24.43 45.27 -7.24
CA LEU B 470 -24.51 43.80 -7.15
C LEU B 470 -25.17 43.37 -5.84
N GLY B 471 -24.72 43.98 -4.74
CA GLY B 471 -25.32 43.71 -3.43
C GLY B 471 -26.82 43.96 -3.41
N GLU B 472 -27.25 45.05 -4.04
CA GLU B 472 -28.68 45.39 -4.10
C GLU B 472 -29.45 44.40 -4.99
N LYS B 473 -28.90 44.13 -6.16
CA LYS B 473 -29.54 43.20 -7.10
C LYS B 473 -29.75 41.81 -6.47
N LEU B 474 -28.70 41.30 -5.83
CA LEU B 474 -28.81 40.07 -5.05
C LEU B 474 -29.88 40.16 -3.94
N SER B 475 -29.86 41.25 -3.19
CA SER B 475 -30.80 41.48 -2.10
C SER B 475 -32.25 41.43 -2.57
N GLU B 476 -32.53 42.12 -3.69
CA GLU B 476 -33.86 42.19 -4.29
C GLU B 476 -34.32 40.80 -4.75
N ALA B 477 -33.42 40.12 -5.48
CA ALA B 477 -33.72 38.82 -6.06
C ALA B 477 -33.86 37.70 -5.02
N LEU B 478 -33.30 37.91 -3.83
CA LEU B 478 -33.22 36.83 -2.83
C LEU B 478 -34.38 36.36 -1.93
N ASN B 479 -35.32 37.17 -1.39
CA ASN B 479 -35.38 38.61 -1.21
C ASN B 479 -34.96 38.86 0.25
N VAL B 480 -33.80 39.46 0.46
CA VAL B 480 -33.24 39.57 1.80
C VAL B 480 -32.87 41.02 2.06
N ASP B 481 -33.34 41.57 3.18
CA ASP B 481 -33.08 42.98 3.49
C ASP B 481 -31.72 43.17 4.14
N ILE B 482 -30.86 43.89 3.44
CA ILE B 482 -29.50 44.18 3.91
C ILE B 482 -29.37 45.57 4.50
N LYS B 483 -30.41 46.39 4.35
CA LYS B 483 -30.39 47.77 4.82
C LYS B 483 -30.04 47.88 6.31
N PRO B 484 -30.76 47.12 7.19
CA PRO B 484 -30.48 47.17 8.64
C PRO B 484 -29.00 46.99 8.97
N PHE B 485 -28.25 46.39 8.04
CA PHE B 485 -26.81 46.25 8.13
C PHE B 485 -26.21 47.13 7.03
N LYS C 6 -14.53 -21.03 24.64
CA LYS C 6 -14.33 -20.15 23.45
C LYS C 6 -14.34 -20.92 22.14
N LYS C 7 -15.27 -20.58 21.26
CA LYS C 7 -15.34 -21.16 19.92
C LYS C 7 -14.34 -20.50 18.97
N LEU C 8 -13.57 -21.32 18.25
CA LEU C 8 -12.70 -20.88 17.18
C LEU C 8 -13.56 -20.41 16.00
N THR C 9 -13.25 -19.24 15.43
CA THR C 9 -14.05 -18.64 14.35
C THR C 9 -13.22 -18.06 13.19
N THR C 10 -13.78 -18.07 11.98
CA THR C 10 -13.27 -17.20 10.88
C THR C 10 -13.39 -15.70 11.28
N ASN C 11 -12.72 -14.83 10.52
CA ASN C 11 -12.88 -13.38 10.71
C ASN C 11 -14.32 -12.89 10.51
N GLN C 12 -15.19 -13.80 10.06
CA GLN C 12 -16.61 -13.51 9.79
C GLN C 12 -17.48 -13.91 10.97
N GLY C 13 -16.89 -14.46 12.02
CA GLY C 13 -17.67 -14.88 13.18
C GLY C 13 -18.36 -16.22 12.98
N VAL C 14 -17.96 -16.97 11.96
CA VAL C 14 -18.50 -18.33 11.75
C VAL C 14 -17.63 -19.32 12.53
N PRO C 15 -18.24 -20.12 13.43
CA PRO C 15 -17.55 -21.10 14.19
C PRO C 15 -16.92 -22.13 13.25
N ILE C 16 -15.63 -22.43 13.45
CA ILE C 16 -14.88 -23.42 12.68
C ILE C 16 -15.07 -24.87 13.22
N GLY C 17 -15.55 -25.77 12.34
CA GLY C 17 -15.66 -27.19 12.65
C GLY C 17 -14.34 -27.95 12.62
N ASP C 18 -13.51 -27.72 11.61
CA ASP C 18 -12.29 -28.50 11.40
C ASP C 18 -11.15 -27.58 11.00
N ASN C 19 -10.28 -27.30 11.95
CA ASN C 19 -9.11 -26.45 11.76
C ASN C 19 -7.87 -27.20 11.30
N GLN C 20 -8.03 -28.45 10.87
CA GLN C 20 -6.85 -29.25 10.54
C GLN C 20 -6.84 -29.77 9.09
N ASN C 21 -8.00 -29.74 8.42
CA ASN C 21 -8.06 -30.29 7.06
C ASN C 21 -8.61 -29.33 6.04
N SER C 22 -7.92 -29.25 4.90
CA SER C 22 -8.38 -28.50 3.74
C SER C 22 -9.57 -29.23 3.12
N ARG C 23 -10.43 -28.48 2.45
CA ARG C 23 -11.48 -29.10 1.68
C ARG C 23 -10.90 -29.45 0.29
N THR C 24 -10.98 -30.73 -0.05
CA THR C 24 -10.33 -31.27 -1.23
C THR C 24 -11.35 -32.01 -2.06
N ALA C 25 -11.06 -32.17 -3.36
CA ALA C 25 -11.93 -32.93 -4.25
C ALA C 25 -11.62 -34.41 -4.08
N GLY C 26 -12.04 -34.95 -2.94
CA GLY C 26 -11.69 -36.30 -2.57
C GLY C 26 -10.67 -36.32 -1.46
N ARG C 27 -10.51 -37.51 -0.89
CA ARG C 27 -9.72 -37.69 0.32
C ARG C 27 -8.27 -37.53 -0.02
N ARG C 28 -7.93 -37.85 -1.26
CA ARG C 28 -6.55 -37.66 -1.75
C ARG C 28 -6.54 -36.78 -3.00
N GLY C 29 -7.56 -35.93 -3.10
CA GLY C 29 -7.76 -35.04 -4.25
C GLY C 29 -7.28 -33.62 -3.99
N PRO C 30 -7.27 -32.78 -5.04
CA PRO C 30 -6.85 -31.37 -5.09
C PRO C 30 -7.77 -30.44 -4.27
N THR C 31 -7.17 -29.43 -3.66
CA THR C 31 -7.88 -28.45 -2.84
C THR C 31 -8.85 -27.52 -3.61
N LEU C 32 -9.99 -27.25 -2.99
CA LEU C 32 -11.08 -26.47 -3.56
C LEU C 32 -10.96 -24.96 -3.32
N LEU C 33 -11.14 -24.17 -4.38
CA LEU C 33 -11.12 -22.71 -4.27
C LEU C 33 -12.23 -22.18 -3.34
N GLU C 34 -13.30 -22.95 -3.18
CA GLU C 34 -14.36 -22.62 -2.24
C GLU C 34 -14.00 -22.85 -0.76
N ASP C 35 -12.81 -23.37 -0.47
CA ASP C 35 -12.37 -23.42 0.94
C ASP C 35 -12.09 -22.01 1.50
N TYR C 36 -13.15 -21.31 1.91
CA TYR C 36 -13.09 -19.91 2.34
C TYR C 36 -12.28 -19.77 3.60
N GLN C 37 -12.52 -20.69 4.54
CA GLN C 37 -11.78 -20.74 5.79
C GLN C 37 -10.26 -20.85 5.56
N LEU C 38 -9.87 -21.76 4.65
CA LEU C 38 -8.45 -21.94 4.30
C LEU C 38 -7.87 -20.68 3.68
N ILE C 39 -8.59 -20.14 2.70
CA ILE C 39 -8.10 -18.98 1.96
C ILE C 39 -8.07 -17.72 2.81
N GLU C 40 -9.09 -17.49 3.66
CA GLU C 40 -9.03 -16.37 4.60
C GLU C 40 -7.78 -16.45 5.51
N LYS C 41 -7.59 -17.62 6.11
CA LYS C 41 -6.52 -17.89 7.06
C LYS C 41 -5.11 -17.71 6.43
N ILE C 42 -4.89 -18.35 5.28
CA ILE C 42 -3.64 -18.25 4.55
C ILE C 42 -3.42 -16.81 4.01
N ALA C 43 -4.45 -16.23 3.40
CA ALA C 43 -4.32 -14.86 2.88
C ALA C 43 -3.97 -13.84 3.96
N HIS C 44 -4.54 -13.99 5.17
CA HIS C 44 -4.17 -13.09 6.27
C HIS C 44 -2.72 -13.33 6.71
N PHE C 45 -2.41 -14.60 6.92
CA PHE C 45 -1.03 -15.03 7.14
C PHE C 45 -0.11 -14.42 6.10
N ASP C 46 -0.55 -14.42 4.84
CA ASP C 46 0.22 -13.84 3.72
C ASP C 46 0.52 -12.31 3.84
N ARG C 47 -0.18 -11.65 4.75
CA ARG C 47 -0.18 -10.21 4.84
C ARG C 47 0.26 -9.75 6.23
N GLU C 48 0.82 -10.65 7.02
CA GLU C 48 1.16 -10.32 8.40
C GLU C 48 2.16 -9.18 8.50
N ARG C 49 3.11 -9.15 7.56
CA ARG C 49 4.30 -8.27 7.64
C ARG C 49 4.11 -6.88 7.06
N VAL C 50 4.81 -5.93 7.69
CA VAL C 50 4.84 -4.53 7.27
C VAL C 50 6.31 -4.11 7.12
N PRO C 51 6.59 -2.97 6.48
CA PRO C 51 8.01 -2.62 6.34
C PRO C 51 8.62 -2.34 7.71
N GLU C 52 9.91 -2.66 7.86
CA GLU C 52 10.59 -2.35 9.11
C GLU C 52 11.00 -0.88 9.05
N ARG C 53 11.34 -0.32 10.20
CA ARG C 53 11.86 1.03 10.26
C ARG C 53 13.10 1.17 9.38
N VAL C 54 13.17 2.25 8.59
CA VAL C 54 14.26 2.38 7.62
C VAL C 54 15.60 2.38 8.37
N VAL C 55 15.55 2.92 9.61
CA VAL C 55 16.62 2.82 10.60
C VAL C 55 15.99 2.50 11.96
N HIS C 56 16.79 1.89 12.85
CA HIS C 56 16.40 1.47 14.20
C HIS C 56 15.36 0.36 14.16
N ALA C 57 15.42 -0.48 13.13
CA ALA C 57 14.44 -1.54 12.98
C ALA C 57 14.47 -2.41 14.22
N ARG C 58 15.67 -2.59 14.77
CA ARG C 58 15.84 -3.54 15.87
C ARG C 58 15.65 -2.79 17.17
N GLY C 59 14.80 -3.35 18.03
CA GLY C 59 14.35 -2.64 19.21
C GLY C 59 13.50 -3.43 20.19
N PHE C 60 13.21 -2.76 21.32
CA PHE C 60 12.47 -3.32 22.42
C PHE C 60 11.61 -2.21 23.02
N GLY C 61 10.35 -2.51 23.35
CA GLY C 61 9.46 -1.53 23.99
C GLY C 61 8.88 -1.94 25.34
N ALA C 62 8.47 -0.94 26.14
CA ALA C 62 7.68 -1.22 27.34
C ALA C 62 6.99 0.05 27.89
N HIS C 63 5.91 -0.19 28.65
CA HIS C 63 5.11 0.86 29.26
C HIS C 63 5.70 1.25 30.61
N GLY C 64 5.36 2.45 31.07
CA GLY C 64 5.81 2.90 32.36
C GLY C 64 5.20 4.21 32.74
N VAL C 65 5.87 4.93 33.62
CA VAL C 65 5.33 6.18 34.14
C VAL C 65 6.45 7.22 34.21
N PHE C 66 6.12 8.48 33.97
CA PHE C 66 7.04 9.56 34.28
C PHE C 66 6.51 10.38 35.43
N LYS C 67 7.35 10.56 36.44
CA LYS C 67 6.97 11.32 37.63
C LYS C 67 7.77 12.61 37.64
N VAL C 68 7.10 13.76 37.52
CA VAL C 68 7.85 14.99 37.62
C VAL C 68 8.16 15.31 39.09
N LYS C 69 9.44 15.54 39.36
CA LYS C 69 9.92 15.85 40.70
C LYS C 69 10.02 17.36 40.95
N ASN C 70 10.45 18.10 39.93
CA ASN C 70 10.66 19.54 40.07
C ASN C 70 9.83 20.30 39.04
N SER C 71 9.15 21.36 39.50
CA SER C 71 8.34 22.19 38.61
C SER C 71 9.18 22.96 37.61
N MET C 72 8.74 23.00 36.36
CA MET C 72 9.50 23.64 35.29
C MET C 72 8.90 24.97 34.80
N LYS C 73 7.93 25.48 35.58
CA LYS C 73 7.30 26.78 35.37
C LYS C 73 8.24 27.88 34.86
N LYS C 74 9.44 27.95 35.45
CA LYS C 74 10.47 28.94 35.09
C LYS C 74 10.71 28.99 33.59
N TYR C 75 10.78 27.81 32.98
CA TYR C 75 11.32 27.65 31.62
C TYR C 75 10.27 27.35 30.55
N THR C 76 9.17 26.75 30.96
CA THR C 76 8.16 26.27 30.01
C THR C 76 6.74 26.30 30.58
N LYS C 77 5.77 26.52 29.70
CA LYS C 77 4.40 26.48 30.12
C LYS C 77 3.78 25.08 29.97
N ALA C 78 4.59 24.10 29.56
CA ALA C 78 4.10 22.74 29.33
C ALA C 78 3.32 22.21 30.54
N ALA C 79 2.04 21.87 30.33
CA ALA C 79 1.11 21.56 31.44
C ALA C 79 1.59 20.49 32.43
N PHE C 80 2.12 19.37 31.92
CA PHE C 80 2.52 18.23 32.75
C PHE C 80 3.73 18.54 33.64
N LEU C 81 4.45 19.58 33.26
CA LEU C 81 5.68 20.02 33.91
C LEU C 81 5.44 21.16 34.94
N GLN C 82 4.18 21.53 35.14
CA GLN C 82 3.85 22.66 36.02
C GLN C 82 3.90 22.34 37.55
N GLU C 83 3.55 21.12 37.91
CA GLU C 83 3.40 20.72 39.30
C GLU C 83 4.19 19.48 39.63
N GLU C 84 4.98 19.55 40.69
CA GLU C 84 5.68 18.39 41.24
C GLU C 84 4.66 17.30 41.58
N GLY C 85 5.04 16.05 41.32
CA GLY C 85 4.18 14.93 41.63
C GLY C 85 3.30 14.45 40.49
N THR C 86 3.04 15.29 39.49
CA THR C 86 2.22 14.84 38.33
C THR C 86 2.85 13.62 37.62
N GLU C 87 2.01 12.67 37.25
CA GLU C 87 2.43 11.41 36.63
C GLU C 87 1.85 11.32 35.23
N VAL C 88 2.70 10.95 34.28
CA VAL C 88 2.26 10.78 32.90
C VAL C 88 2.61 9.36 32.45
N PRO C 89 1.63 8.64 31.85
CA PRO C 89 1.95 7.33 31.29
C PRO C 89 2.92 7.52 30.12
N VAL C 90 3.86 6.59 29.98
CA VAL C 90 4.81 6.64 28.87
C VAL C 90 4.93 5.30 28.15
N PHE C 91 5.51 5.34 26.96
CA PHE C 91 5.87 4.13 26.25
C PHE C 91 7.23 4.39 25.61
N ALA C 92 8.17 3.50 25.88
CA ALA C 92 9.53 3.71 25.48
C ALA C 92 9.92 2.64 24.50
N ARG C 93 10.77 3.01 23.55
CA ARG C 93 11.40 2.02 22.70
C ARG C 93 12.87 2.35 22.60
N PHE C 94 13.68 1.32 22.78
CA PHE C 94 15.13 1.42 22.68
C PHE C 94 15.53 0.59 21.48
N SER C 95 16.67 0.92 20.87
CA SER C 95 17.04 0.40 19.56
C SER C 95 18.53 0.50 19.21
N THR C 96 18.95 -0.40 18.31
CA THR C 96 20.17 -0.20 17.55
C THR C 96 19.81 0.67 16.31
N VAL C 97 20.71 0.78 15.33
CA VAL C 97 20.46 1.73 14.25
C VAL C 97 20.46 1.12 12.84
N ILE C 98 21.53 0.44 12.47
CA ILE C 98 21.81 0.14 11.06
C ILE C 98 21.12 -1.15 10.56
N HIS C 99 21.33 -2.25 11.26
CA HIS C 99 20.81 -3.54 10.82
C HIS C 99 19.33 -3.77 11.14
N GLY C 100 18.76 -4.78 10.51
CA GLY C 100 17.31 -4.94 10.50
C GLY C 100 16.75 -5.61 11.73
N THR C 101 15.53 -6.09 11.56
CA THR C 101 14.82 -6.87 12.55
C THR C 101 15.61 -8.20 12.82
N HIS C 102 15.77 -8.58 14.09
CA HIS C 102 16.48 -9.82 14.48
C HIS C 102 18.01 -9.78 14.31
N SER C 103 18.50 -8.61 13.92
CA SER C 103 19.88 -8.17 14.05
C SER C 103 20.42 -8.43 15.47
N PRO C 104 21.65 -8.98 15.59
CA PRO C 104 22.30 -9.01 16.90
C PRO C 104 22.28 -7.67 17.63
N GLU C 105 21.97 -7.70 18.92
CA GLU C 105 22.02 -6.51 19.79
C GLU C 105 23.42 -6.18 20.41
N THR C 106 24.43 -6.89 19.93
CA THR C 106 25.81 -6.76 20.38
C THR C 106 26.64 -5.96 19.40
N LEU C 107 26.00 -5.49 18.32
CA LEU C 107 26.70 -4.68 17.30
C LEU C 107 27.03 -3.25 17.76
N ARG C 108 28.09 -2.67 17.20
CA ARG C 108 28.46 -1.30 17.50
C ARG C 108 27.51 -0.34 16.75
N ASP C 109 26.84 0.50 17.52
CA ASP C 109 25.87 1.45 16.99
C ASP C 109 25.52 2.44 18.10
N PRO C 110 25.05 3.64 17.73
CA PRO C 110 24.37 4.38 18.77
C PRO C 110 23.16 3.55 19.19
N ARG C 111 22.56 3.87 20.33
CA ARG C 111 21.33 3.22 20.77
C ARG C 111 20.24 4.25 20.91
N GLY C 112 19.10 3.96 20.29
CA GLY C 112 17.97 4.85 20.31
C GLY C 112 17.32 4.88 21.67
N PHE C 113 16.75 6.02 21.98
CA PHE C 113 16.13 6.20 23.26
C PHE C 113 14.89 7.04 23.00
N SER C 114 13.75 6.38 22.87
CA SER C 114 12.50 7.06 22.50
C SER C 114 11.39 6.89 23.53
N VAL C 115 10.76 8.01 23.87
CA VAL C 115 9.73 8.06 24.90
C VAL C 115 8.54 8.89 24.46
N LYS C 116 7.37 8.26 24.44
CA LYS C 116 6.15 8.96 24.11
C LYS C 116 5.46 9.29 25.42
N PHE C 117 5.21 10.57 25.66
CA PHE C 117 4.52 11.02 26.88
C PHE C 117 3.10 11.31 26.52
N TYR C 118 2.15 10.57 27.11
CA TYR C 118 0.71 10.81 26.86
C TYR C 118 0.16 11.86 27.81
N THR C 119 0.20 13.09 27.33
CA THR C 119 -0.02 14.30 28.14
C THR C 119 -1.47 14.83 28.05
N GLU C 120 -1.89 15.48 29.13
CA GLU C 120 -3.15 16.24 29.22
C GLU C 120 -3.35 17.24 28.06
N GLU C 121 -2.24 17.70 27.46
CA GLU C 121 -2.34 18.61 26.31
C GLU C 121 -1.72 18.01 25.04
N GLY C 122 -1.75 16.69 24.93
CA GLY C 122 -1.30 16.03 23.72
C GLY C 122 -0.09 15.16 23.89
N ASN C 123 0.26 14.41 22.85
CA ASN C 123 1.46 13.58 22.94
C ASN C 123 2.74 14.38 22.73
N TRP C 124 3.76 14.01 23.50
CA TRP C 124 5.12 14.52 23.30
C TRP C 124 6.07 13.35 23.15
N ASP C 125 6.82 13.34 22.05
CA ASP C 125 7.83 12.32 21.79
C ASP C 125 9.22 12.88 22.07
N PHE C 126 9.92 12.23 22.98
CA PHE C 126 11.34 12.41 23.13
C PHE C 126 11.92 11.35 22.23
N VAL C 127 12.79 11.75 21.32
CA VAL C 127 13.45 10.80 20.42
C VAL C 127 14.93 11.12 20.39
N GLY C 128 15.70 10.43 21.23
CA GLY C 128 17.14 10.61 21.33
C GLY C 128 17.94 9.32 21.20
N ASN C 129 19.27 9.44 21.31
CA ASN C 129 20.18 8.29 21.34
C ASN C 129 20.91 8.31 22.69
N ASN C 130 21.66 7.25 23.00
CA ASN C 130 22.50 7.27 24.20
C ASN C 130 23.59 8.33 24.10
N LEU C 131 24.26 8.33 22.95
CA LEU C 131 25.39 9.21 22.69
C LEU C 131 24.96 10.66 22.54
N PRO C 132 25.72 11.60 23.11
CA PRO C 132 25.33 13.04 23.18
C PRO C 132 25.51 13.90 21.91
N VAL C 133 26.11 13.34 20.88
CA VAL C 133 26.34 14.09 19.63
C VAL C 133 26.00 13.21 18.42
N PHE C 134 26.09 13.78 17.21
CA PHE C 134 25.83 13.03 15.97
C PHE C 134 26.88 13.25 14.85
N PHE C 135 26.93 12.35 13.87
CA PHE C 135 27.96 12.36 12.83
C PHE C 135 27.90 13.59 11.92
N ILE C 136 26.69 14.13 11.74
CA ILE C 136 26.47 15.22 10.76
C ILE C 136 25.65 16.34 11.36
N ARG C 137 25.52 17.46 10.65
CA ARG C 137 24.74 18.59 11.19
C ARG C 137 23.62 19.12 10.31
N ASP C 138 23.37 18.43 9.20
CA ASP C 138 22.32 18.83 8.30
C ASP C 138 21.62 17.59 7.76
N ALA C 139 20.29 17.57 7.88
CA ALA C 139 19.45 16.49 7.35
C ALA C 139 19.74 16.10 5.89
N MET C 140 20.17 17.08 5.08
CA MET C 140 20.57 16.84 3.70
C MET C 140 21.53 15.62 3.56
N LYS C 141 22.34 15.39 4.58
CA LYS C 141 23.36 14.34 4.54
C LYS C 141 22.94 12.99 5.11
N PHE C 142 21.79 12.94 5.77
CA PHE C 142 21.33 11.72 6.46
C PHE C 142 21.18 10.46 5.58
N PRO C 143 20.52 10.56 4.40
CA PRO C 143 20.44 9.36 3.55
C PRO C 143 21.82 8.85 3.10
N ASP C 144 22.71 9.76 2.73
CA ASP C 144 24.10 9.44 2.41
C ASP C 144 24.81 8.73 3.56
N MET C 145 24.75 9.32 4.75
CA MET C 145 25.37 8.73 5.94
C MET C 145 24.83 7.33 6.24
N VAL C 146 23.51 7.18 6.20
CA VAL C 146 22.87 5.88 6.42
C VAL C 146 23.32 4.90 5.34
N HIS C 147 23.26 5.30 4.07
CA HIS C 147 23.67 4.41 2.98
C HIS C 147 25.14 3.94 3.12
N SER C 148 25.99 4.77 3.71
CA SER C 148 27.40 4.40 3.85
C SER C 148 27.58 3.35 4.94
N LEU C 149 26.81 3.50 6.03
CA LEU C 149 26.84 2.59 7.18
C LEU C 149 26.06 1.30 6.94
N LYS C 150 25.02 1.39 6.11
CA LYS C 150 24.19 0.25 5.75
C LYS C 150 24.99 -0.81 5.01
N PRO C 151 24.60 -2.09 5.17
CA PRO C 151 25.20 -3.14 4.39
C PRO C 151 25.45 -2.70 2.96
N ASP C 152 26.63 -2.99 2.44
CA ASP C 152 26.93 -2.83 1.03
C ASP C 152 25.78 -3.40 0.18
N PRO C 153 25.25 -2.61 -0.76
CA PRO C 153 24.01 -3.00 -1.48
C PRO C 153 24.15 -4.18 -2.46
N ARG C 154 25.38 -4.63 -2.69
CA ARG C 154 25.64 -5.85 -3.43
C ARG C 154 25.88 -7.06 -2.50
N THR C 155 26.73 -6.90 -1.49
CA THR C 155 27.12 -8.01 -0.61
C THR C 155 26.11 -8.27 0.52
N ASN C 156 25.43 -7.21 0.94
CA ASN C 156 24.52 -7.24 2.09
C ASN C 156 25.25 -7.38 3.42
N ILE C 157 26.49 -6.89 3.46
CA ILE C 157 27.30 -6.87 4.68
C ILE C 157 27.92 -5.49 4.86
N GLN C 158 27.84 -4.97 6.09
CA GLN C 158 28.40 -3.64 6.40
C GLN C 158 29.89 -3.64 6.16
N ASP C 159 30.38 -2.58 5.51
CA ASP C 159 31.76 -2.50 5.09
C ASP C 159 32.40 -1.18 5.50
N PRO C 160 33.34 -1.24 6.46
CA PRO C 160 34.08 -0.07 6.96
C PRO C 160 34.69 0.77 5.83
N ASP C 161 35.13 0.10 4.75
CA ASP C 161 35.69 0.82 3.60
C ASP C 161 34.71 1.86 3.01
N ARG C 162 33.42 1.58 3.13
CA ARG C 162 32.36 2.45 2.59
C ARG C 162 32.04 3.60 3.55
N TYR C 163 31.73 3.28 4.80
CA TYR C 163 31.39 4.33 5.76
C TYR C 163 32.55 5.20 6.27
N TRP C 164 33.78 4.66 6.28
CA TRP C 164 34.94 5.52 6.54
C TRP C 164 35.16 6.52 5.40
N ASP C 165 34.82 6.09 4.20
CA ASP C 165 34.87 6.96 3.03
C ASP C 165 33.99 8.20 3.29
N PHE C 166 32.71 7.98 3.61
CA PHE C 166 31.78 9.08 3.87
C PHE C 166 32.24 9.93 5.05
N MET C 167 32.61 9.25 6.15
CA MET C 167 32.92 9.94 7.40
C MET C 167 34.22 10.78 7.34
N THR C 168 35.24 10.25 6.66
CA THR C 168 36.48 11.03 6.44
C THR C 168 36.20 12.20 5.51
N LEU C 169 35.30 12.03 4.55
CA LEU C 169 35.06 13.08 3.59
C LEU C 169 34.08 14.09 4.12
N ARG C 170 33.47 13.74 5.26
CA ARG C 170 32.62 14.66 6.01
C ARG C 170 33.18 14.85 7.44
N PRO C 171 34.28 15.63 7.54
CA PRO C 171 35.08 15.72 8.78
C PRO C 171 34.33 16.09 10.05
N GLU C 172 33.13 16.68 9.93
CA GLU C 172 32.30 17.02 11.10
C GLU C 172 31.93 15.80 11.98
N SER C 173 32.08 14.61 11.40
CA SER C 173 31.83 13.33 12.05
C SER C 173 32.84 12.96 13.13
N THR C 174 33.97 13.68 13.16
CA THR C 174 35.10 13.33 14.03
C THR C 174 34.66 13.18 15.50
N ASN C 175 33.90 14.14 16.00
CA ASN C 175 33.45 14.08 17.39
C ASN C 175 32.64 12.82 17.71
N MET C 176 31.70 12.50 16.84
CA MET C 176 30.88 11.31 17.02
C MET C 176 31.72 10.05 16.95
N LEU C 177 32.70 10.03 16.04
CA LEU C 177 33.65 8.92 15.96
C LEU C 177 34.41 8.70 17.29
N MET C 178 34.76 9.77 18.00
CA MET C 178 35.35 9.66 19.35
C MET C 178 34.50 8.86 20.32
N HIS C 179 33.19 9.13 20.31
CA HIS C 179 32.24 8.49 21.25
C HIS C 179 31.95 7.07 20.84
N ILE C 180 31.63 6.90 19.55
CA ILE C 180 31.10 5.66 19.01
C ILE C 180 32.13 4.52 19.10
N PHE C 181 33.41 4.87 19.04
CA PHE C 181 34.48 3.87 19.10
C PHE C 181 35.12 3.70 20.47
N THR C 182 34.56 4.34 21.49
CA THR C 182 34.83 3.87 22.85
C THR C 182 33.99 2.62 23.03
N ASP C 183 34.03 2.03 24.21
CA ASP C 183 33.19 0.89 24.48
C ASP C 183 31.70 1.29 24.66
N GLU C 184 31.43 2.60 24.71
CA GLU C 184 30.04 3.05 24.78
C GLU C 184 29.29 2.82 23.46
N GLY C 185 30.04 2.46 22.41
CA GLY C 185 29.49 1.95 21.14
C GLY C 185 28.75 0.64 21.26
N ILE C 186 29.06 -0.14 22.29
CA ILE C 186 28.28 -1.36 22.58
C ILE C 186 27.78 -1.37 24.03
N PRO C 187 26.63 -0.71 24.31
CA PRO C 187 26.04 -0.82 25.64
C PRO C 187 25.76 -2.27 26.04
N ALA C 188 25.91 -2.56 27.33
CA ALA C 188 25.68 -3.91 27.87
C ALA C 188 24.21 -4.29 27.77
N SER C 189 23.34 -3.31 28.01
CA SER C 189 21.89 -3.47 27.88
C SER C 189 21.19 -2.10 27.79
N TYR C 190 19.95 -2.15 27.29
CA TYR C 190 19.07 -1.00 27.19
C TYR C 190 18.87 -0.31 28.54
N ARG C 191 18.86 -1.10 29.62
CA ARG C 191 18.70 -0.54 30.97
C ARG C 191 19.98 0.07 31.51
N LYS C 192 21.09 -0.13 30.80
CA LYS C 192 22.42 0.29 31.30
C LYS C 192 23.05 1.33 30.39
N MET C 193 22.21 2.27 29.96
CA MET C 193 22.63 3.30 29.04
C MET C 193 21.93 4.62 29.38
N ARG C 194 22.56 5.71 28.99
CA ARG C 194 22.02 7.04 29.19
C ARG C 194 21.12 7.43 28.02
N GLY C 195 20.48 8.59 28.09
CA GLY C 195 19.75 9.13 26.95
C GLY C 195 20.14 10.58 26.73
N SER C 196 20.15 11.00 25.46
CA SER C 196 20.52 12.36 25.09
C SER C 196 19.55 12.88 24.02
N SER C 197 19.15 14.14 24.14
CA SER C 197 18.32 14.76 23.13
C SER C 197 19.16 15.05 21.88
N VAL C 198 20.47 15.14 22.08
CA VAL C 198 21.45 15.52 21.04
C VAL C 198 21.26 16.97 20.60
N HIS C 199 20.10 17.29 20.02
CA HIS C 199 19.79 18.69 19.68
C HIS C 199 19.33 19.45 20.91
N SER C 200 19.45 20.77 20.85
CA SER C 200 18.71 21.64 21.74
C SER C 200 17.32 21.87 21.14
N PHE C 201 16.40 22.25 22.01
CA PHE C 201 15.01 22.55 21.68
C PHE C 201 14.72 23.87 22.37
N LYS C 202 13.56 24.45 22.08
CA LYS C 202 13.19 25.68 22.75
C LYS C 202 12.06 25.39 23.71
N TRP C 203 12.20 25.91 24.92
CA TRP C 203 11.09 25.92 25.86
C TRP C 203 10.62 27.35 26.06
N VAL C 204 9.30 27.53 26.14
CA VAL C 204 8.68 28.86 26.21
C VAL C 204 7.75 28.91 27.41
N ASN C 205 7.92 29.92 28.25
CA ASN C 205 7.17 29.98 29.51
C ASN C 205 5.93 30.85 29.34
N ALA C 206 5.04 30.82 30.33
CA ALA C 206 3.77 31.56 30.26
C ALA C 206 4.01 33.03 29.93
N HIS C 207 5.12 33.58 30.43
CA HIS C 207 5.52 34.97 30.21
C HIS C 207 5.98 35.25 28.78
N GLY C 208 6.37 34.21 28.03
CA GLY C 208 6.80 34.40 26.65
C GLY C 208 8.30 34.44 26.39
N ASN C 209 9.09 34.16 27.44
CA ASN C 209 10.54 34.01 27.29
C ASN C 209 10.88 32.60 26.84
N THR C 210 11.86 32.50 25.94
CA THR C 210 12.26 31.21 25.44
C THR C 210 13.72 30.94 25.75
N VAL C 211 14.00 29.69 26.10
CA VAL C 211 15.37 29.27 26.35
C VAL C 211 15.69 28.06 25.49
N TYR C 212 16.96 27.90 25.13
CA TYR C 212 17.44 26.67 24.52
C TYR C 212 17.63 25.64 25.59
N ILE C 213 17.21 24.42 25.31
CA ILE C 213 17.35 23.34 26.26
C ILE C 213 17.89 22.09 25.61
N LYS C 214 18.60 21.29 26.41
CA LYS C 214 19.04 19.96 26.02
C LYS C 214 18.49 19.02 27.09
N LEU C 215 18.14 17.80 26.71
CA LEU C 215 17.56 16.84 27.64
C LEU C 215 18.49 15.68 27.89
N ARG C 216 18.35 15.10 29.08
CA ARG C 216 19.32 14.14 29.57
C ARG C 216 18.69 13.03 30.38
N TRP C 217 18.96 11.77 30.00
CA TRP C 217 18.50 10.60 30.76
C TRP C 217 19.67 9.90 31.44
N VAL C 218 19.50 9.63 32.74
CA VAL C 218 20.55 9.05 33.57
C VAL C 218 20.06 7.73 34.18
N PRO C 219 20.76 6.62 33.88
CA PRO C 219 20.29 5.30 34.31
C PRO C 219 20.54 5.01 35.80
N LYS C 220 19.48 4.62 36.52
CA LYS C 220 19.62 4.21 37.92
C LYS C 220 20.62 3.06 38.03
N GLU C 221 20.57 2.15 37.06
CA GLU C 221 21.48 0.99 36.97
C GLU C 221 22.87 1.34 36.44
N GLY C 222 23.14 2.64 36.25
CA GLY C 222 24.42 3.13 35.72
C GLY C 222 24.69 2.74 34.26
N VAL C 223 25.71 3.35 33.67
CA VAL C 223 26.10 3.10 32.29
C VAL C 223 27.08 1.91 32.28
N HIS C 224 26.74 0.85 31.56
CA HIS C 224 27.61 -0.32 31.45
C HIS C 224 27.80 -0.72 29.99
N ASN C 225 29.05 -1.04 29.63
CA ASN C 225 29.44 -1.25 28.24
C ASN C 225 30.14 -2.58 28.02
N LEU C 226 30.27 -2.97 26.75
CA LEU C 226 30.94 -4.22 26.42
C LEU C 226 32.12 -3.97 25.47
N SER C 227 33.28 -4.46 25.85
CA SER C 227 34.44 -4.47 24.96
C SER C 227 34.03 -5.27 23.74
N ALA C 228 34.86 -5.21 22.69
CA ALA C 228 34.63 -5.98 21.47
C ALA C 228 34.51 -7.48 21.81
N ASP C 229 35.55 -8.05 22.41
CA ASP C 229 35.58 -9.46 22.74
C ASP C 229 34.39 -9.90 23.61
N GLU C 230 34.04 -9.09 24.60
CA GLU C 230 32.86 -9.35 25.40
C GLU C 230 31.59 -9.40 24.56
N ALA C 231 31.46 -8.45 23.61
CA ALA C 231 30.29 -8.44 22.72
C ALA C 231 30.28 -9.67 21.81
N THR C 232 31.46 -10.12 21.38
CA THR C 232 31.62 -11.34 20.58
C THR C 232 31.21 -12.57 21.37
N GLU C 233 31.50 -12.60 22.67
CA GLU C 233 31.11 -13.74 23.48
C GLU C 233 29.59 -13.81 23.59
N VAL C 234 28.99 -12.69 23.96
CA VAL C 234 27.55 -12.63 24.16
C VAL C 234 26.82 -13.00 22.87
N GLN C 235 27.33 -12.47 21.76
CA GLN C 235 26.69 -12.62 20.45
C GLN C 235 26.52 -14.06 20.01
N GLY C 236 27.51 -14.91 20.28
CA GLY C 236 27.47 -16.34 19.95
C GLY C 236 26.37 -17.11 20.67
N LYS C 237 26.00 -16.67 21.86
CA LYS C 237 24.97 -17.39 22.62
C LYS C 237 23.59 -16.74 22.68
N ASP C 238 23.52 -15.45 22.41
CA ASP C 238 22.26 -14.69 22.42
C ASP C 238 22.34 -13.42 21.54
N PHE C 239 21.62 -13.44 20.42
CA PHE C 239 21.51 -12.27 19.51
C PHE C 239 20.40 -11.28 19.89
N ASN C 240 19.55 -11.68 20.84
CA ASN C 240 18.51 -10.80 21.40
C ASN C 240 18.80 -10.47 22.83
N HIS C 241 20.07 -10.22 23.19
CA HIS C 241 20.48 -10.18 24.60
C HIS C 241 19.90 -8.99 25.37
N ALA C 242 19.84 -7.83 24.71
CA ALA C 242 19.44 -6.61 25.37
C ALA C 242 17.92 -6.58 25.55
N SER C 243 17.18 -7.02 24.52
CA SER C 243 15.73 -7.22 24.63
C SER C 243 15.41 -8.25 25.72
N ASN C 244 16.20 -9.32 25.79
CA ASN C 244 15.96 -10.42 26.71
C ASN C 244 16.15 -9.93 28.14
N ASP C 245 17.27 -9.26 28.38
CA ASP C 245 17.60 -8.70 29.69
C ASP C 245 16.54 -7.70 30.17
N THR C 246 16.14 -6.78 29.29
CA THR C 246 15.21 -5.73 29.67
C THR C 246 13.81 -6.29 29.88
N PHE C 247 13.41 -7.26 29.07
CA PHE C 247 12.13 -7.95 29.28
C PHE C 247 12.08 -8.59 30.69
N GLN C 248 13.12 -9.39 30.97
CA GLN C 248 13.22 -10.18 32.18
C GLN C 248 13.31 -9.30 33.42
N ALA C 249 14.06 -8.21 33.31
CA ALA C 249 14.16 -7.26 34.40
C ALA C 249 12.80 -6.76 34.86
N ILE C 250 11.96 -6.35 33.90
CA ILE C 250 10.63 -5.80 34.21
C ILE C 250 9.75 -6.87 34.85
N GLU C 251 9.71 -8.04 34.22
CA GLU C 251 8.95 -9.20 34.66
C GLU C 251 9.37 -9.70 36.06
N ASN C 252 10.65 -9.54 36.39
CA ASN C 252 11.14 -9.86 37.73
C ASN C 252 10.91 -8.75 38.76
N GLY C 253 10.31 -7.65 38.32
CA GLY C 253 10.01 -6.51 39.18
C GLY C 253 11.20 -5.60 39.42
N ASP C 254 12.25 -5.78 38.63
CA ASP C 254 13.42 -4.93 38.72
C ASP C 254 13.31 -3.77 37.71
N PHE C 255 12.39 -2.84 37.98
CA PHE C 255 11.99 -1.82 36.99
C PHE C 255 13.12 -0.85 36.65
N PRO C 256 13.52 -0.80 35.36
CA PRO C 256 14.49 0.19 34.90
C PRO C 256 13.97 1.59 35.15
N GLU C 257 14.83 2.46 35.66
CA GLU C 257 14.50 3.86 35.91
C GLU C 257 15.62 4.72 35.34
N TRP C 258 15.24 5.94 34.93
CA TRP C 258 16.20 6.97 34.54
C TRP C 258 15.70 8.26 35.13
N ASP C 259 16.62 9.14 35.51
CA ASP C 259 16.25 10.49 35.90
C ASP C 259 16.46 11.40 34.70
N LEU C 260 15.51 12.31 34.50
CA LEU C 260 15.59 13.28 33.43
C LEU C 260 16.10 14.60 33.96
N PHE C 261 17.02 15.20 33.20
CA PHE C 261 17.63 16.48 33.49
C PHE C 261 17.56 17.36 32.25
N VAL C 262 17.43 18.66 32.49
CA VAL C 262 17.48 19.66 31.45
C VAL C 262 18.69 20.60 31.61
N GLN C 263 19.29 20.95 30.47
CA GLN C 263 20.32 21.97 30.43
C GLN C 263 19.73 23.23 29.79
N VAL C 264 19.99 24.38 30.40
CA VAL C 264 19.36 25.64 29.98
C VAL C 264 20.37 26.69 29.51
N LEU C 265 20.09 27.22 28.32
CA LEU C 265 20.93 28.23 27.68
C LEU C 265 20.07 29.39 27.19
N ASP C 266 20.44 30.59 27.62
CA ASP C 266 19.75 31.78 27.17
C ASP C 266 20.10 32.01 25.72
N PRO C 267 19.09 32.31 24.87
CA PRO C 267 19.38 32.64 23.46
C PRO C 267 20.38 33.81 23.32
N ALA C 268 20.47 34.66 24.33
CA ALA C 268 21.41 35.80 24.27
C ALA C 268 22.87 35.35 24.39
N ASP C 269 23.10 34.18 24.95
CA ASP C 269 24.44 33.68 25.22
C ASP C 269 24.97 32.65 24.21
N VAL C 270 24.35 32.55 23.03
CA VAL C 270 24.70 31.51 22.03
C VAL C 270 26.05 31.70 21.34
N GLU C 271 26.52 32.93 21.22
CA GLU C 271 27.78 33.18 20.51
C GLU C 271 29.00 33.25 21.43
N ASN C 272 28.81 32.81 22.67
CA ASN C 272 29.82 32.83 23.74
C ASN C 272 30.64 31.54 23.86
N PHE C 273 30.69 30.76 22.78
CA PHE C 273 31.34 29.44 22.80
C PHE C 273 32.25 29.31 21.58
N ASP C 274 33.15 28.33 21.61
CA ASP C 274 34.00 28.07 20.44
C ASP C 274 33.32 27.11 19.45
N PHE C 275 32.01 26.95 19.63
CA PHE C 275 31.19 26.07 18.80
C PHE C 275 29.79 26.66 18.71
N ASP C 276 29.04 26.25 17.68
CA ASP C 276 27.62 26.63 17.54
C ASP C 276 26.76 25.69 18.38
N PRO C 277 26.02 26.22 19.37
CA PRO C 277 25.21 25.38 20.28
C PRO C 277 24.08 24.64 19.56
N LEU C 278 23.75 25.09 18.35
CA LEU C 278 22.74 24.45 17.52
C LEU C 278 23.35 23.45 16.53
N ASP C 279 24.66 23.21 16.66
CA ASP C 279 25.40 22.25 15.84
C ASP C 279 25.27 20.85 16.46
N ALA C 280 24.67 19.90 15.72
CA ALA C 280 24.36 18.57 16.27
C ALA C 280 25.59 17.68 16.52
N THR C 281 26.74 18.14 16.04
CA THR C 281 28.02 17.46 16.25
C THR C 281 28.70 17.97 17.55
N LYS C 282 27.99 18.77 18.35
CA LYS C 282 28.57 19.38 19.55
C LYS C 282 27.80 19.05 20.85
N ASP C 283 28.54 18.73 21.90
CA ASP C 283 27.97 18.42 23.21
C ASP C 283 27.90 19.70 24.04
N TRP C 284 26.99 19.73 25.01
CA TRP C 284 26.93 20.77 26.04
C TRP C 284 27.43 20.11 27.32
N PHE C 285 28.71 20.30 27.61
CA PHE C 285 29.35 19.69 28.78
C PHE C 285 28.67 20.11 30.07
N GLU C 286 28.51 19.14 30.96
CA GLU C 286 27.84 19.36 32.24
C GLU C 286 28.51 20.49 33.04
N ASP C 287 29.84 20.53 32.96
CA ASP C 287 30.62 21.57 33.64
C ASP C 287 30.46 22.97 33.02
N VAL C 288 29.96 23.04 31.78
CA VAL C 288 29.69 24.35 31.18
C VAL C 288 28.22 24.77 31.37
N ILE C 289 27.28 23.84 31.12
CA ILE C 289 25.86 24.06 31.40
C ILE C 289 25.36 22.93 32.32
N PRO C 290 24.96 23.27 33.56
CA PRO C 290 24.57 22.28 34.56
C PRO C 290 23.29 21.48 34.22
N PHE C 291 23.27 20.21 34.63
CA PHE C 291 22.08 19.39 34.60
C PHE C 291 21.11 19.79 35.73
N GLN C 292 19.87 20.14 35.40
CA GLN C 292 18.82 20.41 36.41
C GLN C 292 17.76 19.32 36.42
N HIS C 293 17.54 18.72 37.59
CA HIS C 293 16.61 17.59 37.74
C HIS C 293 15.17 17.96 37.40
N VAL C 294 14.52 17.08 36.65
CA VAL C 294 13.13 17.29 36.20
C VAL C 294 12.21 16.24 36.84
N GLY C 295 12.62 14.98 36.78
CA GLY C 295 11.82 13.89 37.29
C GLY C 295 12.40 12.56 36.86
N THR C 296 11.61 11.51 36.98
CA THR C 296 12.12 10.15 36.80
C THR C 296 11.14 9.24 36.07
N MET C 297 11.67 8.48 35.12
CA MET C 297 10.88 7.52 34.37
C MET C 297 11.12 6.12 34.93
N THR C 298 10.03 5.38 35.14
CA THR C 298 10.11 3.99 35.60
C THR C 298 9.37 3.08 34.62
N LEU C 299 10.05 2.05 34.12
CA LEU C 299 9.41 1.14 33.18
C LEU C 299 8.94 -0.14 33.87
N ASN C 300 7.63 -0.23 34.04
CA ASN C 300 7.04 -1.18 34.94
C ASN C 300 6.03 -2.15 34.31
N LYS C 301 6.01 -2.22 32.98
CA LYS C 301 5.16 -3.19 32.29
C LYS C 301 5.58 -3.52 30.84
N ASN C 302 5.75 -4.80 30.59
CA ASN C 302 6.03 -5.29 29.26
C ASN C 302 4.77 -5.20 28.41
N VAL C 303 4.98 -5.05 27.10
CA VAL C 303 3.90 -5.00 26.13
C VAL C 303 3.10 -6.28 26.24
N ASP C 304 1.80 -6.19 25.96
CA ASP C 304 0.93 -7.36 25.80
C ASP C 304 1.27 -8.03 24.47
N ASN C 305 1.56 -7.22 23.46
CA ASN C 305 1.84 -7.72 22.14
C ASN C 305 2.85 -6.80 21.44
N TYR C 306 3.94 -7.38 21.03
CA TYR C 306 5.07 -6.68 20.48
C TYR C 306 4.67 -6.00 19.19
N PHE C 307 4.05 -6.73 18.26
CA PHE C 307 3.66 -6.16 16.96
C PHE C 307 2.79 -4.92 17.06
N ALA C 308 1.72 -4.99 17.84
CA ALA C 308 0.76 -3.89 17.86
C ALA C 308 1.29 -2.77 18.75
N GLU C 309 2.32 -3.06 19.54
CA GLU C 309 2.87 -2.04 20.44
C GLU C 309 4.26 -1.52 19.98
N THR C 310 5.29 -2.36 20.12
CA THR C 310 6.64 -1.99 19.80
C THR C 310 6.92 -1.79 18.30
N GLU C 311 6.37 -2.67 17.47
CA GLU C 311 6.49 -2.50 16.02
C GLU C 311 5.62 -1.32 15.48
N SER C 312 4.42 -1.17 15.98
CA SER C 312 3.47 -0.24 15.41
C SER C 312 3.56 1.20 15.95
N VAL C 313 4.38 1.44 16.97
CA VAL C 313 4.52 2.78 17.49
C VAL C 313 5.35 3.68 16.56
N GLY C 314 4.91 4.93 16.39
CA GLY C 314 5.69 5.94 15.70
C GLY C 314 6.07 7.04 16.68
N PHE C 315 7.31 7.53 16.59
CA PHE C 315 7.78 8.70 17.35
C PHE C 315 8.24 9.81 16.40
N ASN C 316 8.13 11.06 16.84
CA ASN C 316 8.70 12.19 16.11
C ASN C 316 9.22 13.27 17.08
N PRO C 317 10.53 13.57 17.03
CA PRO C 317 11.09 14.64 17.90
C PRO C 317 10.31 15.96 17.74
N GLY C 318 9.63 16.12 16.61
CA GLY C 318 8.83 17.31 16.35
C GLY C 318 7.42 17.22 16.88
N VAL C 319 7.11 16.10 17.53
CA VAL C 319 5.81 15.95 18.20
C VAL C 319 5.98 16.50 19.60
N LEU C 320 5.52 17.73 19.79
CA LEU C 320 5.80 18.54 20.98
C LEU C 320 4.49 19.04 21.58
N VAL C 321 4.47 19.24 22.90
CA VAL C 321 3.29 19.82 23.57
C VAL C 321 3.49 21.33 23.68
N PRO C 322 2.40 22.10 23.90
CA PRO C 322 2.53 23.56 24.08
C PRO C 322 3.53 23.88 25.18
N GLY C 323 4.40 24.85 24.93
CA GLY C 323 5.50 25.13 25.82
C GLY C 323 6.80 24.67 25.23
N MET C 324 6.73 23.90 24.14
CA MET C 324 7.93 23.38 23.47
C MET C 324 7.93 23.66 22.00
N LEU C 325 9.11 23.99 21.48
CA LEU C 325 9.32 24.26 20.06
C LEU C 325 10.67 23.66 19.62
N PRO C 326 10.80 23.33 18.33
CA PRO C 326 12.11 22.84 17.89
C PRO C 326 13.14 23.99 17.81
N SER C 327 14.42 23.70 18.00
CA SER C 327 15.41 24.70 17.70
C SER C 327 15.62 24.80 16.18
N GLU C 328 16.43 25.74 15.75
CA GLU C 328 16.76 25.83 14.34
C GLU C 328 17.91 24.87 13.89
N ASP C 329 18.26 23.93 14.76
CA ASP C 329 19.27 22.89 14.46
C ASP C 329 18.92 22.19 13.13
N LYS C 330 19.82 22.29 12.15
CA LYS C 330 19.56 21.87 10.77
C LYS C 330 19.40 20.38 10.60
N LEU C 331 19.85 19.61 11.57
CA LEU C 331 19.66 18.16 11.53
C LEU C 331 18.26 17.82 12.08
N LEU C 332 17.90 18.49 13.17
CA LEU C 332 16.62 18.31 13.82
C LEU C 332 15.48 18.65 12.85
N GLN C 333 15.67 19.75 12.11
CA GLN C 333 14.65 20.29 11.23
C GLN C 333 14.14 19.31 10.15
N GLY C 334 15.03 18.49 9.61
CA GLY C 334 14.62 17.44 8.68
C GLY C 334 13.90 16.29 9.37
N ARG C 335 14.31 16.00 10.61
CA ARG C 335 13.64 15.01 11.45
C ARG C 335 12.18 15.37 11.71
N LEU C 336 11.87 16.65 11.86
CA LEU C 336 10.48 17.11 12.05
C LEU C 336 9.57 16.58 10.94
N PHE C 337 10.10 16.56 9.71
CA PHE C 337 9.37 16.06 8.56
C PHE C 337 9.44 14.54 8.48
N SER C 338 10.65 14.03 8.49
CA SER C 338 10.96 12.63 8.22
C SER C 338 10.11 11.61 8.95
N TYR C 339 9.94 11.79 10.25
CA TYR C 339 9.46 10.71 11.09
C TYR C 339 8.01 10.40 10.77
N SER C 340 7.18 11.43 10.82
CA SER C 340 5.77 11.30 10.55
C SER C 340 5.54 10.95 9.09
N ASP C 341 6.45 11.36 8.21
CA ASP C 341 6.32 11.03 6.80
C ASP C 341 6.53 9.52 6.58
N THR C 342 7.51 8.94 7.26
CA THR C 342 7.82 7.51 7.09
C THR C 342 6.77 6.62 7.75
N GLN C 343 6.20 7.11 8.83
CA GLN C 343 5.13 6.40 9.56
C GLN C 343 3.85 6.24 8.75
N ARG C 344 3.48 7.30 8.03
CA ARG C 344 2.38 7.29 7.05
C ARG C 344 2.59 6.19 5.99
N HIS C 345 3.84 6.05 5.54
CA HIS C 345 4.20 4.90 4.70
C HIS C 345 4.27 3.55 5.46
N ARG C 346 5.07 3.49 6.53
CA ARG C 346 5.39 2.23 7.22
C ARG C 346 4.19 1.63 7.95
N ILE C 347 3.46 2.49 8.67
CA ILE C 347 2.34 2.09 9.48
C ILE C 347 1.02 2.30 8.77
N GLY C 348 0.91 3.40 8.02
CA GLY C 348 -0.35 3.74 7.31
C GLY C 348 -0.85 5.18 7.55
N PRO C 349 -1.64 5.71 6.61
CA PRO C 349 -2.13 7.08 6.75
C PRO C 349 -2.79 7.40 8.11
N ASN C 350 -3.45 6.40 8.69
CA ASN C 350 -4.20 6.61 9.90
C ASN C 350 -3.52 6.05 11.15
N TYR C 351 -2.19 5.95 11.08
CA TYR C 351 -1.35 5.44 12.17
C TYR C 351 -1.60 6.07 13.57
N GLN C 352 -2.00 7.36 13.60
CA GLN C 352 -2.28 8.05 14.87
C GLN C 352 -3.57 7.55 15.56
N GLN C 353 -4.36 6.78 14.81
CA GLN C 353 -5.59 6.17 15.31
C GLN C 353 -5.33 4.89 16.11
N LEU C 354 -4.19 4.23 15.89
CA LEU C 354 -3.92 2.95 16.57
C LEU C 354 -3.73 3.18 18.05
N PRO C 355 -4.18 2.22 18.90
CA PRO C 355 -4.08 2.38 20.37
C PRO C 355 -2.71 2.81 20.91
N ILE C 356 -1.62 2.25 20.39
CA ILE C 356 -0.29 2.58 20.92
C ILE C 356 0.09 4.04 20.62
N ASN C 357 -0.48 4.60 19.54
CA ASN C 357 -0.16 5.96 19.13
C ASN C 357 -1.19 6.98 19.59
N CYS C 358 -2.36 6.47 19.96
CA CYS C 358 -3.49 7.34 20.28
C CYS C 358 -3.18 8.22 21.51
N PRO C 359 -3.45 9.53 21.41
CA PRO C 359 -3.28 10.42 22.58
C PRO C 359 -4.18 10.05 23.76
N PHE C 360 -3.79 10.50 24.95
CA PHE C 360 -4.69 10.54 26.09
C PHE C 360 -5.69 11.69 25.88
N ALA C 361 -5.19 12.88 25.53
CA ALA C 361 -6.09 14.01 25.18
C ALA C 361 -7.01 13.62 24.00
N GLN C 362 -8.26 14.04 24.08
CA GLN C 362 -9.19 13.73 23.02
C GLN C 362 -8.78 14.44 21.69
N VAL C 363 -9.00 13.76 20.58
CA VAL C 363 -8.73 14.30 19.24
C VAL C 363 -10.02 14.82 18.64
N ASN C 364 -10.07 16.09 18.28
CA ASN C 364 -11.25 16.66 17.63
C ASN C 364 -10.86 17.61 16.51
N ASN C 365 -11.02 17.17 15.26
CA ASN C 365 -10.65 18.02 14.14
C ASN C 365 -11.43 17.75 12.85
N TYR C 366 -10.98 18.32 11.74
CA TYR C 366 -11.74 18.26 10.49
C TYR C 366 -11.10 17.32 9.47
N GLN C 367 -10.10 16.57 9.91
CA GLN C 367 -9.45 15.58 9.07
C GLN C 367 -10.38 14.40 8.89
N ARG C 368 -10.30 13.74 7.73
CA ARG C 368 -11.16 12.59 7.45
C ARG C 368 -10.62 11.56 6.47
N ASP C 369 -11.19 10.36 6.55
CA ASP C 369 -10.98 9.31 5.56
C ASP C 369 -9.55 8.73 5.69
N GLY C 370 -8.97 8.31 4.57
CA GLY C 370 -7.73 7.58 4.61
C GLY C 370 -8.00 6.11 4.89
N ALA C 371 -7.08 5.28 4.41
CA ALA C 371 -7.07 3.84 4.63
C ALA C 371 -7.37 3.47 6.06
N MET C 372 -8.21 2.45 6.19
CA MET C 372 -8.56 1.82 7.47
C MET C 372 -9.06 2.83 8.51
N PRO C 373 -10.16 3.54 8.21
CA PRO C 373 -10.55 4.71 9.00
C PRO C 373 -11.28 4.25 10.27
N PHE C 374 -10.54 3.59 11.15
CA PHE C 374 -11.15 2.92 12.28
C PHE C 374 -11.83 3.87 13.25
N LYS C 375 -11.22 5.05 13.43
CA LYS C 375 -11.72 6.05 14.35
C LYS C 375 -12.32 7.27 13.64
N GLN C 376 -12.93 7.06 12.47
CA GLN C 376 -13.55 8.14 11.70
C GLN C 376 -14.48 9.04 12.53
N GLN C 377 -14.24 10.36 12.48
CA GLN C 377 -15.14 11.28 13.14
C GLN C 377 -16.40 11.44 12.30
N THR C 378 -17.55 11.22 12.93
CA THR C 378 -18.78 11.04 12.18
C THR C 378 -19.49 12.33 11.78
N SER C 379 -19.28 13.41 12.51
CA SER C 379 -19.96 14.68 12.22
C SER C 379 -19.76 15.10 10.74
N SER C 380 -20.85 15.43 10.05
CA SER C 380 -20.76 15.84 8.66
C SER C 380 -20.10 17.23 8.45
N VAL C 381 -19.94 17.99 9.54
CA VAL C 381 -19.20 19.26 9.51
C VAL C 381 -17.68 18.97 9.49
N ASN C 382 -17.16 18.87 8.28
CA ASN C 382 -15.76 18.51 8.09
C ASN C 382 -14.91 19.67 7.57
N TYR C 383 -15.41 20.90 7.75
CA TYR C 383 -14.73 22.12 7.28
C TYR C 383 -14.73 23.18 8.39
N GLU C 384 -13.68 23.99 8.44
CA GLU C 384 -13.60 25.08 9.42
C GLU C 384 -12.96 26.25 8.71
N PRO C 385 -13.52 27.47 8.83
CA PRO C 385 -14.63 27.86 9.70
C PRO C 385 -16.00 27.30 9.28
N ASN C 386 -16.89 27.15 10.26
CA ASN C 386 -18.29 26.76 10.06
C ASN C 386 -19.22 27.51 11.04
N ARG C 387 -20.52 27.40 10.80
CA ARG C 387 -21.53 28.12 11.58
C ARG C 387 -21.92 27.46 12.94
N TYR C 388 -21.30 26.35 13.29
CA TYR C 388 -21.80 25.53 14.43
C TYR C 388 -20.97 25.69 15.68
N GLN C 389 -21.52 26.36 16.68
CA GLN C 389 -20.80 26.66 17.93
C GLN C 389 -20.23 25.42 18.63
N ASP C 390 -20.88 24.27 18.40
CA ASP C 390 -20.59 23.03 19.10
C ASP C 390 -19.50 22.16 18.43
N GLU C 391 -19.07 22.54 17.22
CA GLU C 391 -18.01 21.78 16.55
C GLU C 391 -16.65 22.28 17.01
N PRO C 392 -15.57 21.50 16.79
CA PRO C 392 -14.26 21.94 17.29
C PRO C 392 -13.88 23.34 16.84
N LYS C 393 -13.33 24.13 17.77
CA LYS C 393 -12.89 25.50 17.48
C LYS C 393 -11.45 25.69 17.93
N GLN C 394 -10.72 26.56 17.24
CA GLN C 394 -9.35 26.90 17.63
C GLN C 394 -9.36 27.63 18.98
N THR C 395 -8.26 27.50 19.73
CA THR C 395 -8.11 28.14 21.05
C THR C 395 -6.86 29.03 21.03
N PRO C 396 -7.02 30.30 20.65
CA PRO C 396 -5.94 31.27 20.36
C PRO C 396 -4.78 31.30 21.34
N GLU C 397 -5.07 31.06 22.63
CA GLU C 397 -4.04 31.09 23.67
C GLU C 397 -3.03 29.96 23.46
N TYR C 398 -3.43 28.98 22.64
CA TYR C 398 -2.52 27.89 22.30
C TYR C 398 -1.65 28.17 21.06
N THR C 399 -1.85 29.32 20.41
CA THR C 399 -1.09 29.65 19.20
C THR C 399 0.39 29.69 19.52
N GLU C 400 1.17 28.88 18.81
CA GLU C 400 2.63 28.87 19.00
C GLU C 400 3.15 30.28 18.86
N ASP C 401 4.05 30.65 19.75
CA ASP C 401 4.55 32.02 19.79
C ASP C 401 5.49 32.34 18.61
N THR C 402 5.67 33.62 18.34
CA THR C 402 6.66 34.01 17.34
C THR C 402 8.08 33.83 17.87
N GLN C 403 9.06 33.69 16.97
CA GLN C 403 10.47 33.50 17.30
C GLN C 403 11.35 34.37 16.38
N PRO C 404 12.50 34.85 16.90
CA PRO C 404 13.31 35.80 16.12
C PRO C 404 13.86 35.26 14.80
N LEU C 405 13.95 36.12 13.78
CA LEU C 405 14.77 35.83 12.59
C LEU C 405 16.03 36.71 12.61
N HIS C 406 17.20 36.10 12.41
CA HIS C 406 18.46 36.83 12.48
C HIS C 406 19.25 36.96 11.17
N ASP C 407 18.59 37.09 10.02
CA ASP C 407 19.32 37.16 8.76
C ASP C 407 18.48 37.86 7.71
N ASP C 408 19.11 38.33 6.64
CA ASP C 408 18.33 38.98 5.60
C ASP C 408 18.21 38.19 4.30
N ILE C 409 18.65 36.93 4.34
CA ILE C 409 18.58 36.06 3.17
C ILE C 409 18.18 34.66 3.58
N HIS C 410 17.44 33.98 2.72
CA HIS C 410 17.30 32.53 2.88
C HIS C 410 18.07 31.83 1.79
N GLY C 411 18.46 30.58 2.05
CA GLY C 411 19.25 29.81 1.08
C GLY C 411 20.03 28.69 1.73
N ARG C 412 20.86 28.04 0.90
CA ARG C 412 21.73 26.95 1.32
C ARG C 412 23.02 27.53 1.84
N LEU C 413 23.15 27.56 3.16
CA LEU C 413 24.11 28.42 3.85
C LEU C 413 24.71 27.74 5.09
N GLU C 414 25.85 27.09 4.90
CA GLU C 414 26.58 26.46 6.01
C GLU C 414 26.90 27.44 7.14
N ILE C 415 26.72 26.97 8.37
CA ILE C 415 27.10 27.72 9.57
C ILE C 415 28.57 28.15 9.57
N GLU C 416 28.85 29.31 10.16
CA GLU C 416 30.22 29.81 10.25
C GLU C 416 31.09 28.95 11.17
N LYS C 417 30.73 28.83 12.45
CA LYS C 417 31.67 28.16 13.37
C LYS C 417 31.53 26.64 13.41
N THR C 418 32.21 25.97 12.50
CA THR C 418 32.11 24.53 12.38
C THR C 418 32.85 23.81 13.49
N ASN C 419 34.07 24.24 13.79
CA ASN C 419 34.89 23.62 14.84
C ASN C 419 34.80 22.10 14.74
N ASN C 420 35.20 21.55 13.59
CA ASN C 420 35.08 20.12 13.32
C ASN C 420 35.99 19.22 14.17
N PHE C 421 37.03 19.81 14.78
CA PHE C 421 38.06 19.04 15.49
C PHE C 421 38.33 19.41 16.97
N GLY C 422 38.02 20.64 17.38
CA GLY C 422 38.36 21.16 18.72
C GLY C 422 37.70 20.46 19.90
N GLN C 423 36.36 20.38 19.85
CA GLN C 423 35.60 19.65 20.86
C GLN C 423 35.85 18.13 20.77
N ALA C 424 36.03 17.62 19.55
CA ALA C 424 36.43 16.22 19.36
C ALA C 424 37.70 15.93 20.17
N GLY C 425 38.61 16.92 20.14
CA GLY C 425 39.82 16.90 20.96
C GLY C 425 39.54 16.99 22.44
N GLU C 426 38.74 17.99 22.83
CA GLU C 426 38.28 18.16 24.21
C GLU C 426 37.71 16.84 24.77
N VAL C 427 36.78 16.25 24.03
CA VAL C 427 36.14 14.97 24.40
C VAL C 427 37.15 13.85 24.67
N TYR C 428 38.12 13.69 23.77
CA TYR C 428 39.22 12.75 23.97
C TYR C 428 40.03 13.02 25.24
N ARG C 429 40.45 14.26 25.47
CA ARG C 429 41.24 14.60 26.64
C ARG C 429 40.39 14.59 27.93
N ARG C 430 39.08 14.42 27.79
CA ARG C 430 38.19 14.22 28.95
C ARG C 430 38.08 12.76 29.37
N MET C 431 38.45 11.86 28.47
CA MET C 431 38.36 10.43 28.74
C MET C 431 39.39 9.99 29.80
N THR C 432 39.10 8.89 30.48
CA THR C 432 40.08 8.21 31.32
C THR C 432 41.12 7.58 30.39
N GLU C 433 42.24 7.14 30.96
CA GLU C 433 43.25 6.45 30.15
C GLU C 433 42.72 5.09 29.68
N GLU C 434 41.77 4.54 30.43
CA GLU C 434 41.16 3.24 30.12
C GLU C 434 40.33 3.37 28.83
N GLU C 435 39.52 4.43 28.79
CA GLU C 435 38.66 4.75 27.65
C GLU C 435 39.47 5.12 26.40
N GLN C 436 40.57 5.83 26.60
CA GLN C 436 41.45 6.21 25.48
C GLN C 436 42.13 5.01 24.83
N MET C 437 42.53 4.03 25.63
CA MET C 437 43.06 2.75 25.12
C MET C 437 42.00 2.00 24.31
N ALA C 438 40.78 1.97 24.85
CA ALA C 438 39.63 1.36 24.17
C ALA C 438 39.38 2.01 22.81
N LEU C 439 39.27 3.33 22.80
CA LEU C 439 39.10 4.10 21.58
C LEU C 439 40.12 3.70 20.52
N LEU C 440 41.39 3.59 20.91
CA LEU C 440 42.50 3.20 20.03
C LEU C 440 42.37 1.79 19.49
N ASN C 441 42.12 0.82 20.38
CA ASN C 441 41.91 -0.57 19.95
C ASN C 441 40.77 -0.69 18.92
N ASN C 442 39.60 -0.16 19.27
CA ASN C 442 38.44 -0.17 18.37
C ASN C 442 38.69 0.58 17.06
N LEU C 443 39.27 1.78 17.15
CA LEU C 443 39.60 2.54 15.94
C LEU C 443 40.52 1.75 15.01
N VAL C 444 41.60 1.21 15.56
CA VAL C 444 42.58 0.47 14.79
C VAL C 444 41.93 -0.77 14.16
N ASN C 445 41.20 -1.54 14.96
CA ASN C 445 40.52 -2.72 14.43
C ASN C 445 39.47 -2.40 13.34
N ASP C 446 38.92 -1.19 13.39
CA ASP C 446 38.00 -0.76 12.35
C ASP C 446 38.73 -0.21 11.13
N LEU C 447 39.78 0.57 11.36
CA LEU C 447 40.58 1.11 10.27
C LEU C 447 41.42 0.08 9.53
N GLN C 448 41.63 -1.07 10.15
CA GLN C 448 42.35 -2.18 9.53
C GLN C 448 41.54 -2.79 8.41
N GLN C 449 40.22 -2.55 8.45
CA GLN C 449 39.31 -3.12 7.44
C GLN C 449 39.08 -2.19 6.23
N VAL C 450 39.75 -1.03 6.22
CA VAL C 450 39.61 -0.06 5.12
C VAL C 450 40.63 -0.40 4.02
N ARG C 451 40.15 -0.64 2.80
CA ARG C 451 41.00 -1.09 1.69
C ARG C 451 41.53 0.03 0.79
N HIS C 452 41.29 1.27 1.20
CA HIS C 452 41.75 2.43 0.44
C HIS C 452 42.62 3.25 1.37
N GLU C 453 43.90 3.34 1.01
CA GLU C 453 44.89 3.87 1.92
C GLU C 453 44.65 5.36 2.15
N ASN C 454 44.04 6.01 1.17
CA ASN C 454 43.76 7.43 1.31
C ASN C 454 42.68 7.78 2.32
N THR C 455 41.68 6.91 2.42
CA THR C 455 40.65 7.03 3.43
C THR C 455 41.29 6.89 4.82
N VAL C 456 42.12 5.86 5.01
CA VAL C 456 42.90 5.66 6.25
C VAL C 456 43.74 6.90 6.65
N LEU C 457 44.50 7.44 5.69
CA LEU C 457 45.25 8.66 5.95
C LEU C 457 44.38 9.81 6.43
N LEU C 458 43.20 9.95 5.84
CA LEU C 458 42.29 11.04 6.21
C LEU C 458 41.72 10.89 7.61
N ALA C 459 41.31 9.68 7.94
CA ALA C 459 40.87 9.38 9.29
C ALA C 459 41.96 9.87 10.25
N ILE C 460 43.19 9.43 10.00
CA ILE C 460 44.36 9.74 10.84
C ILE C 460 44.62 11.23 11.01
N CYS C 461 44.56 11.98 9.91
CA CYS C 461 44.68 13.45 9.94
C CYS C 461 43.60 14.10 10.75
N ASN C 462 42.37 13.60 10.61
CA ASN C 462 41.23 14.19 11.29
C ASN C 462 41.36 13.99 12.79
N PHE C 463 41.70 12.78 13.21
CA PHE C 463 41.91 12.52 14.62
C PHE C 463 43.10 13.34 15.10
N TYR C 464 44.11 13.52 14.23
CA TYR C 464 45.32 14.28 14.55
C TYR C 464 45.01 15.73 14.85
N ARG C 465 44.24 16.36 13.97
CA ARG C 465 43.81 17.77 14.16
C ARG C 465 43.04 17.94 15.48
N ALA C 466 42.31 16.89 15.85
CA ALA C 466 41.60 16.86 17.12
C ALA C 466 42.56 16.74 18.32
N ASP C 467 43.35 15.67 18.33
CA ASP C 467 44.37 15.44 19.33
C ASP C 467 45.60 14.80 18.70
N ALA C 468 46.71 15.54 18.72
CA ALA C 468 47.97 15.11 18.11
C ALA C 468 48.51 13.78 18.65
N SER C 469 48.38 13.55 19.95
CA SER C 469 48.80 12.28 20.55
C SER C 469 47.99 11.08 20.04
N LEU C 470 46.66 11.19 19.98
CA LEU C 470 45.82 10.12 19.39
C LEU C 470 46.17 9.86 17.92
N GLY C 471 46.39 10.93 17.16
CA GLY C 471 46.80 10.84 15.77
C GLY C 471 48.06 9.99 15.57
N GLU C 472 49.15 10.38 16.23
CA GLU C 472 50.44 9.67 16.13
C GLU C 472 50.32 8.21 16.59
N LYS C 473 49.56 7.96 17.66
CA LYS C 473 49.27 6.59 18.12
C LYS C 473 48.59 5.76 17.04
N LEU C 474 47.60 6.34 16.36
CA LEU C 474 46.91 5.67 15.24
C LEU C 474 47.88 5.37 14.11
N SER C 475 48.68 6.38 13.80
CA SER C 475 49.72 6.29 12.78
C SER C 475 50.69 5.16 13.10
N GLU C 476 51.24 5.17 14.32
CA GLU C 476 52.17 4.13 14.76
C GLU C 476 51.60 2.72 14.60
N ALA C 477 50.36 2.53 15.05
CA ALA C 477 49.68 1.22 15.01
C ALA C 477 49.24 0.74 13.61
N LEU C 478 49.14 1.64 12.63
CA LEU C 478 48.45 1.30 11.37
C LEU C 478 49.18 0.59 10.19
N ASN C 479 50.45 0.85 9.90
CA ASN C 479 51.25 1.92 10.45
C ASN C 479 51.68 2.80 9.28
N VAL C 480 51.21 4.05 9.30
CA VAL C 480 51.39 4.96 8.20
C VAL C 480 51.84 6.29 8.79
N ASP C 481 53.13 6.58 8.72
CA ASP C 481 53.62 7.85 9.29
C ASP C 481 52.95 9.07 8.62
N ILE C 482 52.90 10.19 9.35
CA ILE C 482 52.10 11.36 8.93
C ILE C 482 52.90 12.65 8.72
N LYS C 483 54.14 12.52 8.28
CA LYS C 483 54.98 13.69 8.00
C LYS C 483 54.62 14.41 6.69
N PRO C 484 54.35 13.67 5.60
CA PRO C 484 53.89 14.41 4.42
C PRO C 484 52.38 14.76 4.48
N PHE C 485 51.56 13.98 3.77
CA PHE C 485 50.09 14.17 3.70
C PHE C 485 49.47 13.17 2.71
N LYS D 6 29.48 12.53 -14.66
CA LYS D 6 28.03 12.44 -14.27
C LYS D 6 27.64 13.60 -13.36
N LYS D 7 26.60 14.32 -13.75
CA LYS D 7 26.02 15.35 -12.90
C LYS D 7 25.01 14.69 -11.95
N LEU D 8 25.11 15.01 -10.65
CA LEU D 8 24.14 14.58 -9.63
C LEU D 8 22.83 15.30 -9.88
N THR D 9 21.71 14.56 -9.87
CA THR D 9 20.38 15.16 -10.19
C THR D 9 19.28 14.77 -9.21
N THR D 10 18.23 15.58 -9.14
CA THR D 10 17.00 15.15 -8.47
C THR D 10 16.33 14.08 -9.34
N ASN D 11 15.23 13.50 -8.84
CA ASN D 11 14.42 12.56 -9.66
C ASN D 11 13.73 13.22 -10.84
N GLN D 12 13.75 14.56 -10.86
CA GLN D 12 13.19 15.37 -11.96
C GLN D 12 14.22 15.64 -13.05
N GLY D 13 15.46 15.19 -12.86
CA GLY D 13 16.49 15.42 -13.86
C GLY D 13 17.14 16.77 -13.76
N VAL D 14 16.87 17.50 -12.68
CA VAL D 14 17.50 18.82 -12.44
C VAL D 14 18.88 18.64 -11.80
N PRO D 15 19.93 19.25 -12.42
CA PRO D 15 21.24 19.16 -11.80
C PRO D 15 21.24 19.90 -10.46
N ILE D 16 21.84 19.24 -9.44
CA ILE D 16 21.87 19.67 -8.05
C ILE D 16 23.16 20.45 -7.81
N GLY D 17 23.04 21.71 -7.34
CA GLY D 17 24.21 22.53 -7.05
C GLY D 17 24.87 22.19 -5.71
N ASP D 18 24.07 21.93 -4.69
CA ASP D 18 24.59 21.81 -3.34
C ASP D 18 23.85 20.67 -2.63
N ASN D 19 24.55 19.54 -2.48
CA ASN D 19 24.06 18.34 -1.86
C ASN D 19 24.44 18.23 -0.40
N GLN D 20 24.84 19.33 0.22
CA GLN D 20 25.37 19.29 1.60
C GLN D 20 24.55 20.16 2.55
N ASN D 21 23.88 21.18 2.00
CA ASN D 21 23.14 22.12 2.84
C ASN D 21 21.65 22.23 2.52
N SER D 22 20.83 22.17 3.57
CA SER D 22 19.40 22.44 3.45
C SER D 22 19.20 23.94 3.19
N ARG D 23 18.07 24.30 2.59
CA ARG D 23 17.73 25.69 2.38
C ARG D 23 17.01 26.23 3.63
N THR D 24 17.64 27.21 4.26
CA THR D 24 17.18 27.71 5.53
C THR D 24 16.84 29.19 5.45
N ALA D 25 15.92 29.63 6.30
CA ALA D 25 15.56 31.02 6.44
C ALA D 25 16.68 31.71 7.25
N GLY D 26 17.80 31.94 6.57
CA GLY D 26 19.01 32.38 7.22
C GLY D 26 20.01 31.28 7.51
N ARG D 27 21.28 31.67 7.53
CA ARG D 27 22.40 30.80 7.87
C ARG D 27 22.16 29.95 9.09
N ARG D 28 21.48 30.51 10.08
CA ARG D 28 21.19 29.74 11.32
C ARG D 28 19.69 29.68 11.59
N GLY D 29 18.90 29.85 10.53
CA GLY D 29 17.44 29.82 10.63
C GLY D 29 16.81 28.46 10.32
N PRO D 30 15.50 28.34 10.57
CA PRO D 30 14.74 27.10 10.34
C PRO D 30 14.63 26.71 8.85
N THR D 31 14.47 25.43 8.59
CA THR D 31 14.46 24.87 7.22
C THR D 31 13.14 25.17 6.48
N LEU D 32 13.28 25.42 5.18
CA LEU D 32 12.16 25.85 4.33
C LEU D 32 11.42 24.69 3.70
N LEU D 33 10.08 24.73 3.76
CA LEU D 33 9.23 23.75 3.11
C LEU D 33 9.43 23.73 1.59
N GLU D 34 9.97 24.81 1.03
CA GLU D 34 10.25 24.86 -0.41
C GLU D 34 11.56 24.18 -0.83
N ASP D 35 12.33 23.67 0.11
CA ASP D 35 13.48 22.83 -0.26
C ASP D 35 13.06 21.48 -0.93
N TYR D 36 12.69 21.56 -2.22
CA TYR D 36 12.18 20.38 -2.94
C TYR D 36 13.20 19.28 -2.93
N GLN D 37 14.45 19.66 -3.20
CA GLN D 37 15.56 18.71 -3.26
C GLN D 37 15.69 17.94 -1.97
N LEU D 38 15.69 18.64 -0.83
CA LEU D 38 15.70 17.98 0.48
C LEU D 38 14.54 17.00 0.64
N ILE D 39 13.34 17.52 0.44
CA ILE D 39 12.13 16.77 0.70
C ILE D 39 11.98 15.57 -0.24
N GLU D 40 12.37 15.73 -1.50
CA GLU D 40 12.30 14.61 -2.43
C GLU D 40 13.21 13.48 -1.95
N LYS D 41 14.41 13.86 -1.49
CA LYS D 41 15.48 12.92 -1.11
C LYS D 41 15.13 12.19 0.20
N ILE D 42 14.72 12.97 1.19
CA ILE D 42 14.24 12.42 2.47
C ILE D 42 13.01 11.55 2.26
N ALA D 43 12.03 12.05 1.51
CA ALA D 43 10.77 11.32 1.35
C ALA D 43 11.03 9.96 0.68
N HIS D 44 11.98 9.91 -0.25
CA HIS D 44 12.30 8.64 -0.87
C HIS D 44 13.03 7.69 0.10
N PHE D 45 14.00 8.23 0.84
CA PHE D 45 14.67 7.49 1.89
C PHE D 45 13.63 6.94 2.86
N ASP D 46 12.62 7.74 3.16
CA ASP D 46 11.53 7.36 4.07
C ASP D 46 10.69 6.17 3.58
N ARG D 47 10.86 5.84 2.30
CA ARG D 47 10.05 4.82 1.64
C ARG D 47 10.88 3.65 1.08
N GLU D 48 12.15 3.56 1.46
CA GLU D 48 13.04 2.54 0.88
C GLU D 48 12.58 1.11 1.18
N ARG D 49 12.03 0.91 2.38
CA ARG D 49 11.72 -0.42 2.90
C ARG D 49 10.37 -0.95 2.47
N VAL D 50 10.35 -2.25 2.19
CA VAL D 50 9.12 -3.00 1.89
C VAL D 50 9.00 -4.14 2.91
N PRO D 51 7.85 -4.82 2.97
CA PRO D 51 7.78 -5.92 3.92
C PRO D 51 8.76 -7.04 3.55
N GLU D 52 9.36 -7.64 4.58
CA GLU D 52 10.24 -8.77 4.42
C GLU D 52 9.31 -9.99 4.26
N ARG D 53 9.86 -11.11 3.79
CA ARG D 53 9.09 -12.31 3.55
C ARG D 53 8.53 -12.85 4.87
N VAL D 54 7.33 -13.41 4.81
CA VAL D 54 6.65 -13.78 6.06
C VAL D 54 7.39 -14.94 6.70
N VAL D 55 7.97 -15.79 5.85
CA VAL D 55 9.00 -16.79 6.19
C VAL D 55 10.14 -16.76 5.14
N HIS D 56 11.32 -17.24 5.55
CA HIS D 56 12.54 -17.19 4.72
C HIS D 56 13.01 -15.77 4.40
N ALA D 57 12.76 -14.86 5.32
CA ALA D 57 13.22 -13.46 5.18
C ALA D 57 14.73 -13.37 4.93
N ARG D 58 15.49 -14.15 5.69
CA ARG D 58 16.94 -14.10 5.61
C ARG D 58 17.38 -15.01 4.47
N GLY D 59 18.24 -14.48 3.60
CA GLY D 59 18.62 -15.20 2.39
C GLY D 59 19.65 -14.56 1.50
N PHE D 60 20.07 -15.31 0.49
CA PHE D 60 21.13 -14.92 -0.43
C PHE D 60 20.72 -15.38 -1.84
N GLY D 61 20.89 -14.53 -2.83
CA GLY D 61 20.60 -14.91 -4.22
C GLY D 61 21.79 -14.81 -5.15
N ALA D 62 21.79 -15.59 -6.22
CA ALA D 62 22.80 -15.43 -7.29
C ALA D 62 22.30 -15.92 -8.67
N HIS D 63 22.92 -15.41 -9.73
CA HIS D 63 22.60 -15.82 -11.09
C HIS D 63 23.48 -16.99 -11.54
N GLY D 64 22.98 -17.74 -12.50
CA GLY D 64 23.69 -18.88 -13.02
C GLY D 64 23.00 -19.53 -14.20
N VAL D 65 23.36 -20.79 -14.44
CA VAL D 65 22.89 -21.51 -15.62
C VAL D 65 22.50 -22.92 -15.24
N PHE D 66 21.42 -23.42 -15.84
CA PHE D 66 21.14 -24.84 -15.79
C PHE D 66 21.53 -25.48 -17.11
N LYS D 67 22.30 -26.56 -17.05
CA LYS D 67 22.60 -27.33 -18.25
C LYS D 67 21.95 -28.71 -18.15
N VAL D 68 21.10 -29.04 -19.13
CA VAL D 68 20.50 -30.37 -19.13
C VAL D 68 21.45 -31.38 -19.78
N LYS D 69 21.70 -32.47 -19.05
CA LYS D 69 22.61 -33.52 -19.49
C LYS D 69 21.86 -34.75 -20.05
N ASN D 70 20.73 -35.08 -19.46
CA ASN D 70 19.94 -36.21 -19.93
C ASN D 70 18.53 -35.78 -20.30
N SER D 71 18.15 -36.03 -21.55
CA SER D 71 16.81 -35.77 -22.06
C SER D 71 15.77 -36.39 -21.15
N MET D 72 14.72 -35.63 -20.84
CA MET D 72 13.63 -36.15 -19.99
C MET D 72 12.33 -36.39 -20.78
N LYS D 73 12.46 -36.45 -22.10
CA LYS D 73 11.31 -36.58 -23.00
C LYS D 73 10.40 -37.79 -22.71
N LYS D 74 10.96 -38.87 -22.19
CA LYS D 74 10.10 -40.02 -21.87
C LYS D 74 9.11 -39.69 -20.72
N TYR D 75 9.47 -38.75 -19.85
CA TYR D 75 8.69 -38.42 -18.64
C TYR D 75 7.90 -37.10 -18.72
N THR D 76 8.38 -36.18 -19.54
CA THR D 76 7.75 -34.87 -19.66
C THR D 76 8.01 -34.24 -21.02
N LYS D 77 7.00 -33.51 -21.49
CA LYS D 77 7.10 -32.72 -22.71
C LYS D 77 7.61 -31.29 -22.46
N ALA D 78 8.12 -31.02 -21.25
CA ALA D 78 8.72 -29.71 -20.90
C ALA D 78 9.85 -29.35 -21.88
N ALA D 79 9.63 -28.28 -22.64
CA ALA D 79 10.50 -27.92 -23.78
C ALA D 79 11.98 -27.95 -23.44
N PHE D 80 12.36 -27.31 -22.34
CA PHE D 80 13.77 -27.11 -22.03
C PHE D 80 14.48 -28.41 -21.66
N LEU D 81 13.68 -29.43 -21.36
CA LEU D 81 14.15 -30.73 -20.89
C LEU D 81 14.24 -31.78 -22.03
N GLN D 82 13.93 -31.37 -23.26
CA GLN D 82 13.88 -32.26 -24.43
C GLN D 82 15.27 -32.67 -24.95
N GLU D 83 16.17 -31.70 -25.09
CA GLU D 83 17.47 -31.93 -25.71
C GLU D 83 18.60 -31.85 -24.69
N GLU D 84 19.44 -32.88 -24.66
CA GLU D 84 20.68 -32.82 -23.91
C GLU D 84 21.49 -31.68 -24.49
N GLY D 85 22.01 -30.82 -23.63
CA GLY D 85 22.76 -29.67 -24.10
C GLY D 85 22.09 -28.32 -23.90
N THR D 86 20.76 -28.28 -23.80
CA THR D 86 20.11 -26.98 -23.58
C THR D 86 20.48 -26.33 -22.23
N GLU D 87 20.77 -25.04 -22.30
CA GLU D 87 21.05 -24.22 -21.14
C GLU D 87 19.89 -23.31 -20.87
N VAL D 88 19.51 -23.19 -19.60
CA VAL D 88 18.54 -22.18 -19.22
C VAL D 88 19.15 -21.24 -18.15
N PRO D 89 18.95 -19.91 -18.30
CA PRO D 89 19.40 -18.99 -17.27
C PRO D 89 18.57 -19.24 -16.01
N VAL D 90 19.24 -19.16 -14.85
CA VAL D 90 18.55 -19.33 -13.58
C VAL D 90 18.87 -18.18 -12.63
N PHE D 91 17.95 -17.94 -11.68
CA PHE D 91 18.26 -17.16 -10.50
C PHE D 91 17.83 -17.99 -9.27
N ALA D 92 18.72 -18.08 -8.31
CA ALA D 92 18.51 -18.93 -7.14
C ALA D 92 18.61 -18.09 -5.88
N ARG D 93 17.82 -18.47 -4.87
CA ARG D 93 17.88 -17.80 -3.58
C ARG D 93 17.84 -18.86 -2.51
N PHE D 94 18.75 -18.73 -1.53
CA PHE D 94 18.90 -19.67 -0.44
C PHE D 94 18.57 -18.91 0.83
N SER D 95 18.03 -19.61 1.83
CA SER D 95 17.49 -18.97 3.02
C SER D 95 17.37 -19.87 4.22
N THR D 96 17.32 -19.25 5.40
CA THR D 96 16.81 -19.89 6.60
C THR D 96 15.27 -19.72 6.58
N VAL D 97 14.58 -19.95 7.70
CA VAL D 97 13.12 -19.96 7.65
C VAL D 97 12.44 -18.96 8.55
N ILE D 98 12.72 -19.07 9.85
CA ILE D 98 11.91 -18.46 10.91
C ILE D 98 12.22 -16.99 11.22
N HIS D 99 13.49 -16.61 11.35
CA HIS D 99 13.78 -15.22 11.75
C HIS D 99 13.95 -14.24 10.59
N GLY D 100 14.04 -12.96 10.93
CA GLY D 100 13.96 -11.89 9.97
C GLY D 100 15.25 -11.54 9.29
N THR D 101 15.18 -10.49 8.50
CA THR D 101 16.34 -9.95 7.83
C THR D 101 17.52 -9.67 8.85
N HIS D 102 18.75 -10.05 8.48
CA HIS D 102 19.92 -9.76 9.33
C HIS D 102 19.95 -10.63 10.61
N SER D 103 19.24 -11.74 10.55
CA SER D 103 19.25 -12.75 11.54
C SER D 103 20.46 -13.63 11.30
N PRO D 104 21.04 -14.24 12.36
CA PRO D 104 22.17 -15.15 12.14
C PRO D 104 21.85 -16.31 11.20
N GLU D 105 22.80 -16.62 10.33
CA GLU D 105 22.72 -17.80 9.45
C GLU D 105 23.27 -19.08 10.12
N THR D 106 23.50 -18.99 11.43
CA THR D 106 23.99 -20.10 12.24
C THR D 106 22.87 -20.87 12.95
N LEU D 107 21.62 -20.41 12.76
CA LEU D 107 20.50 -20.92 13.53
C LEU D 107 19.93 -22.25 12.99
N ARG D 108 19.40 -23.05 13.90
CA ARG D 108 18.75 -24.29 13.51
C ARG D 108 17.49 -23.93 12.71
N ASP D 109 17.47 -24.42 11.47
CA ASP D 109 16.40 -24.18 10.52
C ASP D 109 16.63 -25.02 9.30
N PRO D 110 15.56 -25.53 8.72
CA PRO D 110 15.70 -26.03 7.36
C PRO D 110 16.19 -24.88 6.49
N ARG D 111 16.80 -25.19 5.35
CA ARG D 111 17.26 -24.16 4.41
C ARG D 111 16.50 -24.18 3.08
N GLY D 112 16.00 -23.00 2.71
CA GLY D 112 15.28 -22.83 1.47
C GLY D 112 16.20 -22.98 0.30
N PHE D 113 15.67 -23.50 -0.79
CA PHE D 113 16.42 -23.78 -2.00
C PHE D 113 15.46 -23.46 -3.14
N SER D 114 15.58 -22.24 -3.70
CA SER D 114 14.65 -21.76 -4.71
C SER D 114 15.38 -21.43 -5.99
N VAL D 115 14.82 -21.86 -7.12
CA VAL D 115 15.45 -21.65 -8.42
C VAL D 115 14.41 -21.28 -9.45
N LYS D 116 14.57 -20.10 -10.04
CA LYS D 116 13.73 -19.65 -11.15
C LYS D 116 14.43 -20.04 -12.46
N PHE D 117 13.73 -20.78 -13.32
CA PHE D 117 14.26 -21.17 -14.63
C PHE D 117 13.59 -20.30 -15.67
N TYR D 118 14.37 -19.50 -16.39
CA TYR D 118 13.79 -18.66 -17.45
C TYR D 118 13.79 -19.42 -18.76
N THR D 119 12.70 -20.15 -18.96
CA THR D 119 12.54 -21.11 -20.04
C THR D 119 11.90 -20.47 -21.27
N GLU D 120 12.11 -21.10 -22.43
CA GLU D 120 11.51 -20.73 -23.71
C GLU D 120 9.97 -20.77 -23.70
N GLU D 121 9.39 -21.52 -22.76
CA GLU D 121 7.94 -21.65 -22.64
C GLU D 121 7.41 -21.17 -21.27
N GLY D 122 8.13 -20.23 -20.64
CA GLY D 122 7.69 -19.63 -19.39
C GLY D 122 8.65 -19.80 -18.24
N ASN D 123 8.42 -19.08 -17.15
CA ASN D 123 9.20 -19.32 -15.94
C ASN D 123 8.77 -20.59 -15.20
N TRP D 124 9.74 -21.35 -14.71
CA TRP D 124 9.49 -22.46 -13.81
C TRP D 124 10.23 -22.17 -12.52
N ASP D 125 9.53 -22.21 -11.40
CA ASP D 125 10.12 -21.98 -10.09
C ASP D 125 10.18 -23.32 -9.35
N PHE D 126 11.39 -23.68 -8.92
CA PHE D 126 11.58 -24.82 -8.04
C PHE D 126 11.69 -24.18 -6.69
N VAL D 127 10.85 -24.59 -5.74
CA VAL D 127 10.88 -23.99 -4.40
C VAL D 127 10.90 -25.10 -3.37
N GLY D 128 12.12 -25.49 -3.00
CA GLY D 128 12.35 -26.54 -2.03
C GLY D 128 13.15 -26.10 -0.82
N ASN D 129 13.50 -27.09 0.00
CA ASN D 129 14.33 -26.96 1.19
C ASN D 129 15.46 -27.98 1.05
N ASN D 130 16.46 -27.92 1.93
CA ASN D 130 17.49 -28.95 1.96
C ASN D 130 16.94 -30.29 2.47
N LEU D 131 16.21 -30.21 3.59
CA LEU D 131 15.57 -31.37 4.21
C LEU D 131 14.44 -31.92 3.30
N PRO D 132 14.37 -33.26 3.15
CA PRO D 132 13.46 -33.94 2.22
C PRO D 132 12.01 -34.12 2.69
N VAL D 133 11.74 -33.84 3.96
CA VAL D 133 10.36 -33.90 4.46
C VAL D 133 9.94 -32.61 5.16
N PHE D 134 8.69 -32.58 5.63
CA PHE D 134 8.14 -31.40 6.31
C PHE D 134 7.32 -31.77 7.53
N PHE D 135 7.15 -30.80 8.43
CA PHE D 135 6.50 -30.98 9.75
C PHE D 135 5.04 -31.37 9.68
N ILE D 136 4.36 -31.02 8.58
CA ILE D 136 2.90 -31.16 8.51
C ILE D 136 2.51 -31.54 7.10
N ARG D 137 1.26 -31.94 6.87
CA ARG D 137 0.88 -32.39 5.51
C ARG D 137 -0.34 -31.70 4.92
N ASP D 138 -0.79 -30.64 5.56
CA ASP D 138 -1.91 -29.90 5.05
C ASP D 138 -1.66 -28.43 5.26
N ALA D 139 -1.79 -27.65 4.19
CA ALA D 139 -1.61 -26.20 4.26
C ALA D 139 -2.42 -25.52 5.39
N MET D 140 -3.62 -26.04 5.70
CA MET D 140 -4.47 -25.57 6.83
C MET D 140 -3.70 -25.36 8.15
N LYS D 141 -2.60 -26.10 8.32
CA LYS D 141 -1.83 -26.03 9.56
C LYS D 141 -0.63 -25.06 9.54
N PHE D 142 -0.32 -24.53 8.35
CA PHE D 142 0.90 -23.73 8.14
C PHE D 142 1.01 -22.47 8.99
N PRO D 143 -0.07 -21.67 9.08
CA PRO D 143 0.08 -20.48 9.96
C PRO D 143 0.31 -20.85 11.43
N ASP D 144 -0.44 -21.82 11.92
CA ASP D 144 -0.24 -22.36 13.25
C ASP D 144 1.21 -22.87 13.42
N MET D 145 1.74 -23.59 12.43
CA MET D 145 3.10 -24.15 12.57
C MET D 145 4.15 -23.05 12.64
N VAL D 146 4.07 -22.10 11.71
CA VAL D 146 4.92 -20.92 11.71
C VAL D 146 4.81 -20.12 13.02
N HIS D 147 3.60 -19.73 13.42
CA HIS D 147 3.38 -18.94 14.64
C HIS D 147 4.03 -19.55 15.89
N SER D 148 3.91 -20.88 16.04
CA SER D 148 4.51 -21.58 17.18
C SER D 148 6.03 -21.47 17.15
N LEU D 149 6.60 -21.54 15.95
CA LEU D 149 8.07 -21.49 15.72
C LEU D 149 8.65 -20.08 15.74
N LYS D 150 7.84 -19.10 15.33
CA LYS D 150 8.22 -17.70 15.32
C LYS D 150 8.44 -17.19 16.75
N PRO D 151 9.21 -16.09 16.91
CA PRO D 151 9.29 -15.48 18.22
C PRO D 151 7.95 -15.38 18.93
N ASP D 152 7.97 -15.68 20.22
CA ASP D 152 6.83 -15.46 21.11
C ASP D 152 6.31 -14.04 20.91
N PRO D 153 5.00 -13.88 20.67
CA PRO D 153 4.49 -12.54 20.25
C PRO D 153 4.58 -11.46 21.33
N ARG D 154 4.91 -11.85 22.57
CA ARG D 154 5.23 -10.89 23.65
C ARG D 154 6.75 -10.59 23.87
N THR D 155 7.59 -11.62 23.93
CA THR D 155 9.02 -11.44 24.26
C THR D 155 9.87 -11.10 23.04
N ASN D 156 9.42 -11.57 21.87
CA ASN D 156 10.14 -11.41 20.60
C ASN D 156 11.36 -12.32 20.57
N ILE D 157 11.24 -13.44 21.26
CA ILE D 157 12.27 -14.46 21.26
C ILE D 157 11.62 -15.82 21.09
N GLN D 158 12.22 -16.63 20.21
CA GLN D 158 11.74 -17.98 19.95
C GLN D 158 11.82 -18.81 21.23
N ASP D 159 10.79 -19.62 21.44
CA ASP D 159 10.64 -20.37 22.67
C ASP D 159 10.32 -21.82 22.33
N PRO D 160 11.24 -22.75 22.61
CA PRO D 160 10.91 -24.18 22.45
C PRO D 160 9.64 -24.65 23.18
N ASP D 161 9.30 -24.03 24.30
CA ASP D 161 8.08 -24.40 24.97
C ASP D 161 6.82 -24.29 24.06
N ARG D 162 6.87 -23.40 23.07
CA ARG D 162 5.71 -23.13 22.23
C ARG D 162 5.65 -24.08 21.08
N TYR D 163 6.77 -24.22 20.38
CA TYR D 163 6.76 -25.05 19.17
C TYR D 163 6.68 -26.55 19.40
N TRP D 164 7.29 -27.03 20.49
CA TRP D 164 7.07 -28.41 20.93
C TRP D 164 5.59 -28.64 21.25
N ASP D 165 4.96 -27.63 21.86
CA ASP D 165 3.52 -27.72 22.17
C ASP D 165 2.75 -28.07 20.90
N PHE D 166 3.00 -27.31 19.84
CA PHE D 166 2.40 -27.57 18.53
C PHE D 166 2.86 -28.90 17.93
N MET D 167 4.17 -29.13 17.88
CA MET D 167 4.68 -30.34 17.26
C MET D 167 4.22 -31.64 17.95
N THR D 168 4.24 -31.66 19.28
CA THR D 168 3.75 -32.85 19.99
C THR D 168 2.28 -33.09 19.69
N LEU D 169 1.51 -32.01 19.56
CA LEU D 169 0.07 -32.16 19.41
C LEU D 169 -0.28 -32.53 17.98
N ARG D 170 0.70 -32.32 17.10
CA ARG D 170 0.59 -32.66 15.70
C ARG D 170 1.67 -33.68 15.32
N PRO D 171 1.50 -34.94 15.80
CA PRO D 171 2.56 -35.98 15.77
C PRO D 171 3.07 -36.40 14.40
N GLU D 172 2.39 -36.00 13.32
CA GLU D 172 2.95 -36.18 11.95
C GLU D 172 4.33 -35.49 11.76
N SER D 173 4.62 -34.55 12.66
CA SER D 173 5.86 -33.79 12.65
C SER D 173 7.11 -34.60 12.98
N THR D 174 6.90 -35.75 13.63
CA THR D 174 7.98 -36.59 14.20
C THR D 174 9.14 -36.84 13.22
N ASN D 175 8.80 -37.26 12.00
CA ASN D 175 9.82 -37.52 10.98
C ASN D 175 10.73 -36.31 10.69
N MET D 176 10.13 -35.12 10.61
CA MET D 176 10.85 -33.87 10.39
C MET D 176 11.76 -33.51 11.57
N LEU D 177 11.27 -33.76 12.78
CA LEU D 177 12.11 -33.59 13.96
C LEU D 177 13.39 -34.47 13.92
N MET D 178 13.26 -35.71 13.47
CA MET D 178 14.40 -36.61 13.27
C MET D 178 15.46 -35.98 12.38
N HIS D 179 15.03 -35.18 11.40
CA HIS D 179 15.94 -34.61 10.40
C HIS D 179 16.55 -33.31 10.88
N ILE D 180 15.68 -32.42 11.34
CA ILE D 180 16.06 -31.06 11.72
C ILE D 180 16.92 -31.03 12.98
N PHE D 181 16.84 -32.08 13.79
CA PHE D 181 17.66 -32.16 15.00
C PHE D 181 18.96 -32.99 14.88
N THR D 182 19.26 -33.47 13.68
CA THR D 182 20.64 -33.85 13.38
C THR D 182 21.47 -32.58 13.19
N ASP D 183 22.73 -32.73 12.84
CA ASP D 183 23.54 -31.57 12.52
C ASP D 183 23.19 -30.93 11.17
N GLU D 184 22.39 -31.65 10.37
CA GLU D 184 21.90 -31.10 9.11
C GLU D 184 20.92 -29.92 9.33
N GLY D 185 20.49 -29.71 10.57
CA GLY D 185 19.66 -28.54 10.91
C GLY D 185 20.39 -27.22 10.85
N ILE D 186 21.73 -27.30 10.78
CA ILE D 186 22.61 -26.13 10.66
C ILE D 186 23.64 -26.33 9.54
N PRO D 187 23.24 -26.20 8.27
CA PRO D 187 24.28 -26.30 7.22
C PRO D 187 25.47 -25.33 7.37
N ALA D 188 26.65 -25.80 6.99
CA ALA D 188 27.87 -25.00 7.12
C ALA D 188 27.79 -23.76 6.24
N SER D 189 27.05 -23.88 5.13
CA SER D 189 26.65 -22.77 4.30
C SER D 189 25.75 -23.25 3.14
N TYR D 190 25.21 -22.28 2.41
CA TYR D 190 24.31 -22.51 1.30
C TYR D 190 24.91 -23.35 0.17
N ARG D 191 26.20 -23.23 -0.07
CA ARG D 191 26.84 -24.03 -1.12
C ARG D 191 27.06 -25.49 -0.69
N LYS D 192 26.95 -25.74 0.62
CA LYS D 192 27.31 -27.02 1.22
C LYS D 192 26.09 -27.74 1.76
N MET D 193 25.01 -27.65 0.99
CA MET D 193 23.75 -28.28 1.34
C MET D 193 23.08 -28.88 0.11
N ARG D 194 22.16 -29.82 0.37
CA ARG D 194 21.37 -30.44 -0.68
C ARG D 194 20.11 -29.61 -0.89
N GLY D 195 19.29 -30.04 -1.84
CA GLY D 195 17.95 -29.48 -2.06
C GLY D 195 16.97 -30.59 -2.32
N SER D 196 15.71 -30.37 -1.93
CA SER D 196 14.63 -31.35 -2.11
C SER D 196 13.37 -30.64 -2.58
N SER D 197 12.63 -31.27 -3.47
CA SER D 197 11.30 -30.78 -3.80
C SER D 197 10.37 -30.97 -2.61
N VAL D 198 10.70 -31.93 -1.74
CA VAL D 198 9.84 -32.39 -0.63
C VAL D 198 8.54 -33.01 -1.16
N HIS D 199 7.73 -32.22 -1.89
CA HIS D 199 6.53 -32.76 -2.51
C HIS D 199 6.87 -33.52 -3.79
N SER D 200 6.00 -34.47 -4.14
CA SER D 200 5.96 -35.00 -5.51
C SER D 200 5.19 -34.03 -6.40
N PHE D 201 5.48 -34.10 -7.70
CA PHE D 201 4.79 -33.28 -8.69
C PHE D 201 4.42 -34.24 -9.78
N LYS D 202 3.68 -33.75 -10.77
CA LYS D 202 3.32 -34.56 -11.92
C LYS D 202 4.07 -34.09 -13.16
N TRP D 203 4.72 -35.03 -13.83
CA TRP D 203 5.25 -34.76 -15.17
C TRP D 203 4.41 -35.48 -16.20
N VAL D 204 4.04 -34.78 -17.27
CA VAL D 204 3.15 -35.29 -18.32
C VAL D 204 3.90 -35.26 -19.66
N ASN D 205 3.90 -36.38 -20.39
CA ASN D 205 4.63 -36.49 -21.66
C ASN D 205 3.81 -36.15 -22.90
N ALA D 206 4.42 -36.27 -24.08
CA ALA D 206 3.81 -35.86 -25.32
C ALA D 206 2.69 -36.80 -25.73
N HIS D 207 2.79 -38.05 -25.28
CA HIS D 207 1.71 -39.01 -25.52
C HIS D 207 0.63 -38.95 -24.44
N GLY D 208 0.85 -38.17 -23.38
CA GLY D 208 -0.19 -37.89 -22.39
C GLY D 208 -0.17 -38.79 -21.16
N ASN D 209 0.97 -39.42 -20.92
CA ASN D 209 1.18 -40.23 -19.73
C ASN D 209 1.81 -39.38 -18.64
N THR D 210 1.27 -39.52 -17.44
CA THR D 210 1.79 -38.75 -16.32
C THR D 210 2.40 -39.66 -15.27
N VAL D 211 3.47 -39.17 -14.68
CA VAL D 211 4.14 -39.86 -13.58
C VAL D 211 4.30 -38.90 -12.40
N TYR D 212 4.27 -39.45 -11.19
CA TYR D 212 4.65 -38.70 -10.02
C TYR D 212 6.16 -38.58 -10.01
N ILE D 213 6.66 -37.40 -9.64
CA ILE D 213 8.08 -37.16 -9.63
C ILE D 213 8.48 -36.44 -8.35
N LYS D 214 9.75 -36.66 -7.95
CA LYS D 214 10.36 -35.89 -6.89
C LYS D 214 11.68 -35.36 -7.45
N LEU D 215 12.09 -34.19 -6.95
CA LEU D 215 13.29 -33.51 -7.42
C LEU D 215 14.36 -33.42 -6.35
N ARG D 216 15.61 -33.48 -6.80
CA ARG D 216 16.70 -33.73 -5.88
C ARG D 216 17.96 -33.00 -6.33
N TRP D 217 18.49 -32.12 -5.46
CA TRP D 217 19.77 -31.40 -5.71
C TRP D 217 20.94 -31.91 -4.86
N VAL D 218 22.03 -32.29 -5.52
CA VAL D 218 23.23 -32.78 -4.84
C VAL D 218 24.39 -31.80 -5.03
N PRO D 219 24.97 -31.29 -3.93
CA PRO D 219 26.10 -30.34 -4.02
C PRO D 219 27.42 -30.99 -4.45
N LYS D 220 28.07 -30.39 -5.44
CA LYS D 220 29.42 -30.78 -5.87
C LYS D 220 30.42 -30.64 -4.70
N GLU D 221 30.12 -29.72 -3.78
CA GLU D 221 30.96 -29.47 -2.59
C GLU D 221 30.72 -30.45 -1.43
N GLY D 222 29.75 -31.36 -1.58
CA GLY D 222 29.32 -32.23 -0.48
C GLY D 222 28.39 -31.52 0.49
N VAL D 223 27.72 -32.32 1.32
CA VAL D 223 26.88 -31.82 2.39
C VAL D 223 27.80 -31.66 3.62
N HIS D 224 27.86 -30.43 4.15
CA HIS D 224 28.64 -30.12 5.36
C HIS D 224 27.80 -29.36 6.35
N ASN D 225 27.92 -29.73 7.63
CA ASN D 225 27.05 -29.21 8.69
C ASN D 225 27.84 -28.63 9.87
N LEU D 226 27.13 -27.94 10.76
CA LEU D 226 27.72 -27.41 11.97
C LEU D 226 27.07 -28.03 13.20
N SER D 227 27.88 -28.42 14.18
CA SER D 227 27.38 -28.81 15.50
C SER D 227 26.93 -27.53 16.22
N ALA D 228 26.11 -27.70 17.26
CA ALA D 228 25.63 -26.58 18.08
C ALA D 228 26.79 -25.69 18.54
N ASP D 229 27.84 -26.31 19.05
CA ASP D 229 29.04 -25.60 19.52
C ASP D 229 29.78 -24.89 18.39
N GLU D 230 29.91 -25.57 17.24
CA GLU D 230 30.49 -24.94 16.03
C GLU D 230 29.66 -23.74 15.52
N ALA D 231 28.34 -23.92 15.45
CA ALA D 231 27.41 -22.84 15.07
C ALA D 231 27.50 -21.64 16.02
N THR D 232 27.70 -21.94 17.31
CA THR D 232 27.83 -20.94 18.37
C THR D 232 29.10 -20.11 18.23
N GLU D 233 30.22 -20.79 17.92
CA GLU D 233 31.49 -20.13 17.67
C GLU D 233 31.41 -19.27 16.41
N VAL D 234 30.83 -19.81 15.34
CA VAL D 234 30.65 -19.02 14.10
C VAL D 234 29.83 -17.74 14.37
N GLN D 235 28.71 -17.93 15.07
CA GLN D 235 27.75 -16.87 15.32
C GLN D 235 28.39 -15.65 15.98
N GLY D 236 29.30 -15.89 16.94
CA GLY D 236 29.98 -14.81 17.66
C GLY D 236 30.75 -13.89 16.73
N LYS D 237 31.26 -14.45 15.64
CA LYS D 237 32.21 -13.75 14.78
C LYS D 237 31.58 -13.16 13.53
N ASP D 238 30.53 -13.81 13.04
CA ASP D 238 29.94 -13.45 11.76
C ASP D 238 28.51 -13.98 11.71
N PHE D 239 27.54 -13.07 11.76
CA PHE D 239 26.13 -13.42 11.66
C PHE D 239 25.60 -13.49 10.21
N ASN D 240 26.47 -13.18 9.26
CA ASN D 240 26.18 -13.28 7.84
C ASN D 240 27.03 -14.36 7.18
N HIS D 241 27.33 -15.42 7.90
CA HIS D 241 28.46 -16.28 7.50
C HIS D 241 28.23 -17.01 6.16
N ALA D 242 27.01 -17.53 5.96
CA ALA D 242 26.68 -18.30 4.74
C ALA D 242 26.53 -17.39 3.50
N SER D 243 25.91 -16.23 3.67
CA SER D 243 25.85 -15.24 2.60
C SER D 243 27.26 -14.79 2.23
N ASN D 244 28.12 -14.63 3.23
CA ASN D 244 29.48 -14.18 3.03
C ASN D 244 30.29 -15.21 2.24
N ASP D 245 30.19 -16.46 2.69
CA ASP D 245 30.84 -17.60 2.06
C ASP D 245 30.42 -17.75 0.61
N THR D 246 29.12 -17.77 0.35
CA THR D 246 28.64 -18.03 -1.00
C THR D 246 28.95 -16.87 -1.95
N PHE D 247 28.87 -15.63 -1.44
CA PHE D 247 29.27 -14.46 -2.24
C PHE D 247 30.74 -14.55 -2.66
N GLN D 248 31.63 -14.72 -1.68
CA GLN D 248 33.09 -14.82 -1.92
C GLN D 248 33.43 -15.99 -2.87
N ALA D 249 32.82 -17.15 -2.64
CA ALA D 249 33.00 -18.30 -3.50
C ALA D 249 32.81 -17.97 -4.99
N ILE D 250 31.78 -17.18 -5.30
CA ILE D 250 31.48 -16.82 -6.68
C ILE D 250 32.47 -15.78 -7.25
N GLU D 251 32.84 -14.79 -6.44
CA GLU D 251 33.87 -13.82 -6.81
C GLU D 251 35.24 -14.47 -7.05
N ASN D 252 35.53 -15.53 -6.27
CA ASN D 252 36.79 -16.25 -6.34
C ASN D 252 36.84 -17.28 -7.48
N GLY D 253 35.70 -17.50 -8.13
CA GLY D 253 35.59 -18.51 -9.19
C GLY D 253 35.40 -19.93 -8.71
N ASP D 254 35.14 -20.11 -7.42
CA ASP D 254 34.73 -21.41 -6.86
C ASP D 254 33.20 -21.53 -6.97
N PHE D 255 32.71 -21.77 -8.19
CA PHE D 255 31.28 -21.68 -8.48
C PHE D 255 30.47 -22.79 -7.83
N PRO D 256 29.56 -22.43 -6.91
CA PRO D 256 28.60 -23.38 -6.34
C PRO D 256 27.85 -24.14 -7.43
N GLU D 257 27.90 -25.47 -7.37
CA GLU D 257 27.28 -26.34 -8.37
C GLU D 257 26.45 -27.39 -7.69
N TRP D 258 25.38 -27.82 -8.36
CA TRP D 258 24.57 -28.92 -7.89
C TRP D 258 24.15 -29.73 -9.07
N ASP D 259 24.10 -31.04 -8.86
CA ASP D 259 23.48 -31.90 -9.84
C ASP D 259 22.00 -32.07 -9.50
N LEU D 260 21.17 -32.00 -10.54
CA LEU D 260 19.74 -32.27 -10.40
C LEU D 260 19.43 -33.72 -10.77
N PHE D 261 18.65 -34.37 -9.90
CA PHE D 261 18.18 -35.75 -10.05
C PHE D 261 16.66 -35.83 -9.92
N VAL D 262 16.05 -36.69 -10.72
CA VAL D 262 14.62 -36.95 -10.65
C VAL D 262 14.30 -38.40 -10.23
N GLN D 263 13.39 -38.54 -9.26
CA GLN D 263 12.83 -39.82 -8.84
C GLN D 263 11.45 -40.01 -9.46
N VAL D 264 11.21 -41.15 -10.11
CA VAL D 264 9.93 -41.35 -10.82
C VAL D 264 9.01 -42.44 -10.21
N LEU D 265 7.71 -42.14 -10.16
CA LEU D 265 6.71 -43.08 -9.66
C LEU D 265 5.44 -43.12 -10.49
N ASP D 266 5.08 -44.31 -10.93
CA ASP D 266 3.85 -44.50 -11.66
C ASP D 266 2.66 -44.31 -10.72
N PRO D 267 1.63 -43.56 -11.18
CA PRO D 267 0.35 -43.41 -10.45
C PRO D 267 -0.30 -44.76 -10.14
N ALA D 268 0.08 -45.80 -10.87
CA ALA D 268 -0.42 -47.14 -10.62
C ALA D 268 0.18 -47.79 -9.37
N ASP D 269 1.39 -47.38 -8.99
CA ASP D 269 2.09 -48.00 -7.86
C ASP D 269 1.98 -47.24 -6.51
N VAL D 270 1.02 -46.31 -6.39
CA VAL D 270 0.90 -45.46 -5.17
C VAL D 270 0.45 -46.20 -3.89
N GLU D 271 -0.17 -47.38 -4.04
CA GLU D 271 -0.71 -48.12 -2.89
C GLU D 271 0.26 -49.19 -2.33
N ASN D 272 1.40 -49.37 -3.00
CA ASN D 272 2.40 -50.42 -2.69
C ASN D 272 3.43 -50.03 -1.64
N PHE D 273 3.12 -49.02 -0.83
CA PHE D 273 4.04 -48.53 0.20
C PHE D 273 3.35 -48.48 1.55
N ASP D 274 4.12 -48.43 2.63
CA ASP D 274 3.55 -48.30 4.00
C ASP D 274 3.18 -46.85 4.37
N PHE D 275 3.28 -45.96 3.38
CA PHE D 275 3.02 -44.53 3.52
C PHE D 275 2.32 -44.03 2.25
N ASP D 276 1.73 -42.84 2.34
CA ASP D 276 1.11 -42.21 1.18
C ASP D 276 2.19 -41.40 0.47
N PRO D 277 2.46 -41.72 -0.81
CA PRO D 277 3.52 -41.04 -1.53
C PRO D 277 3.36 -39.54 -1.55
N LEU D 278 2.12 -39.08 -1.38
CA LEU D 278 1.77 -37.67 -1.52
C LEU D 278 1.73 -36.94 -0.18
N ASP D 279 2.16 -37.64 0.86
CA ASP D 279 2.26 -37.09 2.20
C ASP D 279 3.62 -36.41 2.35
N ALA D 280 3.61 -35.08 2.47
CA ALA D 280 4.82 -34.25 2.65
C ALA D 280 5.68 -34.58 3.87
N THR D 281 5.17 -35.41 4.79
CA THR D 281 5.94 -35.85 5.95
C THR D 281 6.79 -37.12 5.63
N LYS D 282 6.74 -37.56 4.36
CA LYS D 282 7.39 -38.80 3.93
C LYS D 282 8.42 -38.61 2.83
N ASP D 283 9.55 -39.29 2.96
CA ASP D 283 10.66 -39.22 2.02
C ASP D 283 10.43 -40.36 1.03
N TRP D 284 10.92 -40.19 -0.19
CA TRP D 284 11.08 -41.29 -1.13
C TRP D 284 12.55 -41.70 -1.05
N PHE D 285 12.85 -42.76 -0.30
CA PHE D 285 14.22 -43.28 -0.14
C PHE D 285 14.85 -43.62 -1.48
N GLU D 286 16.10 -43.18 -1.63
CA GLU D 286 16.89 -43.44 -2.83
C GLU D 286 16.87 -44.93 -3.16
N ASP D 287 17.10 -45.76 -2.14
CA ASP D 287 17.13 -47.22 -2.33
C ASP D 287 15.78 -47.87 -2.64
N VAL D 288 14.68 -47.09 -2.61
CA VAL D 288 13.36 -47.60 -3.02
C VAL D 288 12.87 -47.00 -4.34
N ILE D 289 13.06 -45.69 -4.54
CA ILE D 289 12.90 -45.04 -5.85
C ILE D 289 14.21 -44.34 -6.28
N PRO D 290 14.86 -44.86 -7.34
CA PRO D 290 16.22 -44.40 -7.67
C PRO D 290 16.29 -42.99 -8.28
N PHE D 291 17.36 -42.28 -7.98
CA PHE D 291 17.64 -40.97 -8.56
C PHE D 291 18.05 -41.16 -10.03
N GLN D 292 17.38 -40.45 -10.95
CA GLN D 292 17.84 -40.39 -12.35
C GLN D 292 18.37 -38.98 -12.67
N HIS D 293 19.53 -38.91 -13.30
CA HIS D 293 20.25 -37.65 -13.51
C HIS D 293 19.61 -36.79 -14.59
N VAL D 294 19.56 -35.48 -14.34
CA VAL D 294 18.92 -34.55 -15.27
C VAL D 294 19.92 -33.56 -15.85
N GLY D 295 20.70 -32.93 -14.98
CA GLY D 295 21.56 -31.85 -15.40
C GLY D 295 22.25 -31.23 -14.21
N THR D 296 23.00 -30.17 -14.47
CA THR D 296 23.74 -29.51 -13.41
C THR D 296 23.46 -28.01 -13.41
N MET D 297 23.34 -27.45 -12.22
CA MET D 297 23.23 -26.00 -12.08
C MET D 297 24.56 -25.45 -11.58
N THR D 298 25.03 -24.40 -12.23
CA THR D 298 26.21 -23.66 -11.81
C THR D 298 25.85 -22.21 -11.52
N LEU D 299 26.27 -21.72 -10.36
CA LEU D 299 26.04 -20.32 -10.02
C LEU D 299 27.33 -19.52 -10.22
N ASN D 300 27.33 -18.72 -11.29
CA ASN D 300 28.54 -18.08 -11.74
C ASN D 300 28.52 -16.56 -11.71
N LYS D 301 27.43 -15.97 -11.21
CA LYS D 301 27.38 -14.51 -11.13
C LYS D 301 26.57 -13.99 -9.96
N ASN D 302 27.21 -13.12 -9.18
CA ASN D 302 26.61 -12.41 -8.08
C ASN D 302 25.68 -11.32 -8.60
N VAL D 303 24.77 -10.88 -7.74
CA VAL D 303 23.82 -9.82 -8.04
C VAL D 303 24.54 -8.49 -8.23
N ASP D 304 23.97 -7.64 -9.08
CA ASP D 304 24.39 -6.24 -9.17
C ASP D 304 23.84 -5.47 -7.97
N ASN D 305 22.63 -5.80 -7.57
CA ASN D 305 21.99 -5.11 -6.48
C ASN D 305 21.07 -6.08 -5.73
N TYR D 306 21.31 -6.21 -4.43
CA TYR D 306 20.53 -7.08 -3.54
C TYR D 306 19.04 -6.77 -3.56
N PHE D 307 18.66 -5.51 -3.34
CA PHE D 307 17.24 -5.16 -3.25
C PHE D 307 16.44 -5.54 -4.49
N ALA D 308 16.92 -5.11 -5.65
CA ALA D 308 16.16 -5.26 -6.90
C ALA D 308 16.19 -6.69 -7.42
N GLU D 309 17.04 -7.53 -6.83
CA GLU D 309 17.20 -8.92 -7.31
C GLU D 309 16.76 -9.93 -6.24
N THR D 310 17.60 -10.10 -5.22
CA THR D 310 17.39 -11.08 -4.17
C THR D 310 16.22 -10.69 -3.30
N GLU D 311 16.11 -9.40 -2.94
CA GLU D 311 14.96 -9.03 -2.11
C GLU D 311 13.65 -9.12 -2.93
N SER D 312 13.68 -8.58 -4.16
CA SER D 312 12.46 -8.40 -4.91
C SER D 312 11.97 -9.62 -5.71
N VAL D 313 12.73 -10.70 -5.74
CA VAL D 313 12.26 -11.88 -6.46
C VAL D 313 11.11 -12.60 -5.78
N GLY D 314 10.22 -13.17 -6.60
CA GLY D 314 9.16 -14.05 -6.11
C GLY D 314 9.23 -15.43 -6.75
N PHE D 315 9.14 -16.49 -5.94
CA PHE D 315 9.03 -17.85 -6.49
C PHE D 315 7.70 -18.44 -6.04
N ASN D 316 7.21 -19.43 -6.77
CA ASN D 316 6.06 -20.18 -6.36
C ASN D 316 6.24 -21.56 -6.95
N PRO D 317 6.19 -22.61 -6.12
CA PRO D 317 6.30 -24.01 -6.59
C PRO D 317 5.20 -24.36 -7.61
N GLY D 318 4.13 -23.54 -7.62
CA GLY D 318 3.03 -23.72 -8.56
C GLY D 318 3.24 -23.02 -9.89
N VAL D 319 4.38 -22.33 -10.02
CA VAL D 319 4.75 -21.73 -11.29
C VAL D 319 5.52 -22.74 -12.12
N LEU D 320 4.79 -23.38 -13.02
CA LEU D 320 5.23 -24.57 -13.74
C LEU D 320 5.13 -24.35 -15.24
N VAL D 321 6.00 -25.01 -16.00
CA VAL D 321 5.96 -24.92 -17.46
C VAL D 321 5.14 -26.10 -18.03
N PRO D 322 4.65 -25.99 -19.29
CA PRO D 322 3.93 -27.12 -19.90
C PRO D 322 4.76 -28.40 -19.81
N GLY D 323 4.08 -29.49 -19.45
CA GLY D 323 4.76 -30.74 -19.12
C GLY D 323 4.76 -31.01 -17.63
N MET D 324 4.41 -29.99 -16.84
CA MET D 324 4.42 -30.12 -15.39
C MET D 324 3.12 -29.67 -14.77
N LEU D 325 2.71 -30.37 -13.73
CA LEU D 325 1.46 -30.14 -13.03
C LEU D 325 1.70 -30.44 -11.57
N PRO D 326 0.91 -29.80 -10.67
CA PRO D 326 1.07 -30.13 -9.24
C PRO D 326 0.41 -31.49 -8.89
N SER D 327 0.95 -32.16 -7.88
CA SER D 327 0.27 -33.31 -7.31
C SER D 327 -0.79 -32.86 -6.32
N GLU D 328 -1.54 -33.81 -5.80
CA GLU D 328 -2.63 -33.55 -4.87
C GLU D 328 -2.16 -33.38 -3.42
N ASP D 329 -0.84 -33.33 -3.23
CA ASP D 329 -0.24 -33.13 -1.93
C ASP D 329 -0.91 -31.89 -1.25
N LYS D 330 -1.67 -32.15 -0.18
CA LYS D 330 -2.45 -31.16 0.54
C LYS D 330 -1.66 -29.96 1.12
N LEU D 331 -0.36 -30.14 1.30
CA LEU D 331 0.50 -29.03 1.73
C LEU D 331 0.90 -28.17 0.52
N LEU D 332 1.19 -28.84 -0.59
CA LEU D 332 1.64 -28.22 -1.83
C LEU D 332 0.54 -27.34 -2.41
N GLN D 333 -0.69 -27.85 -2.31
CA GLN D 333 -1.85 -27.23 -2.90
C GLN D 333 -2.14 -25.85 -2.31
N GLY D 334 -1.82 -25.68 -1.03
CA GLY D 334 -1.93 -24.38 -0.37
C GLY D 334 -0.82 -23.44 -0.81
N ARG D 335 0.38 -24.00 -1.02
CA ARG D 335 1.52 -23.22 -1.52
C ARG D 335 1.23 -22.62 -2.89
N LEU D 336 0.53 -23.38 -3.77
CA LEU D 336 0.12 -22.91 -5.11
C LEU D 336 -0.50 -21.50 -5.01
N PHE D 337 -1.38 -21.34 -4.00
CA PHE D 337 -2.05 -20.08 -3.75
C PHE D 337 -1.16 -19.07 -3.06
N SER D 338 -0.57 -19.50 -1.97
CA SER D 338 0.11 -18.66 -1.00
C SER D 338 1.17 -17.74 -1.59
N TYR D 339 2.05 -18.28 -2.42
CA TYR D 339 3.25 -17.55 -2.79
C TYR D 339 2.91 -16.32 -3.62
N SER D 340 2.16 -16.55 -4.69
CA SER D 340 1.81 -15.46 -5.57
C SER D 340 0.98 -14.45 -4.80
N ASP D 341 0.06 -14.96 -4.00
CA ASP D 341 -0.78 -14.13 -3.15
C ASP D 341 0.07 -13.16 -2.32
N THR D 342 1.05 -13.69 -1.57
CA THR D 342 1.86 -12.87 -0.66
C THR D 342 2.73 -11.88 -1.43
N GLN D 343 3.20 -12.30 -2.60
CA GLN D 343 4.02 -11.44 -3.46
C GLN D 343 3.28 -10.20 -3.99
N ARG D 344 1.99 -10.34 -4.27
CA ARG D 344 1.15 -9.21 -4.74
C ARG D 344 1.08 -8.13 -3.64
N HIS D 345 0.99 -8.60 -2.40
CA HIS D 345 1.14 -7.74 -1.22
C HIS D 345 2.57 -7.26 -0.98
N ARG D 346 3.54 -8.19 -0.94
CA ARG D 346 4.91 -7.87 -0.53
C ARG D 346 5.70 -7.02 -1.54
N ILE D 347 5.64 -7.46 -2.80
CA ILE D 347 6.36 -6.83 -3.89
C ILE D 347 5.44 -5.81 -4.59
N GLY D 348 4.20 -6.21 -4.89
CA GLY D 348 3.27 -5.30 -5.53
C GLY D 348 2.39 -6.04 -6.55
N PRO D 349 1.19 -5.49 -6.85
CA PRO D 349 0.37 -6.09 -7.89
C PRO D 349 1.10 -6.40 -9.20
N ASN D 350 2.03 -5.55 -9.61
CA ASN D 350 2.76 -5.78 -10.88
C ASN D 350 4.18 -6.35 -10.73
N TYR D 351 4.36 -7.22 -9.70
CA TYR D 351 5.65 -7.82 -9.35
C TYR D 351 6.29 -8.60 -10.52
N GLN D 352 5.45 -9.27 -11.31
CA GLN D 352 5.87 -10.01 -12.51
C GLN D 352 6.47 -9.16 -13.63
N GLN D 353 6.28 -7.84 -13.53
CA GLN D 353 6.84 -6.91 -14.51
C GLN D 353 8.28 -6.49 -14.16
N LEU D 354 8.72 -6.74 -12.92
CA LEU D 354 10.10 -6.43 -12.51
C LEU D 354 11.08 -7.31 -13.21
N PRO D 355 12.23 -6.73 -13.66
CA PRO D 355 13.28 -7.49 -14.38
C PRO D 355 13.62 -8.85 -13.78
N ILE D 356 13.80 -8.92 -12.47
CA ILE D 356 14.16 -10.18 -11.82
C ILE D 356 13.07 -11.28 -11.98
N ASN D 357 11.80 -10.86 -12.14
CA ASN D 357 10.68 -11.80 -12.20
C ASN D 357 10.20 -12.01 -13.61
N CYS D 358 10.63 -11.10 -14.47
CA CYS D 358 10.21 -11.08 -15.84
C CYS D 358 10.62 -12.38 -16.55
N PRO D 359 9.70 -13.00 -17.31
CA PRO D 359 10.05 -14.16 -18.14
C PRO D 359 11.02 -13.83 -19.27
N PHE D 360 11.77 -14.83 -19.71
CA PHE D 360 12.48 -14.78 -20.99
C PHE D 360 11.46 -14.81 -22.15
N ALA D 361 10.48 -15.72 -22.09
CA ALA D 361 9.40 -15.75 -23.08
C ALA D 361 8.60 -14.45 -22.98
N GLN D 362 8.03 -14.03 -24.10
CA GLN D 362 7.30 -12.78 -24.10
C GLN D 362 5.93 -12.95 -23.41
N VAL D 363 5.49 -11.89 -22.75
CA VAL D 363 4.20 -11.87 -22.12
C VAL D 363 3.25 -11.10 -23.03
N ASN D 364 2.16 -11.75 -23.42
CA ASN D 364 1.14 -11.14 -24.29
C ASN D 364 -0.23 -11.58 -23.81
N ASN D 365 -0.95 -10.69 -23.14
CA ASN D 365 -2.30 -11.01 -22.69
C ASN D 365 -3.20 -9.80 -22.53
N TYR D 366 -4.33 -10.00 -21.85
CA TYR D 366 -5.37 -9.00 -21.74
C TYR D 366 -5.49 -8.38 -20.34
N GLN D 367 -4.53 -8.70 -19.47
CA GLN D 367 -4.44 -8.08 -18.14
C GLN D 367 -3.95 -6.64 -18.27
N ARG D 368 -4.36 -5.76 -17.34
CA ARG D 368 -4.00 -4.36 -17.44
C ARG D 368 -4.05 -3.58 -16.15
N ASP D 369 -3.32 -2.46 -16.15
CA ASP D 369 -3.35 -1.49 -15.05
C ASP D 369 -2.69 -2.11 -13.81
N GLY D 370 -3.19 -1.75 -12.63
CA GLY D 370 -2.51 -2.09 -11.41
C GLY D 370 -1.47 -1.04 -11.12
N ALA D 371 -1.20 -0.84 -9.85
CA ALA D 371 -0.17 0.07 -9.36
C ALA D 371 1.18 -0.15 -10.05
N MET D 372 1.90 0.97 -10.23
CA MET D 372 3.20 1.03 -10.91
C MET D 372 3.28 0.24 -12.24
N PRO D 373 2.44 0.60 -13.21
CA PRO D 373 2.30 -0.25 -14.40
C PRO D 373 3.42 0.03 -15.42
N PHE D 374 4.66 -0.23 -15.03
CA PHE D 374 5.83 0.10 -15.86
C PHE D 374 5.79 -0.54 -17.25
N LYS D 375 5.34 -1.80 -17.31
CA LYS D 375 5.29 -2.53 -18.57
C LYS D 375 3.86 -2.72 -19.12
N GLN D 376 3.02 -1.72 -18.92
CA GLN D 376 1.63 -1.72 -19.42
C GLN D 376 1.52 -2.07 -20.91
N GLN D 377 0.68 -3.04 -21.26
CA GLN D 377 0.46 -3.35 -22.67
C GLN D 377 -0.47 -2.31 -23.29
N THR D 378 -0.07 -1.74 -24.41
CA THR D 378 -0.70 -0.52 -24.92
C THR D 378 -1.93 -0.73 -25.80
N SER D 379 -2.04 -1.90 -26.44
CA SER D 379 -3.19 -2.18 -27.34
C SER D 379 -4.53 -1.95 -26.64
N SER D 380 -5.41 -1.19 -27.27
CA SER D 380 -6.72 -0.91 -26.70
C SER D 380 -7.62 -2.16 -26.59
N VAL D 381 -7.22 -3.24 -27.28
CA VAL D 381 -7.93 -4.51 -27.24
C VAL D 381 -7.48 -5.32 -26.03
N ASN D 382 -8.20 -5.09 -24.93
CA ASN D 382 -7.90 -5.67 -23.63
C ASN D 382 -8.91 -6.75 -23.21
N TYR D 383 -9.57 -7.37 -24.19
CA TYR D 383 -10.60 -8.40 -23.94
C TYR D 383 -10.51 -9.55 -24.94
N GLU D 384 -10.84 -10.75 -24.49
CA GLU D 384 -10.79 -11.92 -25.37
C GLU D 384 -11.96 -12.79 -25.01
N PRO D 385 -12.71 -13.30 -26.01
CA PRO D 385 -12.44 -13.18 -27.46
C PRO D 385 -12.68 -11.78 -28.05
N ASN D 386 -12.03 -11.53 -29.19
CA ASN D 386 -12.11 -10.29 -29.94
C ASN D 386 -11.99 -10.57 -31.46
N ARG D 387 -12.35 -9.60 -32.28
CA ARG D 387 -12.40 -9.76 -33.74
C ARG D 387 -11.03 -9.66 -34.43
N TYR D 388 -9.95 -9.54 -33.67
CA TYR D 388 -8.64 -9.19 -34.26
C TYR D 388 -7.67 -10.36 -34.34
N GLN D 389 -7.34 -10.74 -35.57
CA GLN D 389 -6.46 -11.89 -35.86
C GLN D 389 -5.08 -11.78 -35.22
N ASP D 390 -4.59 -10.55 -35.09
CA ASP D 390 -3.22 -10.33 -34.67
C ASP D 390 -3.02 -10.00 -33.19
N GLU D 391 -4.12 -9.96 -32.44
CA GLU D 391 -4.02 -9.84 -30.99
C GLU D 391 -3.76 -11.22 -30.40
N PRO D 392 -3.33 -11.30 -29.12
CA PRO D 392 -3.00 -12.63 -28.56
C PRO D 392 -4.14 -13.64 -28.65
N LYS D 393 -3.83 -14.87 -29.01
CA LYS D 393 -4.85 -15.94 -29.14
C LYS D 393 -4.40 -17.15 -28.37
N GLN D 394 -5.36 -17.92 -27.85
CA GLN D 394 -5.01 -19.13 -27.12
C GLN D 394 -4.42 -20.17 -28.10
N THR D 395 -3.60 -21.06 -27.57
CA THR D 395 -2.99 -22.14 -28.35
C THR D 395 -3.36 -23.48 -27.71
N PRO D 396 -4.47 -24.08 -28.18
CA PRO D 396 -5.11 -25.25 -27.54
C PRO D 396 -4.19 -26.43 -27.19
N GLU D 397 -3.16 -26.69 -28.00
CA GLU D 397 -2.23 -27.80 -27.74
C GLU D 397 -1.48 -27.60 -26.43
N TYR D 398 -1.62 -26.40 -25.86
CA TYR D 398 -1.02 -26.07 -24.57
C TYR D 398 -1.98 -26.22 -23.40
N THR D 399 -3.21 -26.66 -23.67
CA THR D 399 -4.21 -26.86 -22.60
C THR D 399 -3.73 -27.96 -21.66
N GLU D 400 -3.57 -27.64 -20.37
CA GLU D 400 -3.20 -28.63 -19.36
C GLU D 400 -4.20 -29.80 -19.47
N ASP D 401 -3.73 -31.01 -19.71
CA ASP D 401 -4.68 -32.10 -19.91
C ASP D 401 -5.34 -32.56 -18.61
N THR D 402 -6.43 -33.32 -18.76
CA THR D 402 -7.19 -33.89 -17.67
C THR D 402 -6.37 -34.82 -16.78
N GLN D 403 -6.78 -34.94 -15.52
CA GLN D 403 -6.16 -35.82 -14.52
C GLN D 403 -7.25 -36.58 -13.77
N PRO D 404 -7.01 -37.85 -13.43
CA PRO D 404 -8.04 -38.68 -12.81
C PRO D 404 -8.55 -38.10 -11.49
N LEU D 405 -9.85 -38.28 -11.21
CA LEU D 405 -10.39 -38.08 -9.87
C LEU D 405 -10.81 -39.45 -9.34
N HIS D 406 -10.42 -39.78 -8.10
CA HIS D 406 -10.69 -41.12 -7.54
C HIS D 406 -11.67 -41.22 -6.37
N ASP D 407 -12.53 -40.21 -6.15
CA ASP D 407 -13.45 -40.23 -5.00
C ASP D 407 -14.80 -39.77 -5.50
N ASP D 408 -15.84 -39.99 -4.70
CA ASP D 408 -17.16 -39.56 -5.07
C ASP D 408 -17.76 -38.49 -4.12
N ILE D 409 -16.90 -37.87 -3.31
CA ILE D 409 -17.28 -36.78 -2.45
C ILE D 409 -16.14 -35.75 -2.40
N HIS D 410 -16.47 -34.46 -2.25
CA HIS D 410 -15.45 -33.52 -1.78
C HIS D 410 -15.74 -33.14 -0.33
N GLY D 411 -14.71 -32.69 0.42
CA GLY D 411 -14.87 -32.30 1.81
C GLY D 411 -13.60 -32.29 2.63
N ARG D 412 -13.73 -32.01 3.92
CA ARG D 412 -12.61 -32.01 4.88
C ARG D 412 -12.30 -33.43 5.34
N LEU D 413 -11.34 -34.06 4.66
CA LEU D 413 -11.13 -35.51 4.80
C LEU D 413 -9.66 -35.90 4.90
N GLU D 414 -9.22 -36.17 6.12
CA GLU D 414 -7.86 -36.66 6.34
C GLU D 414 -7.54 -37.96 5.56
N ILE D 415 -6.35 -38.02 5.00
CA ILE D 415 -5.80 -39.24 4.39
C ILE D 415 -5.74 -40.44 5.35
N GLU D 416 -5.90 -41.64 4.78
CA GLU D 416 -5.77 -42.92 5.48
C GLU D 416 -4.40 -43.22 6.09
N LYS D 417 -3.39 -43.45 5.23
CA LYS D 417 -2.11 -43.96 5.74
C LYS D 417 -1.23 -42.85 6.34
N THR D 418 -1.59 -42.39 7.53
CA THR D 418 -0.80 -41.37 8.21
C THR D 418 0.61 -41.85 8.49
N ASN D 419 0.74 -42.98 9.20
CA ASN D 419 2.04 -43.59 9.48
C ASN D 419 2.91 -42.49 10.04
N ASN D 420 2.46 -41.94 11.16
CA ASN D 420 3.12 -40.81 11.76
C ASN D 420 4.48 -41.14 12.39
N PHE D 421 4.72 -42.40 12.72
CA PHE D 421 5.91 -42.79 13.46
C PHE D 421 6.81 -43.79 12.72
N GLY D 422 6.21 -44.57 11.83
CA GLY D 422 6.88 -45.67 11.12
C GLY D 422 8.17 -45.27 10.42
N GLN D 423 8.02 -44.41 9.41
CA GLN D 423 9.13 -43.93 8.59
C GLN D 423 10.10 -43.05 9.38
N ALA D 424 9.59 -42.36 10.40
CA ALA D 424 10.44 -41.62 11.32
C ALA D 424 11.46 -42.55 12.00
N GLY D 425 11.02 -43.75 12.32
CA GLY D 425 11.90 -44.77 12.92
C GLY D 425 12.91 -45.32 11.93
N GLU D 426 12.40 -45.73 10.76
CA GLU D 426 13.22 -46.04 9.59
C GLU D 426 14.35 -45.02 9.38
N VAL D 427 13.98 -43.73 9.34
CA VAL D 427 14.94 -42.62 9.17
C VAL D 427 16.01 -42.68 10.26
N TYR D 428 15.58 -42.75 11.52
CA TYR D 428 16.52 -42.82 12.65
C TYR D 428 17.48 -44.01 12.56
N ARG D 429 16.99 -45.16 12.11
CA ARG D 429 17.83 -46.36 12.01
C ARG D 429 18.74 -46.37 10.77
N ARG D 430 18.49 -45.49 9.80
CA ARG D 430 19.38 -45.28 8.65
C ARG D 430 20.56 -44.39 8.98
N MET D 431 20.49 -43.74 10.14
CA MET D 431 21.56 -42.83 10.57
C MET D 431 22.79 -43.61 11.01
N THR D 432 23.94 -42.95 10.95
CA THR D 432 25.17 -43.49 11.52
C THR D 432 25.10 -43.32 13.04
N GLU D 433 26.05 -43.91 13.75
CA GLU D 433 26.14 -43.70 15.19
C GLU D 433 26.41 -42.23 15.52
N GLU D 434 27.20 -41.56 14.67
CA GLU D 434 27.49 -40.12 14.79
C GLU D 434 26.20 -39.31 14.83
N GLU D 435 25.38 -39.52 13.80
CA GLU D 435 24.12 -38.80 13.60
C GLU D 435 23.12 -39.03 14.74
N GLN D 436 23.00 -40.30 15.17
CA GLN D 436 22.12 -40.66 16.29
C GLN D 436 22.56 -40.01 17.61
N MET D 437 23.87 -39.84 17.77
CA MET D 437 24.44 -39.16 18.94
C MET D 437 24.13 -37.66 18.89
N ALA D 438 24.29 -37.07 17.71
CA ALA D 438 24.06 -35.63 17.51
C ALA D 438 22.58 -35.28 17.68
N LEU D 439 21.72 -36.11 17.10
CA LEU D 439 20.28 -36.05 17.31
C LEU D 439 19.90 -36.04 18.78
N LEU D 440 20.47 -36.98 19.54
CA LEU D 440 20.18 -37.11 20.97
C LEU D 440 20.56 -35.84 21.72
N ASN D 441 21.74 -35.33 21.43
CA ASN D 441 22.25 -34.14 22.09
C ASN D 441 21.42 -32.89 21.81
N ASN D 442 21.07 -32.69 20.54
CA ASN D 442 20.30 -31.53 20.11
C ASN D 442 18.87 -31.58 20.64
N LEU D 443 18.22 -32.73 20.47
CA LEU D 443 16.90 -32.98 21.08
C LEU D 443 16.91 -32.69 22.58
N VAL D 444 17.80 -33.35 23.33
CA VAL D 444 17.85 -33.15 24.79
C VAL D 444 18.01 -31.68 25.13
N ASN D 445 18.98 -31.02 24.49
CA ASN D 445 19.22 -29.59 24.68
C ASN D 445 17.99 -28.75 24.38
N ASP D 446 17.25 -29.13 23.33
CA ASP D 446 16.00 -28.45 23.02
C ASP D 446 14.89 -28.78 24.02
N LEU D 447 14.76 -30.06 24.39
CA LEU D 447 13.69 -30.47 25.29
C LEU D 447 13.93 -30.00 26.72
N GLN D 448 15.16 -29.62 27.02
CA GLN D 448 15.47 -29.05 28.33
C GLN D 448 14.94 -27.63 28.52
N GLN D 449 14.58 -26.98 27.41
CA GLN D 449 14.07 -25.60 27.39
C GLN D 449 12.54 -25.54 27.42
N VAL D 450 11.87 -26.70 27.36
CA VAL D 450 10.42 -26.80 27.50
C VAL D 450 10.07 -26.70 28.98
N ARG D 451 9.05 -25.91 29.32
CA ARG D 451 8.71 -25.66 30.74
C ARG D 451 7.45 -26.38 31.21
N HIS D 452 6.86 -27.20 30.34
CA HIS D 452 5.60 -27.89 30.62
C HIS D 452 5.80 -29.39 30.56
N GLU D 453 5.41 -30.05 31.65
CA GLU D 453 5.67 -31.47 31.84
C GLU D 453 5.11 -32.35 30.71
N ASN D 454 3.81 -32.28 30.49
CA ASN D 454 3.13 -33.20 29.54
C ASN D 454 3.51 -33.00 28.06
N THR D 455 4.12 -31.86 27.73
CA THR D 455 4.63 -31.64 26.39
C THR D 455 5.90 -32.48 26.21
N VAL D 456 6.83 -32.37 27.16
CA VAL D 456 8.06 -33.21 27.17
C VAL D 456 7.74 -34.72 27.13
N LEU D 457 6.86 -35.16 28.02
CA LEU D 457 6.36 -36.53 28.06
C LEU D 457 5.89 -36.98 26.68
N LEU D 458 5.02 -36.18 26.07
CA LEU D 458 4.50 -36.44 24.72
C LEU D 458 5.57 -36.56 23.64
N ALA D 459 6.56 -35.67 23.73
CA ALA D 459 7.65 -35.66 22.79
C ALA D 459 8.40 -36.98 22.87
N ILE D 460 8.70 -37.42 24.10
CA ILE D 460 9.41 -38.67 24.33
C ILE D 460 8.60 -39.87 23.84
N CYS D 461 7.29 -39.87 24.10
CA CYS D 461 6.40 -40.90 23.58
C CYS D 461 6.35 -40.96 22.06
N ASN D 462 6.18 -39.80 21.42
CA ASN D 462 6.26 -39.72 19.95
C ASN D 462 7.59 -40.30 19.44
N PHE D 463 8.70 -39.93 20.06
CA PHE D 463 9.97 -40.48 19.61
C PHE D 463 10.08 -41.97 19.94
N TYR D 464 9.54 -42.36 21.10
CA TYR D 464 9.51 -43.77 21.53
C TYR D 464 8.79 -44.66 20.52
N ARG D 465 7.57 -44.27 20.16
CA ARG D 465 6.79 -44.94 19.11
C ARG D 465 7.56 -45.10 17.80
N ALA D 466 8.37 -44.11 17.46
CA ALA D 466 9.21 -44.19 16.27
C ALA D 466 10.34 -45.23 16.45
N ASP D 467 11.06 -45.13 17.56
CA ASP D 467 12.13 -46.06 17.90
C ASP D 467 12.29 -46.17 19.41
N ALA D 468 12.15 -47.39 19.92
CA ALA D 468 12.14 -47.67 21.36
C ALA D 468 13.45 -47.27 22.05
N SER D 469 14.57 -47.56 21.40
CA SER D 469 15.88 -47.25 21.98
C SER D 469 16.08 -45.73 22.13
N LEU D 470 15.84 -44.98 21.05
CA LEU D 470 15.92 -43.51 21.10
C LEU D 470 14.97 -42.95 22.15
N GLY D 471 13.74 -43.46 22.16
CA GLY D 471 12.77 -43.19 23.21
C GLY D 471 13.34 -43.37 24.61
N GLU D 472 13.92 -44.54 24.89
CA GLU D 472 14.56 -44.82 26.18
C GLU D 472 15.69 -43.82 26.53
N LYS D 473 16.58 -43.58 25.57
CA LYS D 473 17.73 -42.68 25.73
C LYS D 473 17.34 -41.24 26.04
N LEU D 474 16.31 -40.72 25.37
CA LEU D 474 15.73 -39.39 25.68
C LEU D 474 15.08 -39.39 27.05
N SER D 475 14.37 -40.46 27.34
CA SER D 475 13.77 -40.67 28.66
C SER D 475 14.86 -40.63 29.73
N GLU D 476 15.91 -41.42 29.51
CA GLU D 476 17.05 -41.51 30.41
C GLU D 476 17.68 -40.14 30.67
N ALA D 477 17.99 -39.42 29.59
CA ALA D 477 18.70 -38.13 29.69
C ALA D 477 17.90 -36.94 30.26
N LEU D 478 16.57 -37.05 30.29
CA LEU D 478 15.71 -35.85 30.46
C LEU D 478 15.38 -35.22 31.82
N ASN D 479 15.09 -35.98 32.87
CA ASN D 479 15.06 -37.43 32.92
C ASN D 479 13.76 -37.90 33.55
N VAL D 480 12.80 -38.27 32.71
CA VAL D 480 11.54 -38.80 33.17
C VAL D 480 11.47 -40.27 32.77
N ASP D 481 11.11 -41.12 33.73
CA ASP D 481 10.82 -42.52 33.41
C ASP D 481 9.52 -42.55 32.60
N ILE D 482 9.43 -43.50 31.68
CA ILE D 482 8.27 -43.61 30.79
C ILE D 482 7.50 -44.92 31.00
N LYS D 483 7.70 -45.53 32.17
CA LYS D 483 7.04 -46.80 32.52
C LYS D 483 5.50 -46.76 32.43
N PRO D 484 4.85 -45.72 33.01
CA PRO D 484 3.41 -45.61 32.71
C PRO D 484 3.16 -44.98 31.33
N PHE D 485 2.76 -43.70 31.33
CA PHE D 485 2.43 -42.93 30.10
C PHE D 485 1.84 -41.57 30.51
#